data_8G17
#
_entry.id   8G17
#
_entity_poly.entity_id   1
_entity_poly.type   'polypeptide(L)'
_entity_poly.pdbx_seq_one_letter_code
;GKVKVGVNGFGRIGRLVTRAAFNSGKVDIVAINDPFIDLNYMVYMFQYDSTHGKFHGTVKAENGKLVINGNPITIFQERD
PSKIKWGDAGAEYVVESTGVFTTMEKAGAHLQGGAKRVIISAPSADAPMFVMGVNHEKYDNSLKIISNASCTTNCLAPLA
KVIHDNFGIVEGLMTTVHAITATQKTVDGPSGKLWRDGRGALQNIIPASTGAAKAVGKVIPELNGKLTGMAFRVPTANVS
VVDLTCRLEKPAKYDDIKKVVKQASEGPLKGILGYTEHQVVSSDFNSDTHSSTFDAGAGIALNDHFVKLISWYDNEFGYS
NRVVDLMAHMASKE
;
_entity_poly.pdbx_strand_id   A,B,C,D
#
# COMPACT_ATOMS: atom_id res chain seq x y z
N GLY A 1 -33.17 23.20 -22.49
CA GLY A 1 -34.11 22.13 -22.27
C GLY A 1 -33.61 21.07 -21.32
N LYS A 2 -32.42 21.31 -20.75
CA LYS A 2 -31.83 20.36 -19.81
C LYS A 2 -32.66 20.31 -18.53
N VAL A 3 -32.79 19.11 -17.98
CA VAL A 3 -33.59 18.90 -16.78
C VAL A 3 -32.83 19.42 -15.56
N LYS A 4 -33.59 19.87 -14.56
CA LYS A 4 -33.03 20.33 -13.30
C LYS A 4 -32.94 19.16 -12.32
N VAL A 5 -31.76 18.98 -11.73
CA VAL A 5 -31.48 17.81 -10.90
C VAL A 5 -31.07 18.27 -9.50
N GLY A 6 -31.61 17.58 -8.50
CA GLY A 6 -31.19 17.76 -7.13
C GLY A 6 -30.50 16.50 -6.62
N VAL A 7 -29.51 16.67 -5.76
CA VAL A 7 -28.71 15.57 -5.25
C VAL A 7 -28.90 15.49 -3.74
N ASN A 8 -29.24 14.31 -3.25
CA ASN A 8 -29.39 14.06 -1.82
C ASN A 8 -28.17 13.30 -1.34
N GLY A 9 -27.35 13.95 -0.52
CA GLY A 9 -26.13 13.34 -0.04
C GLY A 9 -24.91 13.78 -0.83
N PHE A 10 -23.86 14.21 -0.13
CA PHE A 10 -22.63 14.66 -0.76
C PHE A 10 -21.47 13.71 -0.44
N GLY A 11 -21.75 12.42 -0.45
CA GLY A 11 -20.72 11.42 -0.30
C GLY A 11 -19.93 11.24 -1.57
N ARG A 12 -19.29 10.09 -1.72
CA ARG A 12 -18.50 9.83 -2.91
C ARG A 12 -19.37 9.83 -4.15
N ILE A 13 -20.47 9.09 -4.12
CA ILE A 13 -21.32 8.98 -5.31
C ILE A 13 -21.93 10.34 -5.65
N GLY A 14 -22.40 11.08 -4.64
CA GLY A 14 -23.00 12.38 -4.92
C GLY A 14 -22.02 13.37 -5.51
N ARG A 15 -20.82 13.46 -4.93
CA ARG A 15 -19.81 14.36 -5.45
C ARG A 15 -19.39 13.97 -6.86
N LEU A 16 -19.21 12.66 -7.11
CA LEU A 16 -18.82 12.22 -8.44
C LEU A 16 -19.93 12.45 -9.46
N VAL A 17 -21.19 12.30 -9.06
CA VAL A 17 -22.30 12.59 -9.96
C VAL A 17 -22.34 14.07 -10.31
N THR A 18 -22.12 14.93 -9.31
CA THR A 18 -22.07 16.37 -9.59
C THR A 18 -20.92 16.69 -10.54
N ARG A 19 -19.76 16.08 -10.33
CA ARG A 19 -18.62 16.29 -11.21
C ARG A 19 -18.92 15.85 -12.63
N ALA A 20 -19.54 14.67 -12.78
CA ALA A 20 -19.87 14.17 -14.11
C ALA A 20 -20.89 15.07 -14.80
N ALA A 21 -21.89 15.54 -14.06
CA ALA A 21 -22.90 16.42 -14.64
C ALA A 21 -22.28 17.72 -15.12
N PHE A 22 -21.35 18.29 -14.33
CA PHE A 22 -20.73 19.53 -14.77
C PHE A 22 -19.72 19.31 -15.89
N ASN A 23 -19.09 18.14 -15.95
CA ASN A 23 -18.13 17.88 -17.02
C ASN A 23 -18.83 17.61 -18.35
N SER A 24 -19.94 16.88 -18.34
CA SER A 24 -20.62 16.52 -19.58
C SER A 24 -21.61 17.58 -20.04
N GLY A 25 -22.31 18.23 -19.12
CA GLY A 25 -23.29 19.24 -19.47
C GLY A 25 -24.64 18.70 -19.87
N LYS A 26 -24.89 17.40 -19.69
CA LYS A 26 -26.17 16.84 -20.09
C LYS A 26 -27.31 17.29 -19.19
N VAL A 27 -27.03 17.53 -17.91
CA VAL A 27 -28.03 17.97 -16.93
C VAL A 27 -27.47 19.15 -16.15
N ASP A 28 -28.34 19.78 -15.37
CA ASP A 28 -27.97 20.94 -14.56
C ASP A 28 -28.31 20.68 -13.10
N ILE A 29 -27.30 20.73 -12.24
CA ILE A 29 -27.50 20.59 -10.81
C ILE A 29 -27.92 21.93 -10.23
N VAL A 30 -28.97 21.93 -9.41
CA VAL A 30 -29.51 23.18 -8.88
C VAL A 30 -29.64 23.12 -7.37
N ALA A 31 -29.51 21.92 -6.78
CA ALA A 31 -29.70 21.79 -5.34
C ALA A 31 -28.93 20.59 -4.83
N ILE A 32 -28.46 20.69 -3.59
CA ILE A 32 -27.75 19.62 -2.91
C ILE A 32 -28.20 19.61 -1.44
N ASN A 33 -28.34 18.43 -0.87
CA ASN A 33 -28.75 18.28 0.52
C ASN A 33 -27.76 17.40 1.25
N ASP A 34 -27.23 17.91 2.37
CA ASP A 34 -26.37 17.12 3.25
C ASP A 34 -26.42 17.73 4.65
N PRO A 35 -26.94 16.99 5.65
CA PRO A 35 -27.10 17.58 6.98
C PRO A 35 -25.81 17.70 7.77
N PHE A 36 -24.73 17.02 7.37
CA PHE A 36 -23.51 16.97 8.16
C PHE A 36 -22.34 17.71 7.53
N ILE A 37 -22.50 18.26 6.34
CA ILE A 37 -21.43 18.99 5.65
C ILE A 37 -21.89 20.42 5.44
N ASP A 38 -21.07 21.38 5.87
CA ASP A 38 -21.37 22.78 5.70
C ASP A 38 -20.87 23.27 4.33
N LEU A 39 -21.10 24.56 4.05
CA LEU A 39 -20.83 25.09 2.72
C LEU A 39 -19.32 25.12 2.41
N ASN A 40 -18.52 25.65 3.33
CA ASN A 40 -17.08 25.74 3.08
C ASN A 40 -16.45 24.36 2.99
N TYR A 41 -16.92 23.43 3.82
CA TYR A 41 -16.41 22.07 3.73
C TYR A 41 -16.82 21.47 2.38
N MET A 42 -18.03 21.77 1.94
CA MET A 42 -18.46 21.29 0.62
C MET A 42 -17.53 21.81 -0.48
N VAL A 43 -17.15 23.08 -0.41
CA VAL A 43 -16.23 23.64 -1.40
C VAL A 43 -14.91 22.90 -1.36
N TYR A 44 -14.38 22.67 -0.15
CA TYR A 44 -13.11 21.96 -0.01
C TYR A 44 -13.19 20.55 -0.56
N MET A 45 -14.27 19.82 -0.22
CA MET A 45 -14.39 18.44 -0.65
C MET A 45 -14.58 18.32 -2.16
N PHE A 46 -15.30 19.26 -2.78
CA PHE A 46 -15.48 19.20 -4.22
C PHE A 46 -14.22 19.61 -4.96
N GLN A 47 -13.46 20.58 -4.41
CA GLN A 47 -12.31 21.10 -5.13
C GLN A 47 -11.19 20.07 -5.26
N TYR A 48 -10.92 19.33 -4.19
CA TYR A 48 -9.78 18.43 -4.14
C TYR A 48 -10.24 16.97 -4.11
N ASP A 49 -9.54 16.12 -4.84
CA ASP A 49 -9.84 14.70 -4.90
C ASP A 49 -8.55 13.90 -5.01
N SER A 50 -8.37 12.93 -4.11
CA SER A 50 -7.16 12.14 -4.13
C SER A 50 -7.07 11.24 -5.36
N THR A 51 -8.20 10.71 -5.81
CA THR A 51 -8.20 9.74 -6.90
C THR A 51 -8.25 10.38 -8.27
N HIS A 52 -9.10 11.40 -8.47
CA HIS A 52 -9.34 11.97 -9.79
C HIS A 52 -8.73 13.35 -9.96
N GLY A 53 -7.97 13.85 -8.99
CA GLY A 53 -7.27 15.10 -9.16
C GLY A 53 -8.14 16.32 -8.90
N LYS A 54 -7.52 17.48 -9.06
CA LYS A 54 -8.20 18.74 -8.82
C LYS A 54 -9.30 18.98 -9.85
N PHE A 55 -10.39 19.59 -9.41
CA PHE A 55 -11.49 19.89 -10.32
C PHE A 55 -11.05 20.94 -11.34
N HIS A 56 -11.38 20.69 -12.61
CA HIS A 56 -11.02 21.61 -13.70
C HIS A 56 -12.14 22.64 -13.83
N GLY A 57 -11.97 23.76 -13.13
CA GLY A 57 -12.99 24.79 -13.10
C GLY A 57 -12.85 25.63 -11.84
N THR A 58 -13.91 26.36 -11.53
CA THR A 58 -13.96 27.23 -10.37
C THR A 58 -15.10 26.82 -9.46
N VAL A 59 -14.82 26.78 -8.16
CA VAL A 59 -15.83 26.48 -7.15
C VAL A 59 -15.60 27.40 -5.96
N LYS A 60 -16.67 28.01 -5.46
CA LYS A 60 -16.57 28.93 -4.34
C LYS A 60 -17.95 29.10 -3.72
N ALA A 61 -17.97 29.71 -2.53
CA ALA A 61 -19.19 29.98 -1.80
C ALA A 61 -19.50 31.47 -1.86
N GLU A 62 -20.75 31.81 -2.14
CA GLU A 62 -21.17 33.20 -2.27
C GLU A 62 -22.63 33.33 -1.88
N ASN A 63 -22.91 34.15 -0.86
CA ASN A 63 -24.27 34.36 -0.37
C ASN A 63 -24.92 33.05 0.04
N GLY A 64 -24.14 32.18 0.68
CA GLY A 64 -24.68 30.92 1.16
C GLY A 64 -25.02 29.92 0.08
N LYS A 65 -24.48 30.08 -1.12
CA LYS A 65 -24.72 29.17 -2.23
C LYS A 65 -23.41 28.65 -2.77
N LEU A 66 -23.41 27.41 -3.23
CA LEU A 66 -22.25 26.82 -3.87
C LEU A 66 -22.25 27.19 -5.35
N VAL A 67 -21.23 27.90 -5.80
CA VAL A 67 -21.13 28.39 -7.16
C VAL A 67 -20.06 27.58 -7.88
N ILE A 68 -20.48 26.80 -8.87
CA ILE A 68 -19.57 25.97 -9.67
C ILE A 68 -19.66 26.43 -11.11
N ASN A 69 -18.54 26.94 -11.64
CA ASN A 69 -18.48 27.45 -13.00
C ASN A 69 -19.48 28.60 -13.22
N GLY A 70 -19.76 29.36 -12.19
CA GLY A 70 -20.69 30.47 -12.28
C GLY A 70 -22.14 30.13 -12.02
N ASN A 71 -22.47 28.86 -11.78
CA ASN A 71 -23.85 28.45 -11.54
C ASN A 71 -24.10 28.30 -10.05
N PRO A 72 -24.98 29.10 -9.45
CA PRO A 72 -25.26 28.94 -8.02
C PRO A 72 -26.11 27.72 -7.74
N ILE A 73 -25.87 27.10 -6.58
CA ILE A 73 -26.56 25.88 -6.18
C ILE A 73 -27.09 26.06 -4.77
N THR A 74 -28.38 25.77 -4.59
CA THR A 74 -28.99 25.85 -3.26
C THR A 74 -28.51 24.70 -2.39
N ILE A 75 -28.32 24.98 -1.11
CA ILE A 75 -27.79 24.01 -0.15
C ILE A 75 -28.82 23.81 0.95
N PHE A 76 -29.13 22.54 1.24
CA PHE A 76 -30.04 22.17 2.31
C PHE A 76 -29.30 21.34 3.35
N GLN A 77 -29.83 21.34 4.56
CA GLN A 77 -29.25 20.59 5.67
C GLN A 77 -30.33 19.84 6.43
N GLU A 78 -31.27 19.23 5.72
CA GLU A 78 -32.39 18.54 6.33
C GLU A 78 -32.05 17.07 6.58
N ARG A 79 -32.52 16.53 7.69
CA ARG A 79 -32.31 15.11 7.96
C ARG A 79 -33.50 14.29 7.48
N ASP A 80 -34.69 14.88 7.51
CA ASP A 80 -35.88 14.17 7.04
C ASP A 80 -36.07 14.45 5.56
N PRO A 81 -36.04 13.45 4.69
CA PRO A 81 -36.19 13.72 3.25
C PRO A 81 -37.51 14.37 2.88
N SER A 82 -38.58 14.10 3.63
CA SER A 82 -39.88 14.69 3.32
C SER A 82 -39.92 16.19 3.59
N LYS A 83 -38.98 16.73 4.34
CA LYS A 83 -38.95 18.15 4.66
C LYS A 83 -38.09 18.97 3.72
N ILE A 84 -37.44 18.35 2.75
CA ILE A 84 -36.61 19.07 1.79
C ILE A 84 -37.51 19.71 0.75
N LYS A 85 -37.32 21.01 0.52
CA LYS A 85 -38.15 21.76 -0.42
C LYS A 85 -37.51 21.73 -1.80
N TRP A 86 -37.58 20.56 -2.43
CA TRP A 86 -37.03 20.39 -3.77
C TRP A 86 -37.74 21.26 -4.78
N GLY A 87 -39.07 21.36 -4.68
CA GLY A 87 -39.83 22.14 -5.65
C GLY A 87 -39.50 23.62 -5.60
N ASP A 88 -39.27 24.15 -4.40
CA ASP A 88 -38.92 25.57 -4.27
C ASP A 88 -37.61 25.88 -4.97
N ALA A 89 -36.61 24.99 -4.85
CA ALA A 89 -35.34 25.19 -5.51
C ALA A 89 -35.41 24.94 -7.01
N GLY A 90 -36.48 24.35 -7.50
CA GLY A 90 -36.62 24.07 -8.92
C GLY A 90 -36.12 22.73 -9.38
N ALA A 91 -35.85 21.81 -8.46
CA ALA A 91 -35.34 20.49 -8.82
C ALA A 91 -36.49 19.62 -9.31
N GLU A 92 -36.36 19.09 -10.52
CA GLU A 92 -37.37 18.22 -11.09
C GLU A 92 -37.05 16.75 -10.84
N TYR A 93 -35.79 16.35 -11.00
CA TYR A 93 -35.34 15.01 -10.71
C TYR A 93 -34.44 15.04 -9.47
N VAL A 94 -34.49 13.98 -8.68
CA VAL A 94 -33.70 13.88 -7.46
C VAL A 94 -32.91 12.59 -7.50
N VAL A 95 -31.62 12.68 -7.17
CA VAL A 95 -30.75 11.52 -7.09
C VAL A 95 -30.55 11.17 -5.62
N GLU A 96 -31.02 9.99 -5.22
CA GLU A 96 -30.90 9.53 -3.85
C GLU A 96 -29.65 8.68 -3.74
N SER A 97 -28.59 9.24 -3.15
CA SER A 97 -27.29 8.59 -3.11
C SER A 97 -26.79 8.35 -1.69
N THR A 98 -27.61 8.59 -0.67
CA THR A 98 -27.16 8.36 0.71
C THR A 98 -26.97 6.88 1.02
N GLY A 99 -27.65 5.99 0.29
CA GLY A 99 -27.53 4.57 0.52
C GLY A 99 -28.41 4.01 1.61
N VAL A 100 -29.23 4.83 2.26
CA VAL A 100 -30.11 4.36 3.32
C VAL A 100 -31.58 4.46 2.95
N PHE A 101 -31.93 5.08 1.82
CA PHE A 101 -33.30 5.17 1.34
C PHE A 101 -33.35 4.45 -0.01
N THR A 102 -33.50 3.13 0.04
CA THR A 102 -33.46 2.32 -1.17
C THR A 102 -34.78 1.66 -1.52
N THR A 103 -35.70 1.52 -0.57
CA THR A 103 -37.02 1.00 -0.88
C THR A 103 -37.88 2.06 -1.52
N MET A 104 -38.95 1.61 -2.20
CA MET A 104 -39.85 2.57 -2.84
C MET A 104 -40.54 3.46 -1.82
N GLU A 105 -40.96 2.88 -0.69
CA GLU A 105 -41.63 3.67 0.34
C GLU A 105 -40.69 4.71 0.94
N LYS A 106 -39.45 4.32 1.24
CA LYS A 106 -38.49 5.26 1.80
C LYS A 106 -38.09 6.33 0.79
N ALA A 107 -37.84 5.93 -0.46
CA ALA A 107 -37.39 6.88 -1.47
C ALA A 107 -38.51 7.78 -1.96
N GLY A 108 -39.77 7.41 -1.72
CA GLY A 108 -40.88 8.24 -2.17
C GLY A 108 -41.11 9.48 -1.35
N ALA A 109 -40.42 9.62 -0.21
CA ALA A 109 -40.56 10.83 0.60
C ALA A 109 -40.11 12.07 -0.15
N HIS A 110 -39.18 11.92 -1.09
CA HIS A 110 -38.71 13.07 -1.87
C HIS A 110 -39.82 13.64 -2.73
N LEU A 111 -40.80 12.82 -3.12
CA LEU A 111 -41.90 13.32 -3.93
C LEU A 111 -42.78 14.29 -3.13
N GLN A 112 -42.83 14.13 -1.81
CA GLN A 112 -43.62 15.04 -0.99
C GLN A 112 -43.05 16.46 -1.01
N GLY A 113 -41.74 16.59 -1.21
CA GLY A 113 -41.10 17.89 -1.25
C GLY A 113 -41.25 18.63 -2.57
N GLY A 114 -41.82 18.00 -3.59
CA GLY A 114 -42.02 18.63 -4.88
C GLY A 114 -41.25 18.01 -6.02
N ALA A 115 -40.41 17.01 -5.79
CA ALA A 115 -39.71 16.35 -6.87
C ALA A 115 -40.68 15.54 -7.73
N LYS A 116 -40.37 15.44 -9.02
CA LYS A 116 -41.21 14.70 -9.96
C LYS A 116 -40.83 13.23 -10.03
N ARG A 117 -39.53 12.93 -10.14
CA ARG A 117 -39.05 11.56 -10.21
C ARG A 117 -37.83 11.40 -9.33
N VAL A 118 -37.60 10.18 -8.87
CA VAL A 118 -36.49 9.86 -7.99
C VAL A 118 -35.68 8.73 -8.62
N ILE A 119 -34.36 8.90 -8.64
CA ILE A 119 -33.44 7.89 -9.14
C ILE A 119 -32.57 7.43 -7.98
N ILE A 120 -32.59 6.13 -7.69
CA ILE A 120 -31.80 5.57 -6.60
C ILE A 120 -30.49 5.05 -7.18
N SER A 121 -29.37 5.62 -6.72
CA SER A 121 -28.06 5.22 -7.21
C SER A 121 -27.50 4.04 -6.42
N ALA A 122 -28.28 2.96 -6.35
CA ALA A 122 -27.90 1.75 -5.64
C ALA A 122 -28.94 0.69 -5.91
N PRO A 123 -28.63 -0.57 -5.63
CA PRO A 123 -29.63 -1.64 -5.81
C PRO A 123 -30.84 -1.41 -4.92
N SER A 124 -32.01 -1.75 -5.45
CA SER A 124 -33.27 -1.58 -4.74
C SER A 124 -34.00 -2.91 -4.66
N ALA A 125 -34.68 -3.14 -3.53
CA ALA A 125 -35.39 -4.39 -3.33
C ALA A 125 -36.67 -4.46 -4.17
N ASP A 126 -37.33 -3.32 -4.38
CA ASP A 126 -38.60 -3.31 -5.10
C ASP A 126 -38.69 -2.28 -6.21
N ALA A 127 -37.72 -1.39 -6.34
CA ALA A 127 -37.87 -0.48 -7.46
C ALA A 127 -37.33 -1.10 -8.75
N PRO A 128 -37.91 -0.73 -9.90
CA PRO A 128 -37.41 -1.26 -11.17
C PRO A 128 -35.97 -0.82 -11.42
N MET A 129 -35.19 -1.73 -12.00
CA MET A 129 -33.77 -1.51 -12.25
C MET A 129 -33.52 -1.34 -13.74
N PHE A 130 -32.67 -0.38 -14.08
CA PHE A 130 -32.33 -0.10 -15.47
C PHE A 130 -30.82 0.03 -15.61
N VAL A 131 -30.29 -0.54 -16.69
CA VAL A 131 -28.87 -0.44 -17.02
C VAL A 131 -28.77 0.13 -18.43
N MET A 132 -27.99 1.20 -18.58
CA MET A 132 -27.89 1.87 -19.86
C MET A 132 -27.26 0.96 -20.90
N GLY A 133 -27.88 0.88 -22.07
CA GLY A 133 -27.42 0.02 -23.14
C GLY A 133 -27.89 -1.42 -23.07
N VAL A 134 -28.64 -1.78 -22.02
CA VAL A 134 -29.09 -3.15 -21.87
C VAL A 134 -30.62 -3.20 -21.90
N ASN A 135 -31.26 -2.48 -20.98
CA ASN A 135 -32.72 -2.48 -20.94
C ASN A 135 -33.29 -1.08 -20.70
N HIS A 136 -32.53 -0.02 -20.97
CA HIS A 136 -33.02 1.33 -20.72
C HIS A 136 -34.16 1.72 -21.64
N GLU A 137 -34.38 0.99 -22.72
CA GLU A 137 -35.53 1.22 -23.59
C GLU A 137 -36.85 0.81 -22.94
N LYS A 138 -36.80 0.06 -21.84
CA LYS A 138 -38.01 -0.38 -21.16
C LYS A 138 -38.65 0.70 -20.30
N TYR A 139 -37.92 1.78 -20.03
CA TYR A 139 -38.44 2.83 -19.15
C TYR A 139 -39.61 3.59 -19.74
N ASP A 140 -40.51 4.04 -18.88
CA ASP A 140 -41.64 4.84 -19.34
C ASP A 140 -41.89 5.97 -18.35
N ASN A 141 -42.57 7.02 -18.81
CA ASN A 141 -42.82 8.17 -17.95
C ASN A 141 -43.71 7.79 -16.76
N SER A 142 -44.36 6.64 -16.84
CA SER A 142 -45.19 6.19 -15.72
C SER A 142 -44.34 5.95 -14.48
N LEU A 143 -43.04 5.75 -14.67
CA LEU A 143 -42.16 5.48 -13.53
C LEU A 143 -41.64 6.73 -12.81
N LYS A 144 -41.88 6.79 -11.51
CA LYS A 144 -41.38 7.91 -10.71
C LYS A 144 -40.19 7.49 -9.86
N ILE A 145 -40.17 6.24 -9.43
CA ILE A 145 -39.06 5.75 -8.61
C ILE A 145 -38.39 4.56 -9.27
N ILE A 146 -37.16 4.73 -9.74
CA ILE A 146 -36.43 3.64 -10.39
C ILE A 146 -35.05 3.46 -9.76
N SER A 147 -34.27 2.54 -10.33
CA SER A 147 -32.94 2.28 -9.79
C SER A 147 -31.91 2.10 -10.90
N ASN A 148 -30.66 2.48 -10.63
CA ASN A 148 -29.60 2.32 -11.62
C ASN A 148 -28.73 1.13 -11.27
N ALA A 149 -29.22 0.26 -10.40
CA ALA A 149 -28.47 -0.93 -10.01
C ALA A 149 -27.17 -0.62 -9.28
N SER A 150 -26.06 -1.17 -9.79
CA SER A 150 -24.77 -0.96 -9.13
C SER A 150 -23.64 -0.98 -10.14
N CYS A 151 -22.45 -0.58 -9.71
CA CYS A 151 -21.27 -0.55 -10.63
C CYS A 151 -20.99 -1.96 -11.19
N THR A 152 -20.83 -2.95 -10.32
CA THR A 152 -20.50 -4.30 -10.77
C THR A 152 -21.54 -4.81 -11.77
N THR A 153 -22.83 -4.58 -11.48
CA THR A 153 -23.88 -4.98 -12.41
C THR A 153 -23.75 -4.23 -13.72
N ASN A 154 -23.42 -2.94 -13.67
CA ASN A 154 -23.27 -2.17 -14.89
C ASN A 154 -22.08 -2.66 -15.71
N CYS A 155 -21.04 -3.18 -15.06
CA CYS A 155 -19.93 -3.76 -15.81
C CYS A 155 -20.31 -5.10 -16.41
N LEU A 156 -21.00 -5.95 -15.65
CA LEU A 156 -21.26 -7.31 -16.11
C LEU A 156 -22.38 -7.39 -17.15
N ALA A 157 -23.37 -6.50 -17.07
CA ALA A 157 -24.57 -6.65 -17.89
C ALA A 157 -24.31 -6.54 -19.39
N PRO A 158 -23.59 -5.53 -19.90
CA PRO A 158 -23.43 -5.43 -21.37
C PRO A 158 -22.66 -6.60 -21.97
N LEU A 159 -21.56 -7.02 -21.34
CA LEU A 159 -20.80 -8.16 -21.85
C LEU A 159 -21.64 -9.42 -21.83
N ALA A 160 -22.38 -9.65 -20.74
CA ALA A 160 -23.25 -10.81 -20.66
C ALA A 160 -24.33 -10.77 -21.73
N LYS A 161 -24.88 -9.58 -22.00
CA LYS A 161 -25.90 -9.45 -23.02
C LYS A 161 -25.36 -9.80 -24.39
N VAL A 162 -24.16 -9.31 -24.72
CA VAL A 162 -23.56 -9.62 -26.01
C VAL A 162 -23.28 -11.12 -26.13
N ILE A 163 -22.71 -11.69 -25.08
CA ILE A 163 -22.35 -13.12 -25.12
C ILE A 163 -23.61 -13.98 -25.23
N HIS A 164 -24.65 -13.64 -24.48
CA HIS A 164 -25.89 -14.41 -24.55
C HIS A 164 -26.55 -14.28 -25.91
N ASP A 165 -26.56 -13.07 -26.48
CA ASP A 165 -27.20 -12.87 -27.77
C ASP A 165 -26.45 -13.62 -28.88
N ASN A 166 -25.14 -13.76 -28.77
CA ASN A 166 -24.39 -14.38 -29.85
C ASN A 166 -24.18 -15.88 -29.66
N PHE A 167 -24.06 -16.37 -28.43
CA PHE A 167 -23.70 -17.77 -28.20
C PHE A 167 -24.57 -18.50 -27.20
N GLY A 168 -25.46 -17.82 -26.47
CA GLY A 168 -26.35 -18.53 -25.56
C GLY A 168 -25.71 -19.06 -24.29
N ILE A 169 -25.42 -18.18 -23.35
CA ILE A 169 -24.89 -18.58 -22.05
C ILE A 169 -25.82 -19.60 -21.40
N VAL A 170 -25.25 -20.70 -20.93
CA VAL A 170 -26.01 -21.73 -20.23
C VAL A 170 -25.96 -21.53 -18.71
N GLU A 171 -24.79 -21.19 -18.19
CA GLU A 171 -24.62 -20.88 -16.78
C GLU A 171 -23.22 -20.33 -16.58
N GLY A 172 -23.08 -19.42 -15.62
CA GLY A 172 -21.80 -18.77 -15.38
C GLY A 172 -21.64 -18.36 -13.94
N LEU A 173 -20.39 -18.29 -13.52
CA LEU A 173 -20.02 -17.84 -12.17
C LEU A 173 -19.02 -16.71 -12.31
N MET A 174 -19.24 -15.62 -11.56
CA MET A 174 -18.45 -14.41 -11.69
C MET A 174 -17.63 -14.15 -10.42
N THR A 175 -16.41 -13.68 -10.60
CA THR A 175 -15.57 -13.19 -9.52
C THR A 175 -15.05 -11.81 -9.89
N THR A 176 -15.15 -10.88 -8.95
CA THR A 176 -14.67 -9.51 -9.16
C THR A 176 -13.61 -9.18 -8.14
N VAL A 177 -12.47 -8.67 -8.61
CA VAL A 177 -11.42 -8.14 -7.74
C VAL A 177 -11.68 -6.65 -7.59
N HIS A 178 -12.11 -6.22 -6.41
CA HIS A 178 -12.65 -4.89 -6.20
C HIS A 178 -11.71 -4.05 -5.36
N ALA A 179 -11.66 -2.76 -5.68
CA ALA A 179 -10.87 -1.81 -4.90
C ALA A 179 -11.58 -1.49 -3.58
N ILE A 180 -10.84 -0.88 -2.66
CA ILE A 180 -11.39 -0.59 -1.34
C ILE A 180 -12.42 0.53 -1.45
N THR A 181 -13.39 0.52 -0.54
CA THR A 181 -14.48 1.49 -0.51
C THR A 181 -14.57 2.14 0.86
N ALA A 182 -15.52 3.06 1.01
CA ALA A 182 -15.66 3.82 2.25
C ALA A 182 -16.19 2.98 3.40
N THR A 183 -16.83 1.85 3.12
CA THR A 183 -17.37 1.00 4.18
C THR A 183 -16.29 0.20 4.90
N GLN A 184 -15.07 0.16 4.37
CA GLN A 184 -14.00 -0.61 4.99
C GLN A 184 -13.29 0.24 6.03
N LYS A 185 -12.30 -0.36 6.71
CA LYS A 185 -11.62 0.28 7.82
C LYS A 185 -10.12 0.18 7.67
N THR A 186 -9.41 1.23 8.09
CA THR A 186 -7.93 1.27 7.95
C THR A 186 -7.30 0.16 8.80
N VAL A 187 -7.67 0.08 10.08
CA VAL A 187 -7.06 -0.93 11.00
C VAL A 187 -8.17 -1.86 11.51
N ASP A 188 -7.81 -3.03 12.04
CA ASP A 188 -8.81 -3.97 12.60
C ASP A 188 -9.78 -3.19 13.49
N GLY A 189 -11.09 -3.23 13.17
CA GLY A 189 -12.07 -2.50 13.93
C GLY A 189 -13.42 -3.19 13.90
N PRO A 190 -14.33 -2.74 14.76
CA PRO A 190 -15.65 -3.40 14.85
C PRO A 190 -16.45 -3.26 13.57
N SER A 191 -17.18 -4.32 13.24
CA SER A 191 -18.06 -4.34 12.07
C SER A 191 -19.20 -5.28 12.42
N GLY A 192 -20.40 -4.70 12.60
CA GLY A 192 -21.54 -5.39 13.17
C GLY A 192 -21.88 -6.76 12.60
N LYS A 193 -22.32 -6.79 11.35
CA LYS A 193 -22.78 -8.04 10.75
C LYS A 193 -21.67 -8.75 9.97
N LEU A 194 -20.94 -8.02 9.14
CA LEU A 194 -19.89 -8.61 8.30
C LEU A 194 -18.57 -8.52 9.07
N TRP A 195 -18.21 -9.62 9.74
CA TRP A 195 -16.99 -9.63 10.54
C TRP A 195 -15.75 -9.45 9.68
N ARG A 196 -15.74 -10.08 8.50
CA ARG A 196 -14.59 -9.96 7.61
C ARG A 196 -14.38 -8.52 7.15
N ASP A 197 -15.46 -7.77 6.98
CA ASP A 197 -15.35 -6.39 6.50
C ASP A 197 -14.72 -5.46 7.52
N GLY A 198 -14.63 -5.85 8.79
CA GLY A 198 -14.00 -5.03 9.79
C GLY A 198 -12.51 -5.15 9.91
N ARG A 199 -11.89 -6.07 9.18
CA ARG A 199 -10.45 -6.25 9.24
C ARG A 199 -9.73 -5.18 8.41
N GLY A 200 -8.44 -5.00 8.70
CA GLY A 200 -7.66 -3.96 8.07
C GLY A 200 -7.61 -4.03 6.56
N ALA A 201 -8.03 -2.95 5.90
CA ALA A 201 -8.14 -2.95 4.45
C ALA A 201 -6.78 -2.91 3.76
N LEU A 202 -5.79 -2.29 4.40
CA LEU A 202 -4.47 -2.14 3.80
C LEU A 202 -3.64 -3.42 3.84
N GLN A 203 -4.00 -4.39 4.67
CA GLN A 203 -3.18 -5.58 4.88
C GLN A 203 -3.79 -6.88 4.38
N ASN A 204 -5.07 -6.86 3.96
CA ASN A 204 -5.73 -8.15 3.63
C ASN A 204 -6.47 -8.12 2.29
N ILE A 205 -7.03 -9.27 1.88
CA ILE A 205 -7.82 -9.36 0.62
C ILE A 205 -9.31 -9.43 1.00
N ILE A 206 -9.62 -9.78 2.25
CA ILE A 206 -11.02 -9.78 2.75
C ILE A 206 -12.11 -10.21 1.74
N PRO A 207 -12.25 -11.52 1.42
CA PRO A 207 -13.34 -11.98 0.55
C PRO A 207 -14.70 -11.38 0.94
N ALA A 208 -15.67 -11.39 0.02
CA ALA A 208 -16.96 -10.78 0.31
C ALA A 208 -18.01 -11.35 -0.64
N SER A 209 -19.28 -11.22 -0.22
CA SER A 209 -20.41 -11.66 -1.02
C SER A 209 -21.08 -10.47 -1.70
N THR A 210 -21.68 -10.72 -2.86
CA THR A 210 -22.30 -9.66 -3.64
C THR A 210 -23.49 -10.24 -4.39
N GLY A 211 -24.41 -9.34 -4.78
CA GLY A 211 -25.59 -9.71 -5.53
C GLY A 211 -25.68 -9.17 -6.94
N ALA A 212 -24.59 -8.64 -7.51
CA ALA A 212 -24.65 -8.05 -8.84
C ALA A 212 -24.95 -9.09 -9.90
N ALA A 213 -24.34 -10.28 -9.79
CA ALA A 213 -24.58 -11.32 -10.78
C ALA A 213 -26.03 -11.77 -10.77
N LYS A 214 -26.63 -11.88 -9.59
CA LYS A 214 -28.05 -12.20 -9.52
C LYS A 214 -28.90 -11.06 -10.09
N ALA A 215 -28.51 -9.82 -9.85
CA ALA A 215 -29.27 -8.67 -10.36
C ALA A 215 -29.22 -8.61 -11.89
N VAL A 216 -28.18 -9.18 -12.49
CA VAL A 216 -28.14 -9.27 -13.95
C VAL A 216 -29.35 -10.06 -14.47
N GLY A 217 -29.81 -11.06 -13.72
CA GLY A 217 -31.01 -11.77 -14.10
C GLY A 217 -32.23 -10.88 -14.13
N LYS A 218 -32.33 -9.95 -13.16
CA LYS A 218 -33.41 -8.98 -13.19
C LYS A 218 -33.30 -8.06 -14.40
N VAL A 219 -32.08 -7.63 -14.73
CA VAL A 219 -31.90 -6.75 -15.88
C VAL A 219 -32.14 -7.51 -17.19
N ILE A 220 -31.66 -8.74 -17.28
CA ILE A 220 -31.86 -9.59 -18.45
C ILE A 220 -32.69 -10.80 -18.02
N PRO A 221 -33.99 -10.80 -18.32
CA PRO A 221 -34.87 -11.86 -17.81
C PRO A 221 -34.49 -13.27 -18.26
N GLU A 222 -33.95 -13.43 -19.46
CA GLU A 222 -33.59 -14.77 -19.95
C GLU A 222 -32.47 -15.41 -19.15
N LEU A 223 -31.69 -14.62 -18.41
CA LEU A 223 -30.57 -15.13 -17.63
C LEU A 223 -30.92 -15.32 -16.16
N ASN A 224 -32.21 -15.29 -15.82
CA ASN A 224 -32.62 -15.46 -14.43
C ASN A 224 -32.24 -16.85 -13.93
N GLY A 225 -31.58 -16.89 -12.78
CA GLY A 225 -31.18 -18.13 -12.17
C GLY A 225 -30.00 -18.81 -12.81
N LYS A 226 -29.26 -18.13 -13.70
CA LYS A 226 -28.13 -18.72 -14.39
C LYS A 226 -26.80 -18.06 -14.04
N LEU A 227 -26.79 -17.08 -13.13
CA LEU A 227 -25.57 -16.37 -12.79
C LEU A 227 -25.50 -16.16 -11.28
N THR A 228 -24.28 -16.06 -10.77
CA THR A 228 -24.00 -15.75 -9.37
C THR A 228 -22.49 -15.65 -9.22
N GLY A 229 -22.05 -15.16 -8.06
CA GLY A 229 -20.62 -15.03 -7.84
C GLY A 229 -20.32 -14.36 -6.50
N MET A 230 -19.05 -14.02 -6.34
CA MET A 230 -18.55 -13.39 -5.11
C MET A 230 -17.47 -12.38 -5.49
N ALA A 231 -16.84 -11.78 -4.49
CA ALA A 231 -15.88 -10.72 -4.71
C ALA A 231 -14.70 -10.84 -3.75
N PHE A 232 -13.59 -10.25 -4.16
CA PHE A 232 -12.40 -10.08 -3.32
C PHE A 232 -12.06 -8.59 -3.27
N ARG A 233 -11.82 -8.07 -2.08
CA ARG A 233 -11.51 -6.66 -1.88
C ARG A 233 -10.01 -6.49 -1.70
N VAL A 234 -9.33 -5.88 -2.67
CA VAL A 234 -7.86 -5.75 -2.60
C VAL A 234 -7.49 -4.32 -2.22
N PRO A 235 -6.28 -4.06 -1.67
CA PRO A 235 -5.90 -2.72 -1.22
C PRO A 235 -5.52 -1.79 -2.39
N THR A 236 -6.47 -1.54 -3.29
CA THR A 236 -6.22 -0.61 -4.43
C THR A 236 -7.16 0.59 -4.30
N ALA A 237 -6.75 1.75 -4.81
CA ALA A 237 -7.56 2.99 -4.67
C ALA A 237 -8.95 2.85 -5.29
N ASN A 238 -9.07 2.68 -6.61
CA ASN A 238 -10.43 2.66 -7.23
C ASN A 238 -10.59 1.59 -8.32
N VAL A 239 -9.82 1.64 -9.40
CA VAL A 239 -10.05 0.70 -10.55
C VAL A 239 -10.37 -0.71 -10.06
N SER A 240 -11.38 -1.36 -10.65
CA SER A 240 -11.75 -2.76 -10.30
C SER A 240 -11.88 -3.59 -11.58
N VAL A 241 -12.03 -4.91 -11.45
CA VAL A 241 -12.08 -5.79 -12.66
C VAL A 241 -13.14 -6.89 -12.47
N VAL A 242 -13.62 -7.49 -13.55
CA VAL A 242 -14.63 -8.58 -13.48
C VAL A 242 -14.09 -9.83 -14.18
N ASP A 243 -14.35 -11.02 -13.61
CA ASP A 243 -13.87 -12.26 -14.19
C ASP A 243 -15.04 -13.23 -14.28
N LEU A 244 -15.49 -13.53 -15.50
CA LEU A 244 -16.69 -14.30 -15.73
C LEU A 244 -16.34 -15.63 -16.37
N THR A 245 -16.77 -16.73 -15.75
CA THR A 245 -16.58 -18.09 -16.26
C THR A 245 -17.95 -18.64 -16.63
N CYS A 246 -18.11 -19.01 -17.89
CA CYS A 246 -19.39 -19.48 -18.35
C CYS A 246 -19.32 -20.57 -19.40
N ARG A 247 -20.39 -21.33 -19.51
CA ARG A 247 -20.52 -22.40 -20.47
C ARG A 247 -21.46 -21.95 -21.59
N LEU A 248 -21.05 -22.13 -22.83
CA LEU A 248 -21.77 -21.61 -23.98
C LEU A 248 -22.58 -22.71 -24.65
N GLU A 249 -23.77 -22.33 -25.14
CA GLU A 249 -24.63 -23.29 -25.83
C GLU A 249 -24.07 -23.66 -27.20
N LYS A 250 -23.63 -22.67 -27.96
CA LYS A 250 -23.08 -22.89 -29.29
C LYS A 250 -21.56 -22.83 -29.25
N PRO A 251 -20.89 -23.55 -30.17
CA PRO A 251 -19.43 -23.49 -30.22
C PRO A 251 -18.95 -22.07 -30.53
N ALA A 252 -17.85 -21.68 -29.89
CA ALA A 252 -17.33 -20.33 -30.05
C ALA A 252 -15.83 -20.35 -29.76
N LYS A 253 -15.03 -20.21 -30.81
CA LYS A 253 -13.61 -20.00 -30.62
C LYS A 253 -13.36 -18.60 -30.07
N TYR A 254 -12.19 -18.41 -29.45
CA TYR A 254 -11.88 -17.13 -28.82
C TYR A 254 -11.85 -15.99 -29.85
N ASP A 255 -11.42 -16.29 -31.08
CA ASP A 255 -11.39 -15.26 -32.11
C ASP A 255 -12.79 -14.76 -32.44
N ASP A 256 -13.76 -15.67 -32.51
CA ASP A 256 -15.14 -15.27 -32.77
C ASP A 256 -15.69 -14.40 -31.66
N ILE A 257 -15.39 -14.74 -30.40
CA ILE A 257 -15.82 -13.93 -29.27
C ILE A 257 -15.21 -12.53 -29.37
N LYS A 258 -13.92 -12.46 -29.69
CA LYS A 258 -13.27 -11.17 -29.84
C LYS A 258 -13.92 -10.35 -30.94
N LYS A 259 -14.21 -10.99 -32.08
CA LYS A 259 -14.83 -10.28 -33.19
C LYS A 259 -16.20 -9.72 -32.82
N VAL A 260 -17.04 -10.54 -32.18
CA VAL A 260 -18.38 -10.07 -31.83
C VAL A 260 -18.31 -8.96 -30.79
N VAL A 261 -17.40 -9.09 -29.81
CA VAL A 261 -17.29 -8.06 -28.78
C VAL A 261 -16.83 -6.74 -29.39
N LYS A 262 -15.84 -6.81 -30.29
CA LYS A 262 -15.37 -5.59 -30.95
C LYS A 262 -16.47 -4.94 -31.78
N GLN A 263 -17.22 -5.76 -32.54
CA GLN A 263 -18.31 -5.22 -33.33
C GLN A 263 -19.37 -4.56 -32.46
N ALA A 264 -19.70 -5.19 -31.33
CA ALA A 264 -20.67 -4.59 -30.42
C ALA A 264 -20.15 -3.27 -29.85
N SER A 265 -18.88 -3.23 -29.45
CA SER A 265 -18.32 -2.02 -28.88
C SER A 265 -18.21 -0.90 -29.90
N GLU A 266 -18.18 -1.22 -31.19
CA GLU A 266 -18.09 -0.17 -32.19
C GLU A 266 -19.43 0.54 -32.40
N GLY A 267 -20.43 -0.18 -32.89
CA GLY A 267 -21.68 0.43 -33.24
C GLY A 267 -22.69 0.63 -32.13
N PRO A 268 -23.26 -0.47 -31.62
CA PRO A 268 -24.43 -0.32 -30.73
C PRO A 268 -24.08 0.15 -29.33
N LEU A 269 -23.04 -0.41 -28.71
CA LEU A 269 -22.68 -0.10 -27.33
C LEU A 269 -21.52 0.90 -27.26
N LYS A 270 -21.43 1.80 -28.23
CA LYS A 270 -20.37 2.81 -28.24
C LYS A 270 -20.45 3.68 -27.00
N GLY A 271 -19.32 3.83 -26.31
CA GLY A 271 -19.26 4.61 -25.09
C GLY A 271 -19.68 3.87 -23.84
N ILE A 272 -20.30 2.69 -23.98
CA ILE A 272 -20.71 1.88 -22.84
C ILE A 272 -19.78 0.71 -22.64
N LEU A 273 -19.52 -0.05 -23.70
CA LEU A 273 -18.64 -1.21 -23.65
C LEU A 273 -17.41 -0.92 -24.51
N GLY A 274 -16.23 -1.04 -23.91
CA GLY A 274 -14.98 -0.80 -24.61
C GLY A 274 -14.33 -2.09 -25.07
N TYR A 275 -13.24 -1.94 -25.80
CA TYR A 275 -12.48 -3.06 -26.33
C TYR A 275 -11.02 -2.65 -26.48
N THR A 276 -10.12 -3.52 -26.04
CA THR A 276 -8.70 -3.22 -26.12
C THR A 276 -7.92 -4.51 -26.30
N GLU A 277 -6.82 -4.42 -27.06
CA GLU A 277 -5.90 -5.53 -27.25
C GLU A 277 -4.50 -5.23 -26.71
N HIS A 278 -4.33 -4.10 -26.02
CA HIS A 278 -3.03 -3.71 -25.50
C HIS A 278 -2.77 -4.38 -24.15
N GLN A 279 -1.52 -4.28 -23.70
CA GLN A 279 -1.11 -4.85 -22.42
C GLN A 279 -1.38 -3.85 -21.29
N VAL A 280 -2.66 -3.71 -20.97
CA VAL A 280 -3.11 -2.72 -20.01
C VAL A 280 -3.05 -3.28 -18.60
N VAL A 281 -3.02 -2.38 -17.61
CA VAL A 281 -3.13 -2.71 -16.21
C VAL A 281 -4.24 -1.83 -15.61
N SER A 282 -4.46 -1.98 -14.30
CA SER A 282 -5.60 -1.35 -13.66
C SER A 282 -5.53 0.17 -13.74
N SER A 283 -4.35 0.76 -13.53
CA SER A 283 -4.24 2.22 -13.52
C SER A 283 -4.52 2.85 -14.88
N ASP A 284 -4.48 2.07 -15.95
CA ASP A 284 -4.77 2.61 -17.28
C ASP A 284 -6.24 2.98 -17.46
N PHE A 285 -7.11 2.59 -16.54
CA PHE A 285 -8.54 2.89 -16.64
C PHE A 285 -9.00 3.89 -15.59
N ASN A 286 -8.09 4.67 -15.02
CA ASN A 286 -8.47 5.68 -14.05
C ASN A 286 -9.15 6.85 -14.77
N SER A 287 -10.34 7.22 -14.29
CA SER A 287 -11.16 8.27 -14.87
C SER A 287 -11.73 7.88 -16.24
N ASP A 288 -11.81 6.59 -16.53
CA ASP A 288 -12.43 6.11 -17.77
C ASP A 288 -13.94 6.05 -17.59
N THR A 289 -14.68 6.55 -18.57
CA THR A 289 -16.13 6.67 -18.47
C THR A 289 -16.89 5.45 -18.99
N HIS A 290 -16.19 4.42 -19.47
CA HIS A 290 -16.86 3.22 -19.94
C HIS A 290 -17.44 2.42 -18.78
N SER A 291 -18.56 1.74 -19.04
CA SER A 291 -19.11 0.83 -18.04
C SER A 291 -18.23 -0.41 -17.90
N SER A 292 -17.69 -0.92 -19.01
CA SER A 292 -16.82 -2.08 -18.97
C SER A 292 -15.95 -2.08 -20.22
N THR A 293 -14.72 -2.55 -20.07
CA THR A 293 -13.78 -2.66 -21.17
C THR A 293 -13.29 -4.10 -21.26
N PHE A 294 -13.50 -4.73 -22.41
CA PHE A 294 -13.12 -6.11 -22.62
C PHE A 294 -11.62 -6.22 -22.84
N ASP A 295 -10.96 -7.08 -22.06
CA ASP A 295 -9.52 -7.30 -22.16
C ASP A 295 -9.31 -8.57 -22.98
N ALA A 296 -9.00 -8.41 -24.26
CA ALA A 296 -8.89 -9.54 -25.16
C ALA A 296 -7.73 -10.47 -24.77
N GLY A 297 -6.59 -9.89 -24.39
CA GLY A 297 -5.41 -10.69 -24.13
C GLY A 297 -5.40 -11.40 -22.79
N ALA A 298 -6.24 -10.97 -21.84
CA ALA A 298 -6.22 -11.55 -20.51
C ALA A 298 -7.07 -12.79 -20.36
N GLY A 299 -8.07 -12.98 -21.23
CA GLY A 299 -8.95 -14.13 -21.11
C GLY A 299 -8.31 -15.41 -21.61
N ILE A 300 -8.99 -16.52 -21.31
CA ILE A 300 -8.52 -17.85 -21.70
C ILE A 300 -9.73 -18.76 -21.88
N ALA A 301 -9.61 -19.72 -22.79
CA ALA A 301 -10.67 -20.66 -23.08
C ALA A 301 -10.14 -22.08 -22.98
N LEU A 302 -10.83 -22.91 -22.20
CA LEU A 302 -10.45 -24.32 -22.12
C LEU A 302 -10.80 -25.06 -23.40
N ASN A 303 -12.02 -24.87 -23.90
CA ASN A 303 -12.45 -25.48 -25.15
C ASN A 303 -13.49 -24.54 -25.78
N ASP A 304 -14.24 -25.06 -26.75
CA ASP A 304 -15.21 -24.26 -27.48
C ASP A 304 -16.47 -23.96 -26.68
N HIS A 305 -16.66 -24.57 -25.51
CA HIS A 305 -17.87 -24.37 -24.71
C HIS A 305 -17.58 -23.91 -23.30
N PHE A 306 -16.33 -23.57 -22.97
CA PHE A 306 -15.96 -23.21 -21.61
C PHE A 306 -14.88 -22.15 -21.67
N VAL A 307 -15.22 -20.91 -21.33
CA VAL A 307 -14.32 -19.78 -21.50
C VAL A 307 -14.35 -18.92 -20.24
N LYS A 308 -13.32 -18.09 -20.11
CA LYS A 308 -13.20 -17.12 -19.02
C LYS A 308 -12.88 -15.76 -19.62
N LEU A 309 -13.71 -14.75 -19.31
CA LEU A 309 -13.59 -13.43 -19.91
C LEU A 309 -13.30 -12.39 -18.82
N ILE A 310 -12.54 -11.37 -19.21
CA ILE A 310 -12.05 -10.35 -18.28
C ILE A 310 -12.50 -8.99 -18.77
N SER A 311 -13.00 -8.16 -17.85
CA SER A 311 -13.46 -6.82 -18.17
C SER A 311 -13.10 -5.86 -17.05
N TRP A 312 -12.61 -4.68 -17.41
CA TRP A 312 -12.22 -3.66 -16.44
C TRP A 312 -13.32 -2.62 -16.30
N TYR A 313 -13.36 -1.98 -15.13
CA TYR A 313 -14.31 -0.89 -14.93
C TYR A 313 -13.83 0.02 -13.80
N ASP A 314 -13.91 1.32 -14.03
CA ASP A 314 -13.75 2.32 -12.98
C ASP A 314 -15.06 2.41 -12.22
N ASN A 315 -15.08 1.87 -11.01
CA ASN A 315 -16.33 1.81 -10.24
C ASN A 315 -16.80 3.16 -9.72
N GLU A 316 -16.00 4.22 -9.88
CA GLU A 316 -16.42 5.56 -9.46
C GLU A 316 -16.94 6.40 -10.63
N PHE A 317 -16.13 6.60 -11.66
CA PHE A 317 -16.51 7.49 -12.75
C PHE A 317 -17.56 6.88 -13.66
N GLY A 318 -17.42 5.60 -13.98
CA GLY A 318 -18.35 4.98 -14.93
C GLY A 318 -19.77 4.97 -14.44
N TYR A 319 -19.97 4.62 -13.17
CA TYR A 319 -21.32 4.57 -12.61
C TYR A 319 -21.95 5.97 -12.56
N SER A 320 -21.17 6.98 -12.17
CA SER A 320 -21.70 8.34 -12.14
C SER A 320 -22.10 8.81 -13.52
N ASN A 321 -21.26 8.54 -14.53
CA ASN A 321 -21.62 8.91 -15.89
C ASN A 321 -22.85 8.17 -16.37
N ARG A 322 -23.01 6.90 -15.97
CA ARG A 322 -24.21 6.15 -16.32
C ARG A 322 -25.45 6.75 -15.66
N VAL A 323 -25.33 7.22 -14.43
CA VAL A 323 -26.45 7.86 -13.75
C VAL A 323 -26.87 9.11 -14.52
N VAL A 324 -25.89 9.92 -14.92
CA VAL A 324 -26.20 11.13 -15.69
C VAL A 324 -26.85 10.77 -17.01
N ASP A 325 -26.33 9.75 -17.70
CA ASP A 325 -26.91 9.34 -18.97
C ASP A 325 -28.35 8.86 -18.82
N LEU A 326 -28.62 8.10 -17.76
CA LEU A 326 -29.98 7.63 -17.51
C LEU A 326 -30.92 8.81 -17.27
N MET A 327 -30.47 9.80 -16.50
CA MET A 327 -31.32 10.96 -16.26
C MET A 327 -31.58 11.73 -17.55
N ALA A 328 -30.56 11.84 -18.42
CA ALA A 328 -30.76 12.52 -19.69
C ALA A 328 -31.76 11.77 -20.57
N HIS A 329 -31.66 10.44 -20.61
CA HIS A 329 -32.61 9.66 -21.39
C HIS A 329 -34.03 9.80 -20.84
N MET A 330 -34.17 9.81 -19.51
CA MET A 330 -35.47 10.00 -18.89
C MET A 330 -36.05 11.36 -19.27
N ALA A 331 -35.22 12.41 -19.25
CA ALA A 331 -35.70 13.74 -19.65
C ALA A 331 -36.13 13.75 -21.10
N SER A 332 -35.36 13.10 -21.98
CA SER A 332 -35.75 13.03 -23.38
C SER A 332 -37.06 12.28 -23.58
N LYS A 333 -37.33 11.28 -22.72
CA LYS A 333 -38.56 10.50 -22.85
C LYS A 333 -39.80 11.27 -22.40
N GLU A 334 -39.64 12.45 -21.80
CA GLU A 334 -40.78 13.21 -21.28
C GLU A 334 -41.73 13.63 -22.39
N GLY B 1 -0.63 -12.22 44.67
CA GLY B 1 -0.65 -10.83 45.08
C GLY B 1 -0.87 -9.87 43.92
N LYS B 2 -1.09 -10.43 42.74
CA LYS B 2 -1.32 -9.59 41.56
C LYS B 2 -2.64 -8.84 41.69
N VAL B 3 -2.64 -7.60 41.22
CA VAL B 3 -3.82 -6.75 41.31
C VAL B 3 -4.86 -7.17 40.28
N LYS B 4 -6.12 -6.97 40.61
CA LYS B 4 -7.22 -7.26 39.70
C LYS B 4 -7.54 -6.02 38.87
N VAL B 5 -7.61 -6.18 37.55
CA VAL B 5 -7.74 -5.08 36.62
C VAL B 5 -9.00 -5.26 35.79
N GLY B 6 -9.74 -4.16 35.61
CA GLY B 6 -10.86 -4.11 34.69
C GLY B 6 -10.54 -3.18 33.54
N VAL B 7 -11.05 -3.50 32.36
CA VAL B 7 -10.79 -2.74 31.14
C VAL B 7 -12.09 -2.18 30.62
N ASN B 8 -12.12 -0.88 30.37
CA ASN B 8 -13.28 -0.20 29.80
C ASN B 8 -12.99 0.07 28.33
N GLY B 9 -13.72 -0.62 27.45
CA GLY B 9 -13.50 -0.48 26.03
C GLY B 9 -12.66 -1.59 25.46
N PHE B 10 -13.11 -2.21 24.38
CA PHE B 10 -12.39 -3.29 23.72
C PHE B 10 -11.91 -2.88 22.33
N GLY B 11 -11.44 -1.65 22.22
CA GLY B 11 -10.84 -1.17 21.00
C GLY B 11 -9.43 -1.71 20.83
N ARG B 12 -8.63 -1.03 20.02
CA ARG B 12 -7.26 -1.48 19.80
C ARG B 12 -6.46 -1.46 21.10
N ILE B 13 -6.50 -0.34 21.82
CA ILE B 13 -5.70 -0.21 23.03
C ILE B 13 -6.17 -1.21 24.09
N GLY B 14 -7.48 -1.38 24.24
CA GLY B 14 -7.98 -2.32 25.24
C GLY B 14 -7.60 -3.75 24.94
N ARG B 15 -7.77 -4.18 23.68
CA ARG B 15 -7.39 -5.53 23.30
C ARG B 15 -5.90 -5.76 23.45
N LEU B 16 -5.08 -4.77 23.05
CA LEU B 16 -3.65 -4.93 23.18
C LEU B 16 -3.20 -4.94 24.64
N VAL B 17 -3.86 -4.17 25.49
CA VAL B 17 -3.56 -4.19 26.92
C VAL B 17 -3.89 -5.55 27.51
N THR B 18 -5.04 -6.12 27.14
CA THR B 18 -5.39 -7.45 27.60
C THR B 18 -4.37 -8.48 27.15
N ARG B 19 -3.94 -8.38 25.89
CA ARG B 19 -2.94 -9.30 25.36
C ARG B 19 -1.62 -9.17 26.12
N ALA B 20 -1.20 -7.94 26.38
CA ALA B 20 0.06 -7.73 27.12
C ALA B 20 -0.04 -8.27 28.53
N ALA B 21 -1.18 -8.05 29.20
CA ALA B 21 -1.36 -8.54 30.55
C ALA B 21 -1.31 -10.06 30.60
N PHE B 22 -1.93 -10.73 29.63
CA PHE B 22 -1.91 -12.18 29.63
C PHE B 22 -0.55 -12.74 29.20
N ASN B 23 0.19 -12.00 28.37
CA ASN B 23 1.50 -12.47 27.94
C ASN B 23 2.54 -12.32 29.05
N SER B 24 2.50 -11.22 29.79
CA SER B 24 3.51 -10.96 30.81
C SER B 24 3.15 -11.59 32.16
N GLY B 25 1.88 -11.60 32.52
CA GLY B 25 1.46 -12.14 33.80
C GLY B 25 1.61 -11.22 34.98
N LYS B 26 1.94 -9.95 34.76
CA LYS B 26 2.12 -9.03 35.88
C LYS B 26 0.81 -8.68 36.58
N VAL B 27 -0.30 -8.66 35.83
CA VAL B 27 -1.61 -8.34 36.38
C VAL B 27 -2.61 -9.38 35.89
N ASP B 28 -3.81 -9.34 36.46
CA ASP B 28 -4.88 -10.27 36.11
C ASP B 28 -6.11 -9.51 35.68
N ILE B 29 -6.56 -9.74 34.45
CA ILE B 29 -7.79 -9.13 33.96
C ILE B 29 -8.98 -9.96 34.43
N VAL B 30 -9.99 -9.28 34.97
CA VAL B 30 -11.14 -9.98 35.54
C VAL B 30 -12.45 -9.45 34.97
N ALA B 31 -12.40 -8.32 34.27
CA ALA B 31 -13.63 -7.73 33.76
C ALA B 31 -13.32 -6.88 32.54
N ILE B 32 -14.28 -6.82 31.63
CA ILE B 32 -14.21 -5.99 30.42
C ILE B 32 -15.59 -5.40 30.16
N ASN B 33 -15.63 -4.16 29.70
CA ASN B 33 -16.87 -3.47 29.39
C ASN B 33 -16.82 -2.93 27.97
N ASP B 34 -17.83 -3.28 27.17
CA ASP B 34 -17.99 -2.73 25.84
C ASP B 34 -19.46 -2.84 25.42
N PRO B 35 -20.15 -1.72 25.23
CA PRO B 35 -21.59 -1.79 24.94
C PRO B 35 -21.92 -2.21 23.52
N PHE B 36 -20.96 -2.19 22.60
CA PHE B 36 -21.25 -2.45 21.19
C PHE B 36 -20.67 -3.76 20.67
N ILE B 37 -19.93 -4.50 21.48
CA ILE B 37 -19.33 -5.77 21.08
C ILE B 37 -19.89 -6.87 21.95
N ASP B 38 -20.41 -7.92 21.33
CA ASP B 38 -20.95 -9.05 22.05
C ASP B 38 -19.84 -10.06 22.37
N LEU B 39 -20.22 -11.16 23.04
CA LEU B 39 -19.22 -12.10 23.54
C LEU B 39 -18.52 -12.83 22.40
N ASN B 40 -19.27 -13.38 21.46
CA ASN B 40 -18.67 -14.13 20.37
C ASN B 40 -17.81 -13.24 19.48
N TYR B 41 -18.27 -12.01 19.26
CA TYR B 41 -17.46 -11.07 18.49
C TYR B 41 -16.20 -10.76 19.27
N MET B 42 -16.30 -10.63 20.59
CA MET B 42 -15.11 -10.41 21.39
C MET B 42 -14.11 -11.54 21.23
N VAL B 43 -14.58 -12.78 21.23
CA VAL B 43 -13.70 -13.93 21.03
C VAL B 43 -13.02 -13.84 19.68
N TYR B 44 -13.80 -13.52 18.64
CA TYR B 44 -13.23 -13.42 17.30
C TYR B 44 -12.18 -12.31 17.22
N MET B 45 -12.49 -11.14 17.78
CA MET B 45 -11.57 -10.01 17.69
C MET B 45 -10.30 -10.25 18.48
N PHE B 46 -10.39 -10.92 19.63
CA PHE B 46 -9.18 -11.20 20.41
C PHE B 46 -8.35 -12.28 19.76
N GLN B 47 -8.98 -13.29 19.16
CA GLN B 47 -8.25 -14.43 18.63
C GLN B 47 -7.36 -14.04 17.45
N TYR B 48 -7.87 -13.23 16.53
CA TYR B 48 -7.19 -12.92 15.28
C TYR B 48 -6.74 -11.46 15.26
N ASP B 49 -5.54 -11.22 14.75
CA ASP B 49 -4.99 -9.88 14.65
C ASP B 49 -4.16 -9.78 13.38
N SER B 50 -4.48 -8.77 12.55
CA SER B 50 -3.76 -8.60 11.30
C SER B 50 -2.30 -8.20 11.52
N THR B 51 -2.03 -7.40 12.55
CA THR B 51 -0.68 -6.86 12.74
C THR B 51 0.20 -7.77 13.58
N HIS B 52 -0.31 -8.34 14.66
CA HIS B 52 0.49 -9.10 15.60
C HIS B 52 0.24 -10.60 15.55
N GLY B 53 -0.57 -11.07 14.61
CA GLY B 53 -0.75 -12.50 14.43
C GLY B 53 -1.74 -13.11 15.40
N LYS B 54 -1.91 -14.42 15.26
CA LYS B 54 -2.86 -15.16 16.08
C LYS B 54 -2.41 -15.19 17.54
N PHE B 55 -3.37 -15.12 18.46
CA PHE B 55 -3.06 -15.17 19.87
C PHE B 55 -2.49 -16.54 20.24
N HIS B 56 -1.40 -16.55 21.01
CA HIS B 56 -0.76 -17.78 21.45
C HIS B 56 -1.42 -18.23 22.74
N GLY B 57 -2.44 -19.08 22.59
CA GLY B 57 -3.21 -19.53 23.74
C GLY B 57 -4.59 -19.96 23.30
N THR B 58 -5.48 -20.06 24.28
CA THR B 58 -6.86 -20.47 24.04
C THR B 58 -7.81 -19.38 24.50
N VAL B 59 -8.82 -19.10 23.68
CA VAL B 59 -9.86 -18.13 24.02
C VAL B 59 -11.19 -18.70 23.55
N LYS B 60 -12.20 -18.63 24.41
CA LYS B 60 -13.53 -19.16 24.09
C LYS B 60 -14.55 -18.55 25.03
N ALA B 61 -15.82 -18.75 24.70
CA ALA B 61 -16.93 -18.26 25.50
C ALA B 61 -17.61 -19.43 26.20
N GLU B 62 -17.89 -19.26 27.49
CA GLU B 62 -18.50 -20.33 28.28
C GLU B 62 -19.32 -19.71 29.40
N ASN B 63 -20.62 -20.02 29.42
CA ASN B 63 -21.54 -19.49 30.42
C ASN B 63 -21.55 -17.96 30.43
N GLY B 64 -21.48 -17.37 29.24
CA GLY B 64 -21.52 -15.93 29.14
C GLY B 64 -20.29 -15.22 29.63
N LYS B 65 -19.16 -15.92 29.73
CA LYS B 65 -17.90 -15.33 30.19
C LYS B 65 -16.82 -15.60 29.15
N LEU B 66 -15.90 -14.64 29.02
CA LEU B 66 -14.75 -14.81 28.14
C LEU B 66 -13.65 -15.54 28.91
N VAL B 67 -13.25 -16.71 28.42
CA VAL B 67 -12.27 -17.54 29.09
C VAL B 67 -10.99 -17.50 28.26
N ILE B 68 -9.93 -16.93 28.83
CA ILE B 68 -8.64 -16.82 28.18
C ILE B 68 -7.62 -17.57 29.02
N ASN B 69 -7.05 -18.63 28.44
CA ASN B 69 -6.08 -19.48 29.13
C ASN B 69 -6.68 -20.10 30.39
N GLY B 70 -7.98 -20.36 30.39
CA GLY B 70 -8.64 -20.94 31.53
C GLY B 70 -9.16 -19.96 32.56
N ASN B 71 -8.93 -18.66 32.38
CA ASN B 71 -9.38 -17.66 33.34
C ASN B 71 -10.66 -17.01 32.86
N PRO B 72 -11.78 -17.16 33.57
CA PRO B 72 -13.02 -16.51 33.13
C PRO B 72 -13.00 -15.01 33.40
N ILE B 73 -13.66 -14.27 32.51
CA ILE B 73 -13.69 -12.81 32.57
C ILE B 73 -15.14 -12.35 32.47
N THR B 74 -15.56 -11.51 33.40
CA THR B 74 -16.91 -10.95 33.37
C THR B 74 -17.03 -9.92 32.26
N ILE B 75 -18.18 -9.90 31.60
CA ILE B 75 -18.43 -9.02 30.46
C ILE B 75 -19.59 -8.09 30.80
N PHE B 76 -19.40 -6.80 30.58
CA PHE B 76 -20.43 -5.79 30.78
C PHE B 76 -20.75 -5.10 29.46
N GLN B 77 -21.94 -4.54 29.38
CA GLN B 77 -22.39 -3.82 28.19
C GLN B 77 -23.06 -2.51 28.57
N GLU B 78 -22.47 -1.79 29.52
CA GLU B 78 -23.05 -0.54 30.01
C GLU B 78 -22.53 0.63 29.20
N ARG B 79 -23.40 1.62 28.97
CA ARG B 79 -22.96 2.82 28.27
C ARG B 79 -22.56 3.90 29.27
N ASP B 80 -23.20 3.91 30.44
CA ASP B 80 -22.86 4.89 31.46
C ASP B 80 -21.78 4.32 32.36
N PRO B 81 -20.60 4.93 32.44
CA PRO B 81 -19.53 4.36 33.27
C PRO B 81 -19.89 4.26 34.74
N SER B 82 -20.74 5.15 35.25
CA SER B 82 -21.12 5.11 36.65
C SER B 82 -22.00 3.92 37.00
N LYS B 83 -22.58 3.25 36.01
CA LYS B 83 -23.45 2.10 36.23
C LYS B 83 -22.72 0.76 36.15
N ILE B 84 -21.43 0.76 35.84
CA ILE B 84 -20.68 -0.48 35.76
C ILE B 84 -20.32 -0.94 37.16
N LYS B 85 -20.62 -2.20 37.47
CA LYS B 85 -20.39 -2.76 38.80
C LYS B 85 -18.99 -3.39 38.85
N TRP B 86 -17.99 -2.51 38.87
CA TRP B 86 -16.61 -2.97 38.93
C TRP B 86 -16.33 -3.71 40.23
N GLY B 87 -16.86 -3.21 41.35
CA GLY B 87 -16.59 -3.83 42.64
C GLY B 87 -17.16 -5.23 42.76
N ASP B 88 -18.34 -5.45 42.17
CA ASP B 88 -18.94 -6.78 42.21
C ASP B 88 -18.08 -7.80 41.48
N ALA B 89 -17.50 -7.42 40.33
CA ALA B 89 -16.63 -8.31 39.59
C ALA B 89 -15.27 -8.49 40.24
N GLY B 90 -14.92 -7.65 41.22
CA GLY B 90 -13.64 -7.76 41.88
C GLY B 90 -12.52 -6.93 41.28
N ALA B 91 -12.84 -5.99 40.38
CA ALA B 91 -11.82 -5.18 39.75
C ALA B 91 -11.38 -4.07 40.69
N GLU B 92 -10.09 -4.01 40.98
CA GLU B 92 -9.54 -2.97 41.85
C GLU B 92 -9.03 -1.78 41.06
N TYR B 93 -8.35 -2.02 39.95
CA TYR B 93 -7.89 -0.97 39.05
C TYR B 93 -8.69 -1.04 37.76
N VAL B 94 -8.93 0.12 37.15
CA VAL B 94 -9.70 0.22 35.91
C VAL B 94 -8.88 0.98 34.90
N VAL B 95 -8.81 0.45 33.68
CA VAL B 95 -8.11 1.10 32.56
C VAL B 95 -9.16 1.72 31.67
N GLU B 96 -9.14 3.04 31.56
CA GLU B 96 -10.09 3.79 30.73
C GLU B 96 -9.44 4.02 29.37
N SER B 97 -9.87 3.25 28.37
CA SER B 97 -9.23 3.26 27.06
C SER B 97 -10.19 3.65 25.93
N THR B 98 -11.41 4.08 26.25
CA THR B 98 -12.34 4.46 25.20
C THR B 98 -11.93 5.75 24.49
N GLY B 99 -11.14 6.60 25.14
CA GLY B 99 -10.70 7.83 24.55
C GLY B 99 -11.66 9.00 24.66
N VAL B 100 -12.81 8.81 25.30
CA VAL B 100 -13.79 9.88 25.46
C VAL B 100 -13.96 10.32 26.90
N PHE B 101 -13.36 9.61 27.87
CA PHE B 101 -13.40 9.99 29.28
C PHE B 101 -11.97 10.26 29.71
N THR B 102 -11.49 11.48 29.46
CA THR B 102 -10.10 11.83 29.72
C THR B 102 -9.92 12.85 30.83
N THR B 103 -10.96 13.63 31.15
CA THR B 103 -10.87 14.56 32.27
C THR B 103 -11.03 13.81 33.59
N MET B 104 -10.59 14.46 34.67
CA MET B 104 -10.72 13.86 35.99
C MET B 104 -12.18 13.65 36.36
N GLU B 105 -13.03 14.65 36.08
CA GLU B 105 -14.45 14.53 36.42
C GLU B 105 -15.11 13.39 35.63
N LYS B 106 -14.82 13.29 34.33
CA LYS B 106 -15.41 12.23 33.53
C LYS B 106 -14.87 10.86 33.93
N ALA B 107 -13.57 10.76 34.15
CA ALA B 107 -12.96 9.48 34.48
C ALA B 107 -13.27 9.03 35.91
N GLY B 108 -13.70 9.94 36.77
CA GLY B 108 -14.00 9.58 38.14
C GLY B 108 -15.31 8.83 38.32
N ALA B 109 -16.12 8.73 37.27
CA ALA B 109 -17.37 7.98 37.37
C ALA B 109 -17.11 6.51 37.66
N HIS B 110 -15.96 5.97 37.23
CA HIS B 110 -15.64 4.58 37.50
C HIS B 110 -15.48 4.31 38.99
N LEU B 111 -15.09 5.32 39.76
CA LEU B 111 -14.97 5.14 41.20
C LEU B 111 -16.32 4.89 41.87
N GLN B 112 -17.39 5.42 41.29
CA GLN B 112 -18.72 5.19 41.85
C GLN B 112 -19.12 3.73 41.77
N GLY B 113 -18.62 3.01 40.77
CA GLY B 113 -18.93 1.60 40.61
C GLY B 113 -18.16 0.65 41.51
N GLY B 114 -17.21 1.17 42.28
CA GLY B 114 -16.43 0.35 43.19
C GLY B 114 -14.96 0.25 42.87
N ALA B 115 -14.48 0.82 41.77
CA ALA B 115 -13.06 0.78 41.47
C ALA B 115 -12.28 1.66 42.44
N LYS B 116 -11.04 1.25 42.72
CA LYS B 116 -10.18 1.98 43.65
C LYS B 116 -9.38 3.07 42.95
N ARG B 117 -8.79 2.75 41.81
CA ARG B 117 -7.98 3.71 41.05
C ARG B 117 -8.30 3.58 39.57
N VAL B 118 -8.11 4.67 38.84
CA VAL B 118 -8.39 4.72 37.40
C VAL B 118 -7.13 5.16 36.68
N ILE B 119 -6.78 4.46 35.61
CA ILE B 119 -5.64 4.81 34.77
C ILE B 119 -6.17 5.15 33.38
N ILE B 120 -5.89 6.35 32.92
CA ILE B 120 -6.34 6.82 31.61
C ILE B 120 -5.22 6.54 30.61
N SER B 121 -5.52 5.72 29.60
CA SER B 121 -4.54 5.36 28.58
C SER B 121 -4.54 6.36 27.43
N ALA B 122 -4.38 7.64 27.77
CA ALA B 122 -4.37 8.71 26.79
C ALA B 122 -3.99 10.00 27.51
N PRO B 123 -3.61 11.04 26.77
CA PRO B 123 -3.31 12.33 27.40
C PRO B 123 -4.53 12.89 28.12
N SER B 124 -4.29 13.54 29.25
CA SER B 124 -5.35 14.12 30.06
C SER B 124 -5.08 15.59 30.27
N ALA B 125 -6.15 16.39 30.29
CA ALA B 125 -6.01 17.82 30.46
C ALA B 125 -5.65 18.19 31.90
N ASP B 126 -6.14 17.43 32.88
CA ASP B 126 -5.93 17.77 34.28
C ASP B 126 -5.44 16.60 35.13
N ALA B 127 -5.41 15.39 34.60
CA ALA B 127 -4.89 14.35 35.49
C ALA B 127 -3.36 14.31 35.43
N PRO B 128 -2.72 13.93 36.52
CA PRO B 128 -1.25 13.81 36.51
C PRO B 128 -0.79 12.77 35.50
N MET B 129 0.33 13.05 34.85
CA MET B 129 0.88 12.19 33.82
C MET B 129 2.16 11.53 34.30
N PHE B 130 2.30 10.24 34.00
CA PHE B 130 3.47 9.47 34.39
C PHE B 130 4.00 8.68 33.20
N VAL B 131 5.32 8.64 33.06
CA VAL B 131 5.99 7.88 32.03
C VAL B 131 6.99 6.95 32.72
N MET B 132 6.90 5.66 32.42
CA MET B 132 7.74 4.68 33.09
C MET B 132 9.20 4.91 32.74
N GLY B 133 10.05 4.92 33.78
CA GLY B 133 11.46 5.16 33.61
C GLY B 133 11.86 6.62 33.58
N VAL B 134 10.90 7.55 33.65
CA VAL B 134 11.21 8.98 33.60
C VAL B 134 10.80 9.64 34.91
N ASN B 135 9.51 9.55 35.25
CA ASN B 135 9.02 10.18 36.48
C ASN B 135 8.06 9.28 37.25
N HIS B 136 8.08 7.96 37.01
CA HIS B 136 7.14 7.08 37.68
C HIS B 136 7.41 6.97 39.17
N GLU B 137 8.59 7.39 39.64
CA GLU B 137 8.87 7.43 41.06
C GLU B 137 8.10 8.53 41.79
N LYS B 138 7.49 9.46 41.06
CA LYS B 138 6.73 10.54 41.68
C LYS B 138 5.34 10.12 42.14
N TYR B 139 4.87 8.95 41.70
CA TYR B 139 3.53 8.51 42.04
C TYR B 139 3.35 8.19 43.51
N ASP B 140 2.15 8.41 44.03
CA ASP B 140 1.86 8.08 45.42
C ASP B 140 0.47 7.49 45.51
N ASN B 141 0.21 6.74 46.58
CA ASN B 141 -1.09 6.10 46.73
C ASN B 141 -2.22 7.12 46.87
N SER B 142 -1.86 8.38 47.13
CA SER B 142 -2.87 9.42 47.23
C SER B 142 -3.57 9.61 45.90
N LEU B 143 -2.94 9.18 44.81
CA LEU B 143 -3.52 9.35 43.48
C LEU B 143 -4.50 8.26 43.07
N LYS B 144 -5.72 8.65 42.71
CA LYS B 144 -6.72 7.71 42.24
C LYS B 144 -6.91 7.80 40.73
N ILE B 145 -6.75 8.99 40.18
CA ILE B 145 -6.89 9.17 38.74
C ILE B 145 -5.63 9.74 38.13
N ILE B 146 -4.93 8.94 37.34
CA ILE B 146 -3.70 9.38 36.69
C ILE B 146 -3.73 9.13 35.19
N SER B 147 -2.63 9.43 34.51
CA SER B 147 -2.56 9.25 33.06
C SER B 147 -1.23 8.66 32.63
N ASN B 148 -1.25 7.88 31.55
CA ASN B 148 -0.01 7.29 31.05
C ASN B 148 0.46 8.05 29.81
N ALA B 149 -0.07 9.25 29.61
CA ALA B 149 0.33 10.06 28.46
C ALA B 149 -0.03 9.45 27.11
N SER B 150 0.96 9.32 26.24
CA SER B 150 0.71 8.78 24.91
C SER B 150 1.93 8.03 24.38
N CYS B 151 1.76 7.31 23.29
CA CYS B 151 2.89 6.52 22.69
C CYS B 151 4.03 7.46 22.31
N THR B 152 3.77 8.49 21.51
CA THR B 152 4.83 9.39 21.06
C THR B 152 5.57 10.00 22.25
N THR B 153 4.84 10.42 23.27
CA THR B 153 5.48 10.95 24.46
C THR B 153 6.33 9.89 25.15
N ASN B 154 5.83 8.65 25.21
CA ASN B 154 6.61 7.58 25.82
C ASN B 154 7.88 7.27 25.04
N CYS B 155 7.85 7.46 23.71
CA CYS B 155 9.07 7.29 22.94
C CYS B 155 10.05 8.45 23.15
N LEU B 156 9.54 9.68 23.18
CA LEU B 156 10.42 10.83 23.22
C LEU B 156 11.01 11.08 24.61
N ALA B 157 10.26 10.76 25.67
CA ALA B 157 10.66 11.17 27.02
C ALA B 157 11.97 10.55 27.49
N PRO B 158 12.21 9.24 27.38
CA PRO B 158 13.46 8.68 27.90
C PRO B 158 14.71 9.19 27.20
N LEU B 159 14.68 9.26 25.87
CA LEU B 159 15.82 9.78 25.12
C LEU B 159 16.09 11.23 25.48
N ALA B 160 15.03 12.04 25.57
CA ALA B 160 15.19 13.44 25.95
C ALA B 160 15.75 13.55 27.36
N LYS B 161 15.31 12.69 28.27
CA LYS B 161 15.83 12.73 29.64
C LYS B 161 17.31 12.43 29.68
N VAL B 162 17.75 11.40 28.94
CA VAL B 162 19.16 11.05 28.91
C VAL B 162 19.98 12.20 28.32
N ILE B 163 19.51 12.75 27.20
CA ILE B 163 20.24 13.80 26.51
C ILE B 163 20.32 15.05 27.39
N HIS B 164 19.22 15.41 28.05
CA HIS B 164 19.23 16.58 28.92
C HIS B 164 20.13 16.37 30.13
N ASP B 165 20.11 15.18 30.72
CA ASP B 165 20.94 14.91 31.89
C ASP B 165 22.42 14.95 31.53
N ASN B 166 22.78 14.53 30.32
CA ASN B 166 24.19 14.45 29.97
C ASN B 166 24.74 15.71 29.31
N PHE B 167 23.94 16.42 28.52
CA PHE B 167 24.43 17.54 27.73
C PHE B 167 23.63 18.82 27.83
N GLY B 168 22.45 18.81 28.46
CA GLY B 168 21.71 20.05 28.62
C GLY B 168 21.04 20.59 27.37
N ILE B 169 19.94 19.96 26.95
CA ILE B 169 19.16 20.45 25.80
C ILE B 169 18.75 21.90 26.04
N VAL B 170 18.99 22.74 25.03
CA VAL B 170 18.59 24.14 25.09
C VAL B 170 17.24 24.36 24.44
N GLU B 171 17.00 23.73 23.30
CA GLU B 171 15.71 23.78 22.62
C GLU B 171 15.74 22.76 21.48
N GLY B 172 14.57 22.19 21.20
CA GLY B 172 14.49 21.15 20.18
C GLY B 172 13.13 21.12 19.53
N LEU B 173 13.11 20.65 18.27
CA LEU B 173 11.90 20.47 17.51
C LEU B 173 11.83 19.03 17.03
N MET B 174 10.66 18.40 17.18
CA MET B 174 10.50 16.99 16.90
C MET B 174 9.56 16.77 15.72
N THR B 175 9.90 15.79 14.89
CA THR B 175 9.02 15.32 13.82
C THR B 175 8.89 13.81 13.93
N THR B 176 7.67 13.31 13.86
CA THR B 176 7.42 11.87 13.92
C THR B 176 6.72 11.41 12.65
N VAL B 177 7.25 10.36 12.03
CA VAL B 177 6.61 9.71 10.91
C VAL B 177 5.78 8.56 11.47
N HIS B 178 4.46 8.70 11.44
CA HIS B 178 3.55 7.84 12.18
C HIS B 178 2.76 6.95 11.23
N ALA B 179 2.51 5.72 11.69
CA ALA B 179 1.68 4.79 10.94
C ALA B 179 0.20 5.19 11.05
N ILE B 180 -0.62 4.59 10.19
CA ILE B 180 -2.04 4.94 10.16
C ILE B 180 -2.73 4.38 11.40
N THR B 181 -3.81 5.05 11.81
CA THR B 181 -4.56 4.69 13.01
C THR B 181 -6.03 4.54 12.65
N ALA B 182 -6.83 4.19 13.66
CA ALA B 182 -8.25 3.94 13.45
C ALA B 182 -9.04 5.21 13.15
N THR B 183 -8.52 6.38 13.51
CA THR B 183 -9.23 7.63 13.26
C THR B 183 -9.18 8.05 11.81
N GLN B 184 -8.35 7.44 10.98
CA GLN B 184 -8.22 7.81 9.59
C GLN B 184 -9.26 7.07 8.75
N LYS B 185 -9.27 7.35 7.45
CA LYS B 185 -10.30 6.83 6.56
C LYS B 185 -9.66 6.23 5.31
N THR B 186 -10.27 5.15 4.81
CA THR B 186 -9.71 4.44 3.62
C THR B 186 -9.77 5.37 2.40
N VAL B 187 -10.94 5.95 2.13
CA VAL B 187 -11.12 6.82 0.93
C VAL B 187 -11.50 8.23 1.40
N ASP B 188 -11.34 9.23 0.52
CA ASP B 188 -11.73 10.63 0.87
C ASP B 188 -13.11 10.62 1.52
N GLY B 189 -13.22 11.11 2.76
CA GLY B 189 -14.47 11.10 3.48
C GLY B 189 -14.57 12.27 4.45
N PRO B 190 -15.76 12.50 4.97
CA PRO B 190 -15.97 13.65 5.87
C PRO B 190 -15.17 13.52 7.16
N SER B 191 -14.66 14.65 7.63
CA SER B 191 -13.92 14.71 8.90
C SER B 191 -14.18 16.10 9.46
N GLY B 192 -14.93 16.16 10.56
CA GLY B 192 -15.47 17.40 11.09
C GLY B 192 -14.51 18.56 11.26
N LYS B 193 -13.56 18.42 12.17
CA LYS B 193 -12.66 19.53 12.48
C LYS B 193 -11.36 19.46 11.69
N LEU B 194 -10.73 18.29 11.63
CA LEU B 194 -9.46 18.12 10.94
C LEU B 194 -9.76 17.71 9.50
N TRP B 195 -9.75 18.69 8.59
CA TRP B 195 -10.06 18.40 7.19
C TRP B 195 -9.02 17.48 6.56
N ARG B 196 -7.74 17.69 6.89
CA ARG B 196 -6.69 16.86 6.34
C ARG B 196 -6.84 15.40 6.76
N ASP B 197 -7.35 15.16 7.97
CA ASP B 197 -7.48 13.80 8.48
C ASP B 197 -8.56 13.00 7.75
N GLY B 198 -9.44 13.66 6.99
CA GLY B 198 -10.47 12.96 6.25
C GLY B 198 -10.05 12.46 4.88
N ARG B 199 -8.85 12.79 4.43
CA ARG B 199 -8.39 12.36 3.12
C ARG B 199 -7.92 10.91 3.17
N GLY B 200 -7.84 10.28 2.00
CA GLY B 200 -7.52 8.88 1.89
C GLY B 200 -6.18 8.50 2.50
N ALA B 201 -6.20 7.55 3.43
CA ALA B 201 -5.00 7.21 4.17
C ALA B 201 -4.02 6.40 3.32
N LEU B 202 -4.53 5.63 2.36
CA LEU B 202 -3.67 4.78 1.55
C LEU B 202 -2.91 5.54 0.47
N GLN B 203 -3.32 6.76 0.14
CA GLN B 203 -2.75 7.49 -0.99
C GLN B 203 -1.96 8.73 -0.60
N ASN B 204 -2.00 9.14 0.69
CA ASN B 204 -1.36 10.44 1.03
C ASN B 204 -0.45 10.36 2.27
N ILE B 205 0.21 11.48 2.61
CA ILE B 205 1.08 11.54 3.81
C ILE B 205 0.34 12.34 4.90
N ILE B 206 -0.68 13.12 4.51
CA ILE B 206 -1.53 13.86 5.49
C ILE B 206 -0.82 14.40 6.73
N PRO B 207 -0.03 15.49 6.64
CA PRO B 207 0.57 16.11 7.82
C PRO B 207 -0.42 16.29 8.98
N ALA B 208 0.07 16.45 10.21
CA ALA B 208 -0.82 16.55 11.35
C ALA B 208 -0.10 17.22 12.51
N SER B 209 -0.89 17.76 13.44
CA SER B 209 -0.36 18.40 14.64
C SER B 209 -0.50 17.47 15.84
N THR B 210 0.42 17.61 16.79
CA THR B 210 0.45 16.76 17.96
C THR B 210 0.97 17.55 19.16
N GLY B 211 0.65 17.04 20.35
CA GLY B 211 1.10 17.66 21.59
C GLY B 211 2.04 16.84 22.44
N ALA B 212 2.63 15.76 21.90
CA ALA B 212 3.50 14.91 22.70
C ALA B 212 4.75 15.65 23.15
N ALA B 213 5.34 16.44 22.25
CA ALA B 213 6.56 17.18 22.59
C ALA B 213 6.31 18.17 23.71
N LYS B 214 5.16 18.85 23.67
CA LYS B 214 4.79 19.74 24.76
C LYS B 214 4.56 18.97 26.05
N ALA B 215 3.93 17.80 25.96
CA ALA B 215 3.67 16.99 27.15
C ALA B 215 4.95 16.50 27.80
N VAL B 216 6.03 16.38 27.02
CA VAL B 216 7.32 16.04 27.60
C VAL B 216 7.73 17.07 28.64
N GLY B 217 7.38 18.33 28.42
CA GLY B 217 7.64 19.36 29.42
C GLY B 217 6.91 19.10 30.72
N LYS B 218 5.67 18.62 30.64
CA LYS B 218 4.95 18.22 31.84
C LYS B 218 5.63 17.05 32.54
N VAL B 219 6.11 16.07 31.76
CA VAL B 219 6.77 14.92 32.36
C VAL B 219 8.13 15.31 32.93
N ILE B 220 8.88 16.14 32.23
CA ILE B 220 10.17 16.64 32.67
C ILE B 220 10.07 18.14 32.86
N PRO B 221 9.93 18.62 34.10
CA PRO B 221 9.68 20.05 34.33
C PRO B 221 10.77 20.98 33.81
N GLU B 222 12.03 20.55 33.83
CA GLU B 222 13.11 21.42 33.37
C GLU B 222 13.04 21.71 31.88
N LEU B 223 12.32 20.91 31.11
CA LEU B 223 12.20 21.10 29.67
C LEU B 223 10.93 21.82 29.27
N ASN B 224 10.22 22.43 30.23
CA ASN B 224 8.99 23.13 29.92
C ASN B 224 9.26 24.31 28.99
N GLY B 225 8.49 24.38 27.90
CA GLY B 225 8.63 25.46 26.95
C GLY B 225 9.82 25.36 26.03
N LYS B 226 10.51 24.23 25.99
CA LYS B 226 11.69 24.05 25.16
C LYS B 226 11.52 23.03 24.05
N LEU B 227 10.34 22.42 23.92
CA LEU B 227 10.10 21.39 22.92
C LEU B 227 8.76 21.60 22.25
N THR B 228 8.64 21.13 21.01
CA THR B 228 7.41 21.14 20.26
C THR B 228 7.69 20.46 18.92
N GLY B 229 6.63 20.16 18.17
CA GLY B 229 6.82 19.51 16.89
C GLY B 229 5.49 19.17 16.23
N MET B 230 5.58 18.38 15.17
CA MET B 230 4.43 17.97 14.38
C MET B 230 4.65 16.54 13.91
N ALA B 231 3.73 16.04 13.09
CA ALA B 231 3.76 14.65 12.66
C ALA B 231 3.36 14.52 11.20
N PHE B 232 3.79 13.43 10.58
CA PHE B 232 3.36 13.01 9.25
C PHE B 232 2.80 11.59 9.36
N ARG B 233 1.62 11.38 8.78
CA ARG B 233 0.96 10.08 8.81
C ARG B 233 1.18 9.36 7.49
N VAL B 234 1.96 8.27 7.52
CA VAL B 234 2.29 7.55 6.26
C VAL B 234 1.47 6.27 6.17
N PRO B 235 1.26 5.68 4.97
CA PRO B 235 0.42 4.48 4.82
C PRO B 235 1.14 3.21 5.27
N THR B 236 1.53 3.14 6.55
CA THR B 236 2.18 1.91 7.10
C THR B 236 1.28 1.32 8.18
N ALA B 237 1.34 -0.01 8.37
CA ALA B 237 0.46 -0.69 9.34
C ALA B 237 0.62 -0.15 10.77
N ASN B 238 1.79 -0.32 11.39
CA ASN B 238 1.91 0.10 12.82
C ASN B 238 3.24 0.79 13.15
N VAL B 239 4.39 0.12 12.98
CA VAL B 239 5.69 0.71 13.42
C VAL B 239 5.77 2.20 13.09
N SER B 240 6.24 3.02 14.03
CA SER B 240 6.42 4.48 13.80
C SER B 240 7.83 4.91 14.25
N VAL B 241 8.24 6.15 13.96
CA VAL B 241 9.63 6.59 14.29
C VAL B 241 9.60 8.04 14.79
N VAL B 242 10.64 8.46 15.53
CA VAL B 242 10.73 9.85 16.06
C VAL B 242 12.02 10.51 15.54
N ASP B 243 11.96 11.79 15.19
CA ASP B 243 13.12 12.51 14.68
C ASP B 243 13.25 13.81 15.47
N LEU B 244 14.28 13.92 16.30
CA LEU B 244 14.45 15.04 17.23
C LEU B 244 15.66 15.86 16.83
N THR B 245 15.46 17.16 16.61
CA THR B 245 16.53 18.10 16.30
C THR B 245 16.66 19.07 17.48
N CYS B 246 17.85 19.09 18.07
CA CYS B 246 18.06 19.92 19.24
C CYS B 246 19.42 20.54 19.34
N ARG B 247 19.51 21.62 20.09
CA ARG B 247 20.76 22.32 20.32
C ARG B 247 21.23 22.03 21.75
N LEU B 248 22.50 21.66 21.88
CA LEU B 248 23.03 21.20 23.16
C LEU B 248 23.83 22.32 23.84
N GLU B 249 23.73 22.35 25.18
CA GLU B 249 24.46 23.35 25.94
C GLU B 249 25.95 23.06 25.97
N LYS B 250 26.32 21.81 26.20
CA LYS B 250 27.71 21.40 26.25
C LYS B 250 28.12 20.71 24.96
N PRO B 251 29.40 20.79 24.60
CA PRO B 251 29.87 20.10 23.39
C PRO B 251 29.67 18.60 23.51
N ALA B 252 29.29 17.97 22.39
CA ALA B 252 29.03 16.54 22.40
C ALA B 252 29.24 16.00 20.99
N LYS B 253 30.33 15.25 20.80
CA LYS B 253 30.50 14.52 19.56
C LYS B 253 29.51 13.36 19.49
N TYR B 254 29.26 12.88 18.28
CA TYR B 254 28.28 11.82 18.09
C TYR B 254 28.68 10.54 18.83
N ASP B 255 29.99 10.27 18.92
CA ASP B 255 30.45 9.08 19.63
C ASP B 255 30.09 9.15 21.12
N ASP B 256 30.23 10.33 21.73
CA ASP B 256 29.88 10.49 23.13
C ASP B 256 28.38 10.28 23.36
N ILE B 257 27.56 10.80 22.45
CA ILE B 257 26.11 10.59 22.53
C ILE B 257 25.78 9.11 22.45
N LYS B 258 26.43 8.41 21.51
CA LYS B 258 26.21 6.97 21.38
C LYS B 258 26.60 6.24 22.64
N LYS B 259 27.75 6.60 23.22
CA LYS B 259 28.22 5.94 24.43
C LYS B 259 27.25 6.14 25.59
N VAL B 260 26.80 7.38 25.80
CA VAL B 260 25.89 7.63 26.92
C VAL B 260 24.55 6.95 26.71
N VAL B 261 24.04 6.94 25.47
CA VAL B 261 22.76 6.29 25.21
C VAL B 261 22.87 4.78 25.45
N LYS B 262 23.97 4.17 24.98
CA LYS B 262 24.15 2.74 25.21
C LYS B 262 24.27 2.42 26.69
N GLN B 263 25.02 3.24 27.44
CA GLN B 263 25.15 3.01 28.87
C GLN B 263 23.81 3.13 29.58
N ALA B 264 23.00 4.13 29.19
CA ALA B 264 21.67 4.27 29.78
C ALA B 264 20.79 3.07 29.44
N SER B 265 20.82 2.62 28.20
CA SER B 265 19.99 1.48 27.80
C SER B 265 20.42 0.20 28.47
N GLU B 266 21.67 0.11 28.93
CA GLU B 266 22.09 -1.13 29.58
C GLU B 266 21.57 -1.22 31.02
N GLY B 267 21.99 -0.31 31.88
CA GLY B 267 21.66 -0.42 33.28
C GLY B 267 20.31 0.16 33.70
N PRO B 268 20.17 1.48 33.67
CA PRO B 268 18.99 2.10 34.31
C PRO B 268 17.71 1.93 33.53
N LEU B 269 17.73 2.15 32.21
CA LEU B 269 16.53 2.09 31.39
C LEU B 269 16.40 0.77 30.64
N LYS B 270 16.87 -0.32 31.24
CA LYS B 270 16.78 -1.62 30.61
C LYS B 270 15.32 -2.01 30.38
N GLY B 271 15.01 -2.43 29.16
CA GLY B 271 13.66 -2.79 28.78
C GLY B 271 12.79 -1.62 28.39
N ILE B 272 13.21 -0.39 28.64
CA ILE B 272 12.45 0.79 28.27
C ILE B 272 13.06 1.49 27.06
N LEU B 273 14.36 1.74 27.10
CA LEU B 273 15.09 2.37 26.01
C LEU B 273 16.06 1.36 25.42
N GLY B 274 15.96 1.14 24.11
CA GLY B 274 16.84 0.21 23.42
C GLY B 274 17.97 0.92 22.69
N TYR B 275 18.86 0.11 22.13
CA TYR B 275 20.02 0.63 21.41
C TYR B 275 20.41 -0.39 20.34
N THR B 276 20.67 0.10 19.14
CA THR B 276 21.06 -0.79 18.04
C THR B 276 21.99 -0.05 17.10
N GLU B 277 22.93 -0.81 16.52
CA GLU B 277 23.84 -0.29 15.51
C GLU B 277 23.68 -0.99 14.17
N HIS B 278 22.66 -1.85 14.03
CA HIS B 278 22.45 -2.59 12.80
C HIS B 278 21.66 -1.75 11.78
N GLN B 279 21.61 -2.24 10.55
CA GLN B 279 20.89 -1.57 9.48
C GLN B 279 19.42 -2.00 9.50
N VAL B 280 18.70 -1.49 10.48
CA VAL B 280 17.32 -1.89 10.72
C VAL B 280 16.37 -1.04 9.89
N VAL B 281 15.16 -1.56 9.68
CA VAL B 281 14.06 -0.84 9.06
C VAL B 281 12.85 -0.97 9.98
N SER B 282 11.73 -0.39 9.55
CA SER B 282 10.56 -0.26 10.44
C SER B 282 10.00 -1.63 10.82
N SER B 283 9.94 -2.57 9.90
CA SER B 283 9.34 -3.87 10.19
C SER B 283 10.15 -4.68 11.20
N ASP B 284 11.41 -4.32 11.43
CA ASP B 284 12.23 -5.03 12.41
C ASP B 284 11.78 -4.78 13.85
N PHE B 285 10.90 -3.82 14.08
CA PHE B 285 10.42 -3.49 15.43
C PHE B 285 8.96 -3.87 15.64
N ASN B 286 8.43 -4.77 14.82
CA ASN B 286 7.06 -5.22 15.00
C ASN B 286 6.97 -6.14 16.22
N SER B 287 6.04 -5.83 17.12
CA SER B 287 5.85 -6.55 18.39
C SER B 287 7.00 -6.35 19.36
N ASP B 288 7.78 -5.27 19.20
CA ASP B 288 8.84 -4.95 20.14
C ASP B 288 8.25 -4.20 21.33
N THR B 289 8.67 -4.59 22.53
CA THR B 289 8.09 -4.06 23.77
C THR B 289 8.81 -2.83 24.30
N HIS B 290 9.87 -2.36 23.62
CA HIS B 290 10.58 -1.18 24.08
C HIS B 290 9.74 0.07 23.83
N SER B 291 9.91 1.07 24.71
CA SER B 291 9.29 2.37 24.49
C SER B 291 9.96 3.11 23.33
N SER B 292 11.27 3.01 23.22
CA SER B 292 12.02 3.65 22.15
C SER B 292 13.33 2.93 21.96
N THR B 293 13.77 2.86 20.70
CA THR B 293 15.05 2.24 20.34
C THR B 293 15.88 3.26 19.57
N PHE B 294 17.06 3.57 20.09
CA PHE B 294 17.94 4.55 19.48
C PHE B 294 18.64 3.95 18.26
N ASP B 295 18.53 4.62 17.12
CA ASP B 295 19.15 4.18 15.87
C ASP B 295 20.45 4.96 15.70
N ALA B 296 21.57 4.32 16.05
CA ALA B 296 22.86 5.02 16.03
C ALA B 296 23.25 5.43 14.61
N GLY B 297 23.04 4.55 13.63
CA GLY B 297 23.51 4.81 12.29
C GLY B 297 22.67 5.79 11.49
N ALA B 298 21.43 6.04 11.91
CA ALA B 298 20.53 6.89 11.14
C ALA B 298 20.68 8.38 11.47
N GLY B 299 21.19 8.72 12.64
CA GLY B 299 21.31 10.12 13.02
C GLY B 299 22.47 10.82 12.34
N ILE B 300 22.48 12.14 12.48
CA ILE B 300 23.52 12.99 11.88
C ILE B 300 23.69 14.22 12.73
N ALA B 301 24.91 14.75 12.77
CA ALA B 301 25.24 15.94 13.55
C ALA B 301 25.91 16.97 12.66
N LEU B 302 25.39 18.20 12.66
CA LEU B 302 26.03 19.27 11.91
C LEU B 302 27.33 19.70 12.58
N ASN B 303 27.31 19.92 13.89
CA ASN B 303 28.49 20.28 14.65
C ASN B 303 28.32 19.74 16.06
N ASP B 304 29.15 20.24 16.99
CA ASP B 304 29.13 19.74 18.36
C ASP B 304 27.94 20.24 19.17
N HIS B 305 27.14 21.17 18.64
CA HIS B 305 26.02 21.74 19.38
C HIS B 305 24.69 21.60 18.64
N PHE B 306 24.65 20.88 17.53
CA PHE B 306 23.44 20.79 16.71
C PHE B 306 23.38 19.40 16.10
N VAL B 307 22.47 18.57 16.59
CA VAL B 307 22.40 17.16 16.21
C VAL B 307 20.95 16.77 15.92
N LYS B 308 20.80 15.65 15.21
CA LYS B 308 19.50 15.07 14.90
C LYS B 308 19.53 13.60 15.27
N LEU B 309 18.60 13.17 16.12
CA LEU B 309 18.58 11.82 16.65
C LEU B 309 17.31 11.10 16.22
N ILE B 310 17.44 9.79 16.02
CA ILE B 310 16.36 8.96 15.47
C ILE B 310 16.06 7.84 16.45
N SER B 311 14.78 7.59 16.70
CA SER B 311 14.35 6.53 17.61
C SER B 311 13.09 5.88 17.07
N TRP B 312 13.04 4.55 17.14
CA TRP B 312 11.91 3.76 16.66
C TRP B 312 11.01 3.37 17.83
N TYR B 313 9.73 3.16 17.52
CA TYR B 313 8.81 2.68 18.54
C TYR B 313 7.60 2.01 17.90
N ASP B 314 7.23 0.86 18.43
CA ASP B 314 5.96 0.20 18.10
C ASP B 314 4.88 0.90 18.92
N ASN B 315 4.06 1.70 18.25
CA ASN B 315 3.06 2.50 18.96
C ASN B 315 1.90 1.68 19.50
N GLU B 316 1.83 0.38 19.19
CA GLU B 316 0.78 -0.48 19.73
C GLU B 316 1.26 -1.30 20.92
N PHE B 317 2.31 -2.10 20.74
CA PHE B 317 2.74 -3.02 21.79
C PHE B 317 3.45 -2.30 22.93
N GLY B 318 4.31 -1.34 22.60
CA GLY B 318 5.11 -0.68 23.62
C GLY B 318 4.25 0.07 24.62
N TYR B 319 3.25 0.81 24.14
CA TYR B 319 2.39 1.57 25.02
C TYR B 319 1.57 0.66 25.93
N SER B 320 1.05 -0.45 25.38
CA SER B 320 0.28 -1.39 26.19
C SER B 320 1.14 -2.01 27.28
N ASN B 321 2.37 -2.40 26.93
CA ASN B 321 3.27 -2.95 27.93
C ASN B 321 3.62 -1.92 28.99
N ARG B 322 3.76 -0.65 28.59
CA ARG B 322 4.02 0.41 29.57
C ARG B 322 2.83 0.60 30.51
N VAL B 323 1.61 0.49 29.99
CA VAL B 323 0.42 0.59 30.83
C VAL B 323 0.42 -0.52 31.87
N VAL B 324 0.72 -1.75 31.43
CA VAL B 324 0.77 -2.87 32.37
C VAL B 324 1.86 -2.66 33.41
N ASP B 325 3.03 -2.18 32.99
CA ASP B 325 4.12 -1.94 33.93
C ASP B 325 3.75 -0.87 34.95
N LEU B 326 3.09 0.19 34.51
CA LEU B 326 2.66 1.24 35.43
C LEU B 326 1.67 0.70 36.45
N MET B 327 0.72 -0.13 36.00
CA MET B 327 -0.23 -0.72 36.95
C MET B 327 0.48 -1.62 37.95
N ALA B 328 1.47 -2.39 37.49
CA ALA B 328 2.22 -3.26 38.41
C ALA B 328 2.98 -2.43 39.44
N HIS B 329 3.61 -1.33 39.01
CA HIS B 329 4.32 -0.47 39.96
C HIS B 329 3.35 0.16 40.95
N MET B 330 2.18 0.58 40.49
CA MET B 330 1.16 1.14 41.38
C MET B 330 0.75 0.11 42.43
N ALA B 331 0.54 -1.14 42.00
CA ALA B 331 0.18 -2.19 42.94
C ALA B 331 1.27 -2.44 43.96
N SER B 332 2.53 -2.43 43.51
CA SER B 332 3.65 -2.59 44.44
C SER B 332 3.73 -1.44 45.44
N LYS B 333 3.34 -0.24 45.02
CA LYS B 333 3.39 0.92 45.90
C LYS B 333 2.32 0.91 46.98
N GLU B 334 1.36 -0.01 46.91
CA GLU B 334 0.24 -0.04 47.85
C GLU B 334 0.73 -0.31 49.27
N GLY C 1 20.51 -39.91 11.46
CA GLY C 1 20.22 -40.47 10.15
C GLY C 1 19.68 -39.45 9.17
N LYS C 2 19.64 -38.19 9.60
CA LYS C 2 19.14 -37.13 8.73
C LYS C 2 20.09 -36.90 7.57
N VAL C 3 19.52 -36.63 6.39
CA VAL C 3 20.29 -36.45 5.18
C VAL C 3 20.98 -35.08 5.20
N LYS C 4 22.13 -34.99 4.56
CA LYS C 4 22.87 -33.74 4.44
C LYS C 4 22.43 -33.03 3.16
N VAL C 5 22.09 -31.75 3.28
CA VAL C 5 21.50 -30.98 2.20
C VAL C 5 22.35 -29.77 1.91
N GLY C 6 22.58 -29.50 0.62
CA GLY C 6 23.22 -28.28 0.17
C GLY C 6 22.22 -27.44 -0.60
N VAL C 7 22.35 -26.12 -0.48
CA VAL C 7 21.43 -25.16 -1.10
C VAL C 7 22.20 -24.31 -2.09
N ASN C 8 21.71 -24.25 -3.33
CA ASN C 8 22.30 -23.42 -4.37
C ASN C 8 21.43 -22.18 -4.53
N GLY C 9 21.98 -21.03 -4.15
CA GLY C 9 21.24 -19.78 -4.21
C GLY C 9 20.66 -19.39 -2.88
N PHE C 10 20.88 -18.15 -2.47
CA PHE C 10 20.38 -17.63 -1.21
C PHE C 10 19.32 -16.54 -1.43
N GLY C 11 18.46 -16.76 -2.41
CA GLY C 11 17.34 -15.87 -2.64
C GLY C 11 16.23 -16.12 -1.64
N ARG C 12 15.02 -15.71 -2.00
CA ARG C 12 13.89 -15.91 -1.09
C ARG C 12 13.65 -17.38 -0.83
N ILE C 13 13.57 -18.18 -1.88
CA ILE C 13 13.28 -19.61 -1.71
C ILE C 13 14.38 -20.30 -0.93
N GLY C 14 15.64 -19.99 -1.24
CA GLY C 14 16.74 -20.64 -0.54
C GLY C 14 16.77 -20.29 0.94
N ARG C 15 16.62 -19.00 1.27
CA ARG C 15 16.60 -18.59 2.67
C ARG C 15 15.42 -19.20 3.41
N LEU C 16 14.25 -19.22 2.78
CA LEU C 16 13.08 -19.80 3.44
C LEU C 16 13.22 -21.30 3.62
N VAL C 17 13.85 -21.99 2.66
CA VAL C 17 14.09 -23.42 2.81
C VAL C 17 15.05 -23.68 3.96
N THR C 18 16.11 -22.88 4.08
CA THR C 18 17.02 -23.02 5.20
C THR C 18 16.30 -22.80 6.53
N ARG C 19 15.45 -21.77 6.57
CA ARG C 19 14.69 -21.48 7.78
C ARG C 19 13.77 -22.66 8.15
N ALA C 20 13.08 -23.21 7.15
CA ALA C 20 12.18 -24.34 7.40
C ALA C 20 12.94 -25.55 7.87
N ALA C 21 14.10 -25.83 7.26
CA ALA C 21 14.91 -26.97 7.67
C ALA C 21 15.38 -26.83 9.11
N PHE C 22 15.80 -25.62 9.51
CA PHE C 22 16.26 -25.44 10.88
C PHE C 22 15.10 -25.41 11.87
N ASN C 23 13.92 -24.98 11.44
CA ASN C 23 12.78 -24.96 12.35
C ASN C 23 12.21 -26.35 12.58
N SER C 24 12.14 -27.18 11.54
CA SER C 24 11.55 -28.50 11.66
C SER C 24 12.54 -29.56 12.13
N GLY C 25 13.79 -29.47 11.69
CA GLY C 25 14.79 -30.46 12.06
C GLY C 25 14.77 -31.73 11.26
N LYS C 26 13.99 -31.80 10.18
CA LYS C 26 13.92 -33.03 9.40
C LYS C 26 15.19 -33.29 8.62
N VAL C 27 15.90 -32.24 8.19
CA VAL C 27 17.13 -32.36 7.43
C VAL C 27 18.17 -31.43 8.04
N ASP C 28 19.42 -31.57 7.58
CA ASP C 28 20.54 -30.77 8.07
C ASP C 28 21.21 -30.06 6.91
N ILE C 29 21.24 -28.74 6.96
CA ILE C 29 21.93 -27.95 5.95
C ILE C 29 23.42 -27.89 6.30
N VAL C 30 24.27 -28.13 5.32
CA VAL C 30 25.71 -28.21 5.56
C VAL C 30 26.47 -27.31 4.60
N ALA C 31 25.80 -26.82 3.55
CA ALA C 31 26.49 -26.02 2.56
C ALA C 31 25.51 -25.09 1.87
N ILE C 32 26.01 -23.92 1.46
CA ILE C 32 25.24 -22.93 0.71
C ILE C 32 26.16 -22.31 -0.33
N ASN C 33 25.61 -22.03 -1.52
CA ASN C 33 26.36 -21.42 -2.60
C ASN C 33 25.63 -20.18 -3.10
N ASP C 34 26.35 -19.06 -3.12
CA ASP C 34 25.84 -17.83 -3.72
C ASP C 34 27.00 -16.94 -4.14
N PRO C 35 27.17 -16.68 -5.43
CA PRO C 35 28.34 -15.93 -5.88
C PRO C 35 28.27 -14.44 -5.62
N PHE C 36 27.10 -13.89 -5.30
CA PHE C 36 26.94 -12.44 -5.17
C PHE C 36 26.68 -11.98 -3.74
N ILE C 37 26.57 -12.89 -2.78
CA ILE C 37 26.31 -12.54 -1.38
C ILE C 37 27.48 -13.03 -0.55
N ASP C 38 28.07 -12.14 0.24
CA ASP C 38 29.17 -12.48 1.11
C ASP C 38 28.64 -13.00 2.45
N LEU C 39 29.57 -13.37 3.35
CA LEU C 39 29.19 -14.04 4.59
C LEU C 39 28.41 -13.11 5.52
N ASN C 40 28.93 -11.91 5.75
CA ASN C 40 28.26 -10.98 6.67
C ASN C 40 26.89 -10.57 6.12
N TYR C 41 26.81 -10.36 4.82
CA TYR C 41 25.52 -10.04 4.22
C TYR C 41 24.58 -11.22 4.39
N MET C 42 25.10 -12.44 4.25
CA MET C 42 24.28 -13.62 4.45
C MET C 42 23.71 -13.65 5.87
N VAL C 43 24.55 -13.32 6.86
CA VAL C 43 24.09 -13.28 8.25
C VAL C 43 22.97 -12.25 8.40
N TYR C 44 23.17 -11.07 7.82
CA TYR C 44 22.17 -10.01 7.92
C TYR C 44 20.86 -10.43 7.25
N MET C 45 20.95 -11.01 6.06
CA MET C 45 19.74 -11.38 5.32
C MET C 45 18.99 -12.51 6.01
N PHE C 46 19.69 -13.46 6.61
CA PHE C 46 19.01 -14.54 7.30
C PHE C 46 18.41 -14.08 8.62
N GLN C 47 19.09 -13.17 9.32
CA GLN C 47 18.63 -12.76 10.65
C GLN C 47 17.30 -12.01 10.59
N TYR C 48 17.16 -11.09 9.64
CA TYR C 48 16.01 -10.20 9.59
C TYR C 48 15.14 -10.52 8.39
N ASP C 49 13.83 -10.46 8.59
CA ASP C 49 12.85 -10.73 7.54
C ASP C 49 11.65 -9.82 7.72
N SER C 50 11.29 -9.09 6.67
CA SER C 50 10.16 -8.17 6.76
C SER C 50 8.84 -8.91 6.91
N THR C 51 8.69 -10.06 6.26
CA THR C 51 7.42 -10.77 6.23
C THR C 51 7.24 -11.72 7.41
N HIS C 52 8.27 -12.49 7.75
CA HIS C 52 8.15 -13.53 8.76
C HIS C 52 8.85 -13.21 10.07
N GLY C 53 9.37 -12.00 10.23
CA GLY C 53 9.94 -11.58 11.50
C GLY C 53 11.36 -12.08 11.71
N LYS C 54 11.89 -11.72 12.87
CA LYS C 54 13.26 -12.08 13.23
C LYS C 54 13.39 -13.58 13.44
N PHE C 55 14.53 -14.13 13.03
CA PHE C 55 14.79 -15.55 13.20
C PHE C 55 14.87 -15.90 14.68
N HIS C 56 14.20 -16.98 15.07
CA HIS C 56 14.20 -17.44 16.47
C HIS C 56 15.39 -18.37 16.66
N GLY C 57 16.50 -17.78 17.09
CA GLY C 57 17.73 -18.54 17.25
C GLY C 57 18.93 -17.61 17.15
N THR C 58 20.09 -18.22 16.92
CA THR C 58 21.34 -17.48 16.82
C THR C 58 21.99 -17.75 15.46
N VAL C 59 22.47 -16.68 14.83
CA VAL C 59 23.19 -16.78 13.56
C VAL C 59 24.37 -15.83 13.62
N LYS C 60 25.54 -16.31 13.20
CA LYS C 60 26.75 -15.50 13.22
C LYS C 60 27.78 -16.13 12.29
N ALA C 61 28.83 -15.37 12.02
CA ALA C 61 29.94 -15.81 11.17
C ALA C 61 31.16 -16.08 12.03
N GLU C 62 31.81 -17.22 11.78
CA GLU C 62 32.98 -17.62 12.56
C GLU C 62 33.89 -18.47 11.70
N ASN C 63 35.13 -18.02 11.53
CA ASN C 63 36.12 -18.72 10.70
C ASN C 63 35.62 -18.93 9.28
N GLY C 64 34.95 -17.91 8.74
CA GLY C 64 34.46 -18.00 7.38
C GLY C 64 33.32 -18.97 7.16
N LYS C 65 32.61 -19.34 8.22
CA LYS C 65 31.48 -20.25 8.12
C LYS C 65 30.25 -19.61 8.75
N LEU C 66 29.09 -19.91 8.18
CA LEU C 66 27.82 -19.46 8.75
C LEU C 66 27.38 -20.44 9.82
N VAL C 67 27.24 -19.95 11.05
CA VAL C 67 26.89 -20.80 12.19
C VAL C 67 25.47 -20.46 12.60
N ILE C 68 24.55 -21.42 12.44
CA ILE C 68 23.16 -21.24 12.79
C ILE C 68 22.82 -22.27 13.87
N ASN C 69 22.46 -21.78 15.06
CA ASN C 69 22.14 -22.63 16.20
C ASN C 69 23.32 -23.53 16.58
N GLY C 70 24.54 -23.06 16.35
CA GLY C 70 25.72 -23.83 16.67
C GLY C 70 26.22 -24.75 15.58
N ASN C 71 25.52 -24.83 14.44
CA ASN C 71 25.93 -25.71 13.35
C ASN C 71 26.66 -24.92 12.29
N PRO C 72 27.94 -25.20 12.03
CA PRO C 72 28.65 -24.46 10.98
C PRO C 72 28.24 -24.92 9.59
N ILE C 73 28.24 -23.97 8.65
CA ILE C 73 27.81 -24.21 7.28
C ILE C 73 28.89 -23.70 6.33
N THR C 74 29.31 -24.55 5.39
CA THR C 74 30.30 -24.13 4.40
C THR C 74 29.66 -23.20 3.38
N ILE C 75 30.43 -22.20 2.95
CA ILE C 75 29.95 -21.18 2.03
C ILE C 75 30.78 -21.22 0.75
N PHE C 76 30.10 -21.26 -0.39
CA PHE C 76 30.74 -21.24 -1.70
C PHE C 76 30.31 -19.99 -2.46
N GLN C 77 31.14 -19.59 -3.41
CA GLN C 77 30.88 -18.42 -4.25
C GLN C 77 31.17 -18.73 -5.71
N GLU C 78 30.75 -19.91 -6.16
CA GLU C 78 31.01 -20.34 -7.53
C GLU C 78 29.88 -19.92 -8.46
N ARG C 79 30.23 -19.54 -9.68
CA ARG C 79 29.21 -19.19 -10.66
C ARG C 79 28.86 -20.40 -11.52
N ASP C 80 29.83 -21.28 -11.75
CA ASP C 80 29.57 -22.47 -12.54
C ASP C 80 29.14 -23.59 -11.61
N PRO C 81 27.92 -24.15 -11.76
CA PRO C 81 27.47 -25.21 -10.84
C PRO C 81 28.34 -26.45 -10.86
N SER C 82 28.97 -26.75 -12.00
CA SER C 82 29.82 -27.94 -12.08
C SER C 82 31.11 -27.81 -11.28
N LYS C 83 31.49 -26.60 -10.87
CA LYS C 83 32.71 -26.38 -10.11
C LYS C 83 32.48 -26.35 -8.60
N ILE C 84 31.25 -26.51 -8.14
CA ILE C 84 30.97 -26.51 -6.72
C ILE C 84 31.31 -27.87 -6.14
N LYS C 85 32.11 -27.89 -5.08
CA LYS C 85 32.56 -29.14 -4.47
C LYS C 85 31.57 -29.57 -3.38
N TRP C 86 30.40 -30.04 -3.84
CA TRP C 86 29.37 -30.49 -2.92
C TRP C 86 29.83 -31.69 -2.12
N GLY C 87 30.53 -32.64 -2.78
CA GLY C 87 30.96 -33.84 -2.09
C GLY C 87 31.96 -33.58 -0.99
N ASP C 88 32.86 -32.61 -1.20
CA ASP C 88 33.84 -32.27 -0.17
C ASP C 88 33.16 -31.75 1.09
N ALA C 89 32.13 -30.91 0.93
CA ALA C 89 31.40 -30.38 2.07
C ALA C 89 30.50 -31.42 2.72
N GLY C 90 30.26 -32.57 2.08
CA GLY C 90 29.41 -33.60 2.63
C GLY C 90 27.95 -33.51 2.25
N ALA C 91 27.60 -32.69 1.26
CA ALA C 91 26.21 -32.54 0.86
C ALA C 91 25.80 -33.71 -0.02
N GLU C 92 24.75 -34.43 0.40
CA GLU C 92 24.23 -35.55 -0.37
C GLU C 92 23.11 -35.14 -1.32
N TYR C 93 22.20 -34.30 -0.86
CA TYR C 93 21.13 -33.75 -1.68
C TYR C 93 21.39 -32.26 -1.90
N VAL C 94 21.01 -31.78 -3.07
CA VAL C 94 21.20 -30.37 -3.45
C VAL C 94 19.87 -29.79 -3.88
N VAL C 95 19.54 -28.61 -3.35
CA VAL C 95 18.33 -27.89 -3.72
C VAL C 95 18.73 -26.78 -4.69
N GLU C 96 18.23 -26.87 -5.92
CA GLU C 96 18.52 -25.87 -6.96
C GLU C 96 17.39 -24.85 -6.95
N SER C 97 17.66 -23.67 -6.38
CA SER C 97 16.64 -22.66 -6.18
C SER C 97 16.93 -21.34 -6.90
N THR C 98 17.98 -21.29 -7.73
CA THR C 98 18.29 -20.05 -8.42
C THR C 98 17.26 -19.70 -9.48
N GLY C 99 16.51 -20.68 -9.99
CA GLY C 99 15.50 -20.43 -10.99
C GLY C 99 16.00 -20.38 -12.42
N VAL C 100 17.30 -20.57 -12.65
CA VAL C 100 17.85 -20.53 -14.00
C VAL C 100 18.38 -21.88 -14.46
N PHE C 101 18.43 -22.88 -13.59
CA PHE C 101 18.84 -24.24 -13.95
C PHE C 101 17.65 -25.16 -13.68
N THR C 102 16.74 -25.24 -14.65
CA THR C 102 15.51 -25.99 -14.48
C THR C 102 15.40 -27.22 -15.37
N THR C 103 16.17 -27.29 -16.45
CA THR C 103 16.18 -28.47 -17.29
C THR C 103 17.04 -29.56 -16.64
N MET C 104 16.82 -30.80 -17.08
CA MET C 104 17.61 -31.91 -16.56
C MET C 104 19.08 -31.74 -16.89
N GLU C 105 19.40 -31.34 -18.12
CA GLU C 105 20.79 -31.16 -18.51
C GLU C 105 21.46 -30.07 -17.69
N LYS C 106 20.79 -28.94 -17.51
CA LYS C 106 21.37 -27.84 -16.73
C LYS C 106 21.50 -28.21 -15.25
N ALA C 107 20.46 -28.84 -14.69
CA ALA C 107 20.48 -29.17 -13.27
C ALA C 107 21.41 -30.34 -12.96
N GLY C 108 21.78 -31.14 -13.96
CA GLY C 108 22.66 -32.27 -13.72
C GLY C 108 24.11 -31.90 -13.49
N ALA C 109 24.48 -30.64 -13.69
CA ALA C 109 25.85 -30.23 -13.42
C ALA C 109 26.22 -30.38 -11.96
N HIS C 110 25.23 -30.30 -11.06
CA HIS C 110 25.52 -30.47 -9.63
C HIS C 110 26.00 -31.87 -9.32
N LEU C 111 25.59 -32.86 -10.12
CA LEU C 111 26.06 -34.23 -9.89
C LEU C 111 27.56 -34.37 -10.14
N GLN C 112 28.12 -33.54 -11.03
CA GLN C 112 29.55 -33.60 -11.28
C GLN C 112 30.36 -33.19 -10.05
N GLY C 113 29.80 -32.33 -9.21
CA GLY C 113 30.49 -31.89 -8.00
C GLY C 113 30.44 -32.86 -6.85
N GLY C 114 29.71 -33.97 -6.98
CA GLY C 114 29.63 -34.97 -5.93
C GLY C 114 28.26 -35.14 -5.31
N ALA C 115 27.27 -34.35 -5.68
CA ALA C 115 25.93 -34.53 -5.15
C ALA C 115 25.31 -35.82 -5.67
N LYS C 116 24.46 -36.43 -4.86
CA LYS C 116 23.80 -37.67 -5.23
C LYS C 116 22.49 -37.44 -5.97
N ARG C 117 21.66 -36.52 -5.46
CA ARG C 117 20.37 -36.21 -6.08
C ARG C 117 20.17 -34.70 -6.07
N VAL C 118 19.38 -34.22 -7.02
CA VAL C 118 19.10 -32.80 -7.17
C VAL C 118 17.59 -32.59 -7.15
N ILE C 119 17.14 -31.61 -6.37
CA ILE C 119 15.73 -31.25 -6.30
C ILE C 119 15.59 -29.82 -6.82
N ILE C 120 14.78 -29.65 -7.84
CA ILE C 120 14.54 -28.34 -8.44
C ILE C 120 13.31 -27.73 -7.80
N SER C 121 13.48 -26.59 -7.14
CA SER C 121 12.37 -25.90 -6.46
C SER C 121 11.64 -24.97 -7.40
N ALA C 122 11.20 -25.50 -8.53
CA ALA C 122 10.48 -24.74 -9.55
C ALA C 122 9.98 -25.71 -10.61
N PRO C 123 9.04 -25.27 -11.45
CA PRO C 123 8.57 -26.14 -12.54
C PRO C 123 9.71 -26.47 -13.49
N SER C 124 9.69 -27.69 -14.01
CA SER C 124 10.71 -28.17 -14.92
C SER C 124 10.07 -28.67 -16.21
N ALA C 125 10.75 -28.43 -17.33
CA ALA C 125 10.20 -28.83 -18.62
C ALA C 125 10.29 -30.34 -18.82
N ASP C 126 11.32 -30.99 -18.29
CA ASP C 126 11.52 -32.41 -18.51
C ASP C 126 11.78 -33.22 -17.25
N ALA C 127 11.96 -32.58 -16.10
CA ALA C 127 12.16 -33.43 -14.94
C ALA C 127 10.83 -33.88 -14.36
N PRO C 128 10.78 -35.07 -13.77
CA PRO C 128 9.54 -35.52 -13.14
C PRO C 128 9.12 -34.60 -11.99
N MET C 129 7.81 -34.40 -11.87
CA MET C 129 7.25 -33.49 -10.88
C MET C 129 6.52 -34.28 -9.80
N PHE C 130 6.71 -33.88 -8.55
CA PHE C 130 6.09 -34.53 -7.42
C PHE C 130 5.47 -33.49 -6.50
N VAL C 131 4.28 -33.79 -5.99
CA VAL C 131 3.57 -32.95 -5.04
C VAL C 131 3.26 -33.80 -3.82
N MET C 132 3.65 -33.32 -2.64
CA MET C 132 3.48 -34.10 -1.42
C MET C 132 2.00 -34.29 -1.12
N GLY C 133 1.63 -35.53 -0.81
CA GLY C 133 0.26 -35.87 -0.54
C GLY C 133 -0.59 -36.17 -1.76
N VAL C 134 -0.03 -36.05 -2.98
CA VAL C 134 -0.79 -36.29 -4.20
C VAL C 134 -0.19 -37.46 -4.95
N ASN C 135 1.09 -37.34 -5.33
CA ASN C 135 1.74 -38.41 -6.08
C ASN C 135 3.16 -38.69 -5.57
N HIS C 136 3.50 -38.30 -4.34
CA HIS C 136 4.85 -38.50 -3.85
C HIS C 136 5.17 -39.98 -3.64
N GLU C 137 4.17 -40.86 -3.61
CA GLU C 137 4.42 -42.29 -3.55
C GLU C 137 4.99 -42.85 -4.84
N LYS C 138 4.97 -42.09 -5.93
CA LYS C 138 5.48 -42.56 -7.21
C LYS C 138 7.00 -42.48 -7.30
N TYR C 139 7.63 -41.76 -6.38
CA TYR C 139 9.08 -41.57 -6.45
C TYR C 139 9.86 -42.84 -6.20
N ASP C 140 11.03 -42.96 -6.84
CA ASP C 140 11.88 -44.11 -6.62
C ASP C 140 13.33 -43.67 -6.57
N ASN C 141 14.18 -44.48 -5.96
CA ASN C 141 15.59 -44.11 -5.82
C ASN C 141 16.28 -43.99 -7.17
N SER C 142 15.65 -44.53 -8.21
CA SER C 142 16.22 -44.42 -9.55
C SER C 142 16.30 -42.97 -9.98
N LEU C 143 15.50 -42.11 -9.36
CA LEU C 143 15.48 -40.69 -9.74
C LEU C 143 16.55 -39.85 -9.07
N LYS C 144 17.35 -39.16 -9.88
CA LYS C 144 18.37 -38.27 -9.35
C LYS C 144 17.96 -36.80 -9.51
N ILE C 145 17.24 -36.50 -10.58
CA ILE C 145 16.80 -35.12 -10.80
C ILE C 145 15.28 -35.05 -10.88
N ILE C 146 14.66 -34.43 -9.89
CA ILE C 146 13.20 -34.30 -9.87
C ILE C 146 12.78 -32.86 -9.66
N SER C 147 11.48 -32.62 -9.55
CA SER C 147 10.96 -31.27 -9.37
C SER C 147 9.84 -31.22 -8.34
N ASN C 148 9.73 -30.11 -7.62
CA ASN C 148 8.66 -29.97 -6.64
C ASN C 148 7.56 -29.06 -7.18
N ALA C 149 7.55 -28.87 -8.49
CA ALA C 149 6.53 -28.03 -9.11
C ALA C 149 6.56 -26.57 -8.69
N SER C 150 5.43 -26.06 -8.21
CA SER C 150 5.36 -24.66 -7.80
C SER C 150 4.34 -24.48 -6.68
N CYS C 151 4.35 -23.30 -6.07
CA CYS C 151 3.41 -23.02 -4.93
C CYS C 151 1.96 -23.17 -5.41
N THR C 152 1.57 -22.47 -6.46
CA THR C 152 0.19 -22.51 -6.94
C THR C 152 -0.24 -23.95 -7.23
N THR C 153 0.61 -24.72 -7.88
CA THR C 153 0.30 -26.12 -8.14
C THR C 153 0.16 -26.90 -6.84
N ASN C 154 1.03 -26.62 -5.86
CA ASN C 154 0.93 -27.31 -4.57
C ASN C 154 -0.37 -26.96 -3.85
N CYS C 155 -0.87 -25.73 -4.04
CA CYS C 155 -2.16 -25.39 -3.45
C CYS C 155 -3.32 -26.07 -4.18
N LEU C 156 -3.27 -26.09 -5.51
CA LEU C 156 -4.41 -26.58 -6.28
C LEU C 156 -4.51 -28.10 -6.28
N ALA C 157 -3.38 -28.80 -6.25
CA ALA C 157 -3.38 -30.25 -6.48
C ALA C 157 -4.15 -31.04 -5.43
N PRO C 158 -3.96 -30.84 -4.13
CA PRO C 158 -4.69 -31.67 -3.15
C PRO C 158 -6.20 -31.49 -3.19
N LEU C 159 -6.67 -30.25 -3.27
CA LEU C 159 -8.10 -30.00 -3.35
C LEU C 159 -8.70 -30.61 -4.61
N ALA C 160 -8.00 -30.45 -5.74
CA ALA C 160 -8.46 -31.05 -6.99
C ALA C 160 -8.49 -32.57 -6.89
N LYS C 161 -7.50 -33.15 -6.24
CA LYS C 161 -7.47 -34.61 -6.08
C LYS C 161 -8.66 -35.09 -5.28
N VAL C 162 -8.96 -34.41 -4.16
CA VAL C 162 -10.10 -34.81 -3.33
C VAL C 162 -11.41 -34.68 -4.11
N ILE C 163 -11.57 -33.54 -4.81
CA ILE C 163 -12.81 -33.29 -5.53
C ILE C 163 -12.98 -34.30 -6.66
N HIS C 164 -11.90 -34.61 -7.39
CA HIS C 164 -11.98 -35.58 -8.47
C HIS C 164 -12.28 -36.98 -7.94
N ASP C 165 -11.65 -37.36 -6.83
CA ASP C 165 -11.87 -38.69 -6.29
C ASP C 165 -13.30 -38.85 -5.79
N ASN C 166 -13.90 -37.78 -5.28
CA ASN C 166 -15.24 -37.92 -4.71
C ASN C 166 -16.37 -37.64 -5.69
N PHE C 167 -16.18 -36.73 -6.65
CA PHE C 167 -17.27 -36.31 -7.52
C PHE C 167 -16.95 -36.30 -9.00
N GLY C 168 -15.70 -36.50 -9.41
CA GLY C 168 -15.41 -36.57 -10.83
C GLY C 168 -15.45 -35.25 -11.58
N ILE C 169 -14.42 -34.41 -11.39
CA ILE C 169 -14.31 -33.15 -12.13
C ILE C 169 -14.35 -33.42 -13.62
N VAL C 170 -15.21 -32.68 -14.33
CA VAL C 170 -15.30 -32.78 -15.78
C VAL C 170 -14.42 -31.76 -16.48
N GLU C 171 -14.41 -30.52 -15.97
CA GLU C 171 -13.54 -29.47 -16.48
C GLU C 171 -13.63 -28.28 -15.54
N GLY C 172 -12.52 -27.56 -15.41
CA GLY C 172 -12.46 -26.45 -14.48
C GLY C 172 -11.50 -25.38 -14.94
N LEU C 173 -11.78 -24.15 -14.52
CA LEU C 173 -10.93 -22.99 -14.79
C LEU C 173 -10.57 -22.33 -13.48
N MET C 174 -9.28 -22.01 -13.30
CA MET C 174 -8.78 -21.51 -12.04
C MET C 174 -8.30 -20.07 -12.17
N THR C 175 -8.57 -19.27 -11.14
CA THR C 175 -8.01 -17.92 -11.03
C THR C 175 -7.38 -17.78 -9.65
N THR C 176 -6.17 -17.25 -9.62
CA THR C 176 -5.45 -17.03 -8.36
C THR C 176 -5.14 -15.55 -8.20
N VAL C 177 -5.48 -15.01 -7.03
CA VAL C 177 -5.10 -13.65 -6.65
C VAL C 177 -3.79 -13.76 -5.87
N HIS C 178 -2.70 -13.31 -6.48
CA HIS C 178 -1.35 -13.59 -5.99
C HIS C 178 -0.71 -12.33 -5.45
N ALA C 179 0.08 -12.50 -4.39
CA ALA C 179 0.85 -11.40 -3.83
C ALA C 179 2.05 -11.07 -4.71
N ILE C 180 2.66 -9.92 -4.46
CA ILE C 180 3.78 -9.47 -5.28
C ILE C 180 5.00 -10.32 -5.00
N THR C 181 5.86 -10.45 -6.01
CA THR C 181 7.07 -11.26 -5.94
C THR C 181 8.28 -10.43 -6.33
N ALA C 182 9.46 -11.06 -6.28
CA ALA C 182 10.70 -10.35 -6.54
C ALA C 182 10.87 -9.98 -8.02
N THR C 183 10.16 -10.65 -8.92
CA THR C 183 10.28 -10.34 -10.34
C THR C 183 9.57 -9.06 -10.74
N GLN C 184 8.75 -8.48 -9.86
CA GLN C 184 8.02 -7.27 -10.17
C GLN C 184 8.88 -6.04 -9.86
N LYS C 185 8.33 -4.86 -10.13
CA LYS C 185 9.07 -3.62 -10.02
C LYS C 185 8.28 -2.58 -9.24
N THR C 186 8.98 -1.78 -8.44
CA THR C 186 8.30 -0.76 -7.60
C THR C 186 7.63 0.28 -8.49
N VAL C 187 8.36 0.85 -9.45
CA VAL C 187 7.79 1.91 -10.34
C VAL C 187 7.83 1.41 -11.78
N ASP C 188 7.05 2.05 -12.67
CA ASP C 188 7.05 1.67 -14.11
C ASP C 188 8.50 1.51 -14.59
N GLY C 189 8.86 0.33 -15.07
CA GLY C 189 10.20 0.07 -15.52
C GLY C 189 10.26 -0.95 -16.63
N PRO C 190 11.42 -1.08 -17.28
CA PRO C 190 11.54 -2.01 -18.41
C PRO C 190 11.34 -3.45 -18.00
N SER C 191 10.69 -4.21 -18.87
CA SER C 191 10.48 -5.65 -18.66
C SER C 191 10.43 -6.28 -20.05
N GLY C 192 11.47 -7.06 -20.36
CA GLY C 192 11.72 -7.54 -21.71
C GLY C 192 10.56 -8.17 -22.45
N LYS C 193 10.09 -9.33 -21.98
CA LYS C 193 9.05 -10.05 -22.70
C LYS C 193 7.66 -9.73 -22.17
N LEU C 194 7.48 -9.74 -20.86
CA LEU C 194 6.18 -9.48 -20.24
C LEU C 194 6.05 -7.98 -19.97
N TRP C 195 5.40 -7.26 -20.88
CA TRP C 195 5.27 -5.82 -20.74
C TRP C 195 4.44 -5.46 -19.52
N ARG C 196 3.37 -6.22 -19.26
CA ARG C 196 2.53 -5.94 -18.10
C ARG C 196 3.29 -6.09 -16.79
N ASP C 197 4.24 -7.02 -16.74
CA ASP C 197 4.99 -7.26 -15.51
C ASP C 197 5.94 -6.12 -15.15
N GLY C 198 6.23 -5.22 -16.09
CA GLY C 198 7.08 -4.08 -15.81
C GLY C 198 6.41 -2.88 -15.20
N ARG C 199 5.08 -2.90 -15.08
CA ARG C 199 4.37 -1.77 -14.52
C ARG C 199 4.44 -1.78 -13.00
N GLY C 200 4.17 -0.63 -12.40
CA GLY C 200 4.31 -0.44 -10.96
C GLY C 200 3.48 -1.40 -10.13
N ALA C 201 4.15 -2.15 -9.25
CA ALA C 201 3.47 -3.19 -8.50
C ALA C 201 2.59 -2.61 -7.40
N LEU C 202 2.94 -1.44 -6.87
CA LEU C 202 2.19 -0.87 -5.77
C LEU C 202 0.89 -0.21 -6.22
N GLN C 203 0.72 0.08 -7.51
CA GLN C 203 -0.42 0.85 -7.99
C GLN C 203 -1.39 0.05 -8.87
N ASN C 204 -1.04 -1.18 -9.26
CA ASN C 204 -1.89 -1.90 -10.24
C ASN C 204 -2.22 -3.33 -9.84
N ILE C 205 -3.05 -4.02 -10.63
CA ILE C 205 -3.41 -5.45 -10.38
C ILE C 205 -2.63 -6.31 -11.38
N ILE C 206 -2.14 -5.72 -12.48
CA ILE C 206 -1.28 -6.45 -13.46
C ILE C 206 -1.65 -7.92 -13.71
N PRO C 207 -2.73 -8.23 -14.45
CA PRO C 207 -3.04 -9.62 -14.81
C PRO C 207 -1.82 -10.40 -15.32
N ALA C 208 -1.86 -11.74 -15.29
CA ALA C 208 -0.71 -12.53 -15.70
C ALA C 208 -1.15 -13.94 -16.06
N SER C 209 -0.31 -14.61 -16.83
CA SER C 209 -0.55 -15.99 -17.23
C SER C 209 0.30 -16.94 -16.40
N THR C 210 -0.22 -18.16 -16.21
CA THR C 210 0.46 -19.14 -15.39
C THR C 210 0.17 -20.54 -15.94
N GLY C 211 1.04 -21.49 -15.58
CA GLY C 211 0.89 -22.87 -15.99
C GLY C 211 0.64 -23.86 -14.88
N ALA C 212 0.30 -23.42 -13.67
CA ALA C 212 0.10 -24.33 -12.56
C ALA C 212 -1.08 -25.27 -12.80
N ALA C 213 -2.18 -24.73 -13.33
CA ALA C 213 -3.36 -25.54 -13.58
C ALA C 213 -3.07 -26.64 -14.59
N LYS C 214 -2.31 -26.31 -15.64
CA LYS C 214 -1.90 -27.34 -16.60
C LYS C 214 -0.97 -28.35 -15.95
N ALA C 215 -0.07 -27.91 -15.07
CA ALA C 215 0.85 -28.82 -14.41
C ALA C 215 0.12 -29.79 -13.49
N VAL C 216 -1.06 -29.40 -12.99
CA VAL C 216 -1.87 -30.33 -12.21
C VAL C 216 -2.20 -31.58 -13.03
N GLY C 217 -2.39 -31.42 -14.34
CA GLY C 217 -2.60 -32.57 -15.19
C GLY C 217 -1.41 -33.52 -15.21
N LYS C 218 -0.20 -32.96 -15.19
CA LYS C 218 0.99 -33.79 -15.08
C LYS C 218 1.03 -34.52 -13.74
N VAL C 219 0.67 -33.82 -12.65
CA VAL C 219 0.68 -34.45 -11.34
C VAL C 219 -0.43 -35.48 -11.22
N ILE C 220 -1.62 -35.18 -11.73
CA ILE C 220 -2.76 -36.08 -11.73
C ILE C 220 -3.09 -36.43 -13.17
N PRO C 221 -2.69 -37.61 -13.65
CA PRO C 221 -2.85 -37.92 -15.08
C PRO C 221 -4.30 -37.92 -15.57
N GLU C 222 -5.25 -38.30 -14.72
CA GLU C 222 -6.65 -38.35 -15.15
C GLU C 222 -7.23 -36.97 -15.46
N LEU C 223 -6.60 -35.90 -14.97
CA LEU C 223 -7.07 -34.55 -15.19
C LEU C 223 -6.33 -33.85 -16.32
N ASN C 224 -5.59 -34.59 -17.14
CA ASN C 224 -4.85 -33.99 -18.24
C ASN C 224 -5.80 -33.36 -19.25
N GLY C 225 -5.55 -32.11 -19.60
CA GLY C 225 -6.36 -31.40 -20.56
C GLY C 225 -7.70 -30.93 -20.05
N LYS C 226 -7.94 -30.96 -18.74
CA LYS C 226 -9.21 -30.55 -18.16
C LYS C 226 -9.11 -29.33 -17.27
N LEU C 227 -7.93 -28.72 -17.13
CA LEU C 227 -7.74 -27.59 -16.26
C LEU C 227 -6.87 -26.54 -16.93
N THR C 228 -7.06 -25.29 -16.55
CA THR C 228 -6.25 -24.17 -16.99
C THR C 228 -6.75 -22.92 -16.26
N GLY C 229 -5.99 -21.84 -16.37
CA GLY C 229 -6.39 -20.61 -15.70
C GLY C 229 -5.36 -19.52 -15.86
N MET C 230 -5.55 -18.45 -15.10
CA MET C 230 -4.69 -17.27 -15.13
C MET C 230 -4.58 -16.71 -13.72
N ALA C 231 -3.90 -15.58 -13.58
CA ALA C 231 -3.62 -15.01 -12.28
C ALA C 231 -3.74 -13.49 -12.32
N PHE C 232 -3.98 -12.91 -11.13
CA PHE C 232 -3.94 -11.48 -10.90
C PHE C 232 -2.94 -11.20 -9.79
N ARG C 233 -2.05 -10.24 -10.01
CA ARG C 233 -1.04 -9.88 -9.03
C ARG C 233 -1.46 -8.62 -8.28
N VAL C 234 -1.76 -8.77 -6.98
CA VAL C 234 -2.27 -7.60 -6.20
C VAL C 234 -1.15 -7.08 -5.30
N PRO C 235 -1.20 -5.82 -4.84
CA PRO C 235 -0.13 -5.24 -4.02
C PRO C 235 -0.18 -5.73 -2.56
N THR C 236 -0.03 -7.04 -2.35
CA THR C 236 -0.01 -7.60 -0.98
C THR C 236 1.37 -8.24 -0.73
N ALA C 237 1.82 -8.26 0.53
CA ALA C 237 3.16 -8.79 0.86
C ALA C 237 3.34 -10.25 0.42
N ASN C 238 2.60 -11.20 1.00
CA ASN C 238 2.88 -12.63 0.66
C ASN C 238 1.59 -13.46 0.49
N VAL C 239 0.77 -13.60 1.53
CA VAL C 239 -0.42 -14.52 1.44
C VAL C 239 -1.10 -14.43 0.07
N SER C 240 -1.45 -15.58 -0.52
CA SER C 240 -2.17 -15.61 -1.82
C SER C 240 -3.37 -16.55 -1.72
N VAL C 241 -4.25 -16.57 -2.72
CA VAL C 241 -5.50 -17.41 -2.64
C VAL C 241 -5.77 -18.06 -4.01
N VAL C 242 -6.56 -19.14 -4.02
CA VAL C 242 -6.91 -19.85 -5.29
C VAL C 242 -8.44 -19.89 -5.44
N ASP C 243 -8.93 -19.71 -6.67
CA ASP C 243 -10.37 -19.71 -6.92
C ASP C 243 -10.62 -20.66 -8.09
N LEU C 244 -11.27 -21.79 -7.83
CA LEU C 244 -11.46 -22.86 -8.81
C LEU C 244 -12.93 -23.00 -9.14
N THR C 245 -13.26 -22.90 -10.43
CA THR C 245 -14.62 -23.09 -10.93
C THR C 245 -14.64 -24.36 -11.78
N CYS C 246 -15.47 -25.31 -11.37
CA CYS C 246 -15.51 -26.58 -12.07
C CYS C 246 -16.87 -27.21 -12.16
N ARG C 247 -17.04 -28.08 -13.13
CA ARG C 247 -18.28 -28.80 -13.34
C ARG C 247 -18.09 -30.25 -12.89
N LEU C 248 -19.02 -30.75 -12.09
CA LEU C 248 -18.89 -32.06 -11.47
C LEU C 248 -19.71 -33.11 -12.22
N GLU C 249 -19.16 -34.32 -12.28
CA GLU C 249 -19.85 -35.42 -12.95
C GLU C 249 -21.05 -35.89 -12.15
N LYS C 250 -20.87 -36.07 -10.84
CA LYS C 250 -21.94 -36.52 -9.97
C LYS C 250 -22.53 -35.36 -9.19
N PRO C 251 -23.81 -35.45 -8.80
CA PRO C 251 -24.41 -34.39 -8.01
C PRO C 251 -23.71 -34.24 -6.66
N ALA C 252 -23.57 -32.99 -6.22
CA ALA C 252 -22.85 -32.71 -4.98
C ALA C 252 -23.37 -31.40 -4.42
N LYS C 253 -24.13 -31.48 -3.33
CA LYS C 253 -24.48 -30.28 -2.59
C LYS C 253 -23.26 -29.75 -1.85
N TYR C 254 -23.31 -28.46 -1.50
CA TYR C 254 -22.18 -27.82 -0.85
C TYR C 254 -21.84 -28.47 0.48
N ASP C 255 -22.85 -28.95 1.21
CA ASP C 255 -22.61 -29.62 2.48
C ASP C 255 -21.80 -30.89 2.30
N ASP C 256 -22.10 -31.66 1.25
CA ASP C 256 -21.33 -32.89 0.98
C ASP C 256 -19.88 -32.57 0.65
N ILE C 257 -19.66 -31.51 -0.14
CA ILE C 257 -18.29 -31.09 -0.46
C ILE C 257 -17.55 -30.71 0.81
N LYS C 258 -18.20 -29.95 1.68
CA LYS C 258 -17.58 -29.55 2.95
C LYS C 258 -17.23 -30.78 3.78
N LYS C 259 -18.16 -31.75 3.86
CA LYS C 259 -17.92 -32.95 4.65
C LYS C 259 -16.72 -33.74 4.12
N VAL C 260 -16.66 -33.94 2.81
CA VAL C 260 -15.56 -34.73 2.25
C VAL C 260 -14.23 -34.00 2.41
N VAL C 261 -14.23 -32.67 2.23
CA VAL C 261 -12.98 -31.92 2.38
C VAL C 261 -12.50 -31.97 3.82
N LYS C 262 -13.42 -31.83 4.79
CA LYS C 262 -13.03 -31.91 6.20
C LYS C 262 -12.48 -33.29 6.54
N GLN C 263 -13.16 -34.34 6.06
CA GLN C 263 -12.68 -35.70 6.32
C GLN C 263 -11.29 -35.91 5.72
N ALA C 264 -11.05 -35.43 4.51
CA ALA C 264 -9.73 -35.56 3.91
C ALA C 264 -8.69 -34.80 4.71
N SER C 265 -9.01 -33.57 5.14
CA SER C 265 -8.05 -32.78 5.89
C SER C 265 -7.76 -33.38 7.26
N GLU C 266 -8.65 -34.21 7.80
CA GLU C 266 -8.39 -34.80 9.10
C GLU C 266 -7.39 -35.95 9.01
N GLY C 267 -7.75 -37.02 8.32
CA GLY C 267 -6.92 -38.20 8.29
C GLY C 267 -5.79 -38.23 7.29
N PRO C 268 -6.12 -38.32 6.01
CA PRO C 268 -5.07 -38.62 5.01
C PRO C 268 -4.16 -37.44 4.70
N LEU C 269 -4.73 -36.24 4.50
CA LEU C 269 -3.96 -35.07 4.12
C LEU C 269 -3.67 -34.16 5.30
N LYS C 270 -3.50 -34.73 6.49
CA LYS C 270 -3.22 -33.94 7.67
C LYS C 270 -1.90 -33.19 7.52
N GLY C 271 -1.92 -31.88 7.78
CA GLY C 271 -0.75 -31.04 7.63
C GLY C 271 -0.52 -30.54 6.24
N ILE C 272 -1.20 -31.07 5.23
CA ILE C 272 -1.07 -30.63 3.85
C ILE C 272 -2.26 -29.80 3.42
N LEU C 273 -3.47 -30.30 3.66
CA LEU C 273 -4.70 -29.61 3.31
C LEU C 273 -5.43 -29.24 4.60
N GLY C 274 -5.73 -27.96 4.77
CA GLY C 274 -6.43 -27.48 5.94
C GLY C 274 -7.91 -27.27 5.68
N TYR C 275 -8.63 -26.94 6.74
CA TYR C 275 -10.06 -26.71 6.67
C TYR C 275 -10.46 -25.71 7.76
N THR C 276 -11.27 -24.73 7.39
CA THR C 276 -11.70 -23.72 8.34
C THR C 276 -13.10 -23.25 7.98
N GLU C 277 -13.87 -22.91 9.02
CA GLU C 277 -15.21 -22.34 8.85
C GLU C 277 -15.30 -20.94 9.45
N HIS C 278 -14.19 -20.36 9.88
CA HIS C 278 -14.19 -19.04 10.49
C HIS C 278 -14.14 -17.95 9.42
N GLN C 279 -14.38 -16.71 9.85
CA GLN C 279 -14.34 -15.56 8.95
C GLN C 279 -12.92 -15.03 8.84
N VAL C 280 -12.11 -15.78 8.11
CA VAL C 280 -10.68 -15.49 8.00
C VAL C 280 -10.43 -14.52 6.85
N VAL C 281 -9.28 -13.86 6.92
CA VAL C 281 -8.77 -13.01 5.85
C VAL C 281 -7.34 -13.45 5.53
N SER C 282 -6.70 -12.75 4.59
CA SER C 282 -5.42 -13.20 4.07
C SER C 282 -4.33 -13.21 5.14
N SER C 283 -4.31 -12.19 6.00
CA SER C 283 -3.25 -12.10 7.00
C SER C 283 -3.33 -13.20 8.05
N ASP C 284 -4.47 -13.89 8.17
CA ASP C 284 -4.59 -14.98 9.12
C ASP C 284 -3.77 -16.20 8.75
N PHE C 285 -3.24 -16.25 7.53
CA PHE C 285 -2.45 -17.39 7.06
C PHE C 285 -0.97 -17.06 6.90
N ASN C 286 -0.50 -16.00 7.55
CA ASN C 286 0.92 -15.66 7.48
C ASN C 286 1.72 -16.64 8.31
N SER C 287 2.76 -17.23 7.70
CA SER C 287 3.61 -18.24 8.30
C SER C 287 2.88 -19.56 8.53
N ASP C 288 1.79 -19.81 7.81
CA ASP C 288 1.10 -21.08 7.89
C ASP C 288 1.78 -22.11 6.99
N THR C 289 1.98 -23.31 7.51
CA THR C 289 2.75 -24.34 6.80
C THR C 289 1.90 -25.24 5.92
N HIS C 290 0.58 -25.03 5.86
CA HIS C 290 -0.27 -25.85 5.01
C HIS C 290 -0.05 -25.50 3.53
N SER C 291 -0.20 -26.51 2.68
CA SER C 291 -0.17 -26.27 1.24
C SER C 291 -1.41 -25.51 0.78
N SER C 292 -2.57 -25.82 1.34
CA SER C 292 -3.81 -25.14 0.99
C SER C 292 -4.80 -25.31 2.14
N THR C 293 -5.60 -24.27 2.35
CA THR C 293 -6.64 -24.28 3.38
C THR C 293 -7.97 -23.97 2.72
N PHE C 294 -8.93 -24.88 2.87
CA PHE C 294 -10.24 -24.73 2.25
C PHE C 294 -11.09 -23.75 3.06
N ASP C 295 -11.61 -22.73 2.38
CA ASP C 295 -12.46 -21.71 3.01
C ASP C 295 -13.91 -22.09 2.74
N ALA C 296 -14.56 -22.70 3.73
CA ALA C 296 -15.92 -23.19 3.55
C ALA C 296 -16.91 -22.06 3.29
N GLY C 297 -16.78 -20.96 4.03
CA GLY C 297 -17.76 -19.89 3.95
C GLY C 297 -17.63 -19.00 2.73
N ALA C 298 -16.48 -19.01 2.05
CA ALA C 298 -16.25 -18.11 0.94
C ALA C 298 -16.75 -18.65 -0.39
N GLY C 299 -16.90 -19.97 -0.52
CA GLY C 299 -17.32 -20.55 -1.78
C GLY C 299 -18.82 -20.40 -2.03
N ILE C 300 -19.21 -20.70 -3.26
CA ILE C 300 -20.60 -20.59 -3.68
C ILE C 300 -20.87 -21.61 -4.78
N ALA C 301 -22.09 -22.12 -4.83
CA ALA C 301 -22.49 -23.12 -5.82
C ALA C 301 -23.74 -22.64 -6.54
N LEU C 302 -23.69 -22.63 -7.88
CA LEU C 302 -24.87 -22.29 -8.66
C LEU C 302 -25.92 -23.40 -8.59
N ASN C 303 -25.50 -24.63 -8.80
CA ASN C 303 -26.39 -25.79 -8.70
C ASN C 303 -25.55 -26.99 -8.26
N ASP C 304 -26.10 -28.19 -8.42
CA ASP C 304 -25.44 -29.40 -7.96
C ASP C 304 -24.27 -29.83 -8.84
N HIS C 305 -24.08 -29.19 -10.00
CA HIS C 305 -23.02 -29.58 -10.92
C HIS C 305 -22.08 -28.44 -11.27
N PHE C 306 -22.21 -27.29 -10.61
CA PHE C 306 -21.41 -26.11 -10.97
C PHE C 306 -21.11 -25.34 -9.70
N VAL C 307 -19.86 -25.39 -9.24
CA VAL C 307 -19.47 -24.83 -7.96
C VAL C 307 -18.19 -24.02 -8.10
N LYS C 308 -17.94 -23.16 -7.12
CA LYS C 308 -16.71 -22.37 -7.05
C LYS C 308 -16.12 -22.53 -5.65
N LEU C 309 -14.86 -22.95 -5.59
CA LEU C 309 -14.20 -23.27 -4.33
C LEU C 309 -13.02 -22.35 -4.10
N ILE C 310 -12.76 -22.01 -2.84
CA ILE C 310 -11.74 -21.05 -2.45
C ILE C 310 -10.76 -21.72 -1.50
N SER C 311 -9.47 -21.50 -1.73
CA SER C 311 -8.42 -22.05 -0.89
C SER C 311 -7.30 -21.06 -0.73
N TRP C 312 -6.79 -20.93 0.49
CA TRP C 312 -5.71 -20.01 0.83
C TRP C 312 -4.38 -20.74 0.88
N TYR C 313 -3.30 -20.01 0.62
CA TYR C 313 -1.97 -20.59 0.75
C TYR C 313 -0.93 -19.50 0.92
N ASP C 314 -0.03 -19.72 1.89
CA ASP C 314 1.18 -18.91 2.04
C ASP C 314 2.18 -19.40 1.00
N ASN C 315 2.40 -18.61 -0.05
CA ASN C 315 3.26 -19.06 -1.13
C ASN C 315 4.74 -19.07 -0.78
N GLU C 316 5.12 -18.58 0.41
CA GLU C 316 6.51 -18.63 0.84
C GLU C 316 6.79 -19.79 1.78
N PHE C 317 6.07 -19.86 2.91
CA PHE C 317 6.38 -20.86 3.93
C PHE C 317 5.92 -22.26 3.51
N GLY C 318 4.73 -22.36 2.91
CA GLY C 318 4.18 -23.67 2.59
C GLY C 318 5.04 -24.42 1.59
N TYR C 319 5.49 -23.73 0.54
CA TYR C 319 6.32 -24.38 -0.47
C TYR C 319 7.66 -24.83 0.10
N SER C 320 8.28 -24.00 0.93
CA SER C 320 9.55 -24.38 1.55
C SER C 320 9.39 -25.60 2.44
N ASN C 321 8.32 -25.63 3.24
CA ASN C 321 8.07 -26.79 4.08
C ASN C 321 7.80 -28.03 3.25
N ARG C 322 7.12 -27.87 2.11
CA ARG C 322 6.89 -29.01 1.22
C ARG C 322 8.20 -29.51 0.63
N VAL C 323 9.12 -28.61 0.29
CA VAL C 323 10.42 -29.03 -0.22
C VAL C 323 11.17 -29.84 0.82
N VAL C 324 11.16 -29.37 2.07
CA VAL C 324 11.81 -30.12 3.14
C VAL C 324 11.17 -31.48 3.34
N ASP C 325 9.83 -31.54 3.31
CA ASP C 325 9.13 -32.81 3.48
C ASP C 325 9.47 -33.78 2.35
N LEU C 326 9.54 -33.29 1.12
CA LEU C 326 9.90 -34.15 0.00
C LEU C 326 11.30 -34.70 0.16
N MET C 327 12.24 -33.85 0.60
CA MET C 327 13.59 -34.35 0.81
C MET C 327 13.64 -35.40 1.91
N ALA C 328 12.87 -35.20 2.98
CA ALA C 328 12.82 -36.19 4.05
C ALA C 328 12.25 -37.52 3.56
N HIS C 329 11.19 -37.47 2.76
CA HIS C 329 10.62 -38.70 2.21
C HIS C 329 11.62 -39.39 1.29
N MET C 330 12.34 -38.62 0.47
CA MET C 330 13.36 -39.21 -0.40
C MET C 330 14.43 -39.91 0.42
N ALA C 331 14.87 -39.27 1.50
CA ALA C 331 15.88 -39.89 2.36
C ALA C 331 15.36 -41.18 2.98
N SER C 332 14.09 -41.17 3.43
CA SER C 332 13.51 -42.38 3.99
C SER C 332 13.41 -43.49 2.95
N LYS C 333 13.20 -43.13 1.68
CA LYS C 333 13.09 -44.13 0.62
C LYS C 333 14.42 -44.78 0.25
N GLU C 334 15.54 -44.27 0.76
CA GLU C 334 16.86 -44.79 0.40
C GLU C 334 17.03 -46.24 0.84
N GLY D 1 13.28 28.93 -33.63
CA GLY D 1 14.54 29.17 -32.96
C GLY D 1 14.79 28.25 -31.79
N LYS D 2 13.88 27.30 -31.59
CA LYS D 2 14.02 26.35 -30.49
C LYS D 2 15.21 25.43 -30.72
N VAL D 3 15.91 25.13 -29.65
CA VAL D 3 17.11 24.30 -29.73
C VAL D 3 16.72 22.83 -29.93
N LYS D 4 17.58 22.09 -30.62
CA LYS D 4 17.38 20.66 -30.85
C LYS D 4 18.04 19.88 -29.70
N VAL D 5 17.29 18.96 -29.12
CA VAL D 5 17.72 18.25 -27.92
C VAL D 5 17.70 16.75 -28.19
N GLY D 6 18.76 16.07 -27.75
CA GLY D 6 18.82 14.62 -27.75
C GLY D 6 18.82 14.10 -26.33
N VAL D 7 18.21 12.95 -26.12
CA VAL D 7 18.05 12.35 -24.80
C VAL D 7 18.78 11.01 -24.79
N ASN D 8 19.66 10.82 -23.81
CA ASN D 8 20.37 9.57 -23.61
C ASN D 8 19.73 8.81 -22.46
N GLY D 9 19.08 7.69 -22.78
CA GLY D 9 18.39 6.92 -21.77
C GLY D 9 16.90 7.19 -21.75
N PHE D 10 16.09 6.13 -21.77
CA PHE D 10 14.64 6.26 -21.76
C PHE D 10 14.06 5.71 -20.47
N GLY D 11 14.73 5.98 -19.35
CA GLY D 11 14.20 5.63 -18.05
C GLY D 11 13.12 6.59 -17.61
N ARG D 12 12.89 6.65 -16.31
CA ARG D 12 11.86 7.54 -15.79
C ARG D 12 12.18 8.99 -16.11
N ILE D 13 13.40 9.42 -15.81
CA ILE D 13 13.75 10.83 -16.02
C ILE D 13 13.72 11.18 -17.50
N GLY D 14 14.24 10.29 -18.36
CA GLY D 14 14.23 10.57 -19.79
C GLY D 14 12.84 10.68 -20.36
N ARG D 15 11.97 9.71 -20.02
CA ARG D 15 10.60 9.75 -20.50
C ARG D 15 9.87 10.99 -20.00
N LEU D 16 10.05 11.33 -18.72
CA LEU D 16 9.38 12.50 -18.17
C LEU D 16 9.91 13.79 -18.79
N VAL D 17 11.21 13.85 -19.09
CA VAL D 17 11.76 15.02 -19.77
C VAL D 17 11.18 15.17 -21.16
N THR D 18 11.06 14.05 -21.89
CA THR D 18 10.44 14.10 -23.21
C THR D 18 8.99 14.58 -23.12
N ARG D 19 8.25 14.06 -22.12
CA ARG D 19 6.87 14.48 -21.92
C ARG D 19 6.78 15.98 -21.62
N ALA D 20 7.65 16.47 -20.75
CA ALA D 20 7.64 17.89 -20.41
C ALA D 20 7.99 18.75 -21.61
N ALA D 21 8.97 18.33 -22.41
CA ALA D 21 9.35 19.09 -23.59
C ALA D 21 8.21 19.16 -24.59
N PHE D 22 7.49 18.05 -24.78
CA PHE D 22 6.38 18.08 -25.72
C PHE D 22 5.17 18.82 -25.17
N ASN D 23 4.98 18.83 -23.85
CA ASN D 23 3.85 19.55 -23.26
C ASN D 23 4.08 21.06 -23.27
N SER D 24 5.30 21.51 -22.99
CA SER D 24 5.58 22.94 -22.90
C SER D 24 5.92 23.56 -24.25
N GLY D 25 6.64 22.83 -25.10
CA GLY D 25 7.04 23.35 -26.39
C GLY D 25 8.26 24.25 -26.37
N LYS D 26 8.97 24.34 -25.26
CA LYS D 26 10.14 25.21 -25.18
C LYS D 26 11.30 24.68 -26.00
N VAL D 27 11.43 23.36 -26.12
CA VAL D 27 12.51 22.73 -26.88
C VAL D 27 11.91 21.65 -27.78
N ASP D 28 12.74 21.13 -28.67
CA ASP D 28 12.31 20.09 -29.62
C ASP D 28 13.22 18.88 -29.49
N ILE D 29 12.62 17.73 -29.17
CA ILE D 29 13.36 16.48 -29.11
C ILE D 29 13.48 15.90 -30.50
N VAL D 30 14.69 15.48 -30.87
CA VAL D 30 14.94 15.00 -32.22
C VAL D 30 15.62 13.63 -32.20
N ALA D 31 16.11 13.21 -31.04
CA ALA D 31 16.82 11.94 -30.97
C ALA D 31 16.73 11.36 -29.56
N ILE D 32 16.73 10.03 -29.49
CA ILE D 32 16.71 9.30 -28.23
C ILE D 32 17.62 8.08 -28.39
N ASN D 33 18.34 7.75 -27.32
CA ASN D 33 19.25 6.61 -27.32
C ASN D 33 18.93 5.71 -26.14
N ASP D 34 18.69 4.42 -26.41
CA ASP D 34 18.52 3.42 -25.38
C ASP D 34 18.85 2.05 -25.94
N PRO D 35 19.91 1.40 -25.44
CA PRO D 35 20.32 0.11 -26.03
C PRO D 35 19.44 -1.06 -25.69
N PHE D 36 18.58 -0.95 -24.67
CA PHE D 36 17.81 -2.09 -24.18
C PHE D 36 16.32 -2.00 -24.46
N ILE D 37 15.85 -0.89 -25.05
CA ILE D 37 14.44 -0.71 -25.34
C ILE D 37 14.28 -0.54 -26.85
N ASP D 38 13.39 -1.34 -27.44
CA ASP D 38 13.14 -1.26 -28.87
C ASP D 38 12.06 -0.22 -29.15
N LEU D 39 11.72 -0.05 -30.43
CA LEU D 39 10.84 1.03 -30.84
C LEU D 39 9.41 0.83 -30.33
N ASN D 40 8.86 -0.38 -30.54
CA ASN D 40 7.48 -0.64 -30.11
C ASN D 40 7.36 -0.56 -28.60
N TYR D 41 8.37 -1.07 -27.88
CA TYR D 41 8.35 -0.97 -26.43
C TYR D 41 8.42 0.49 -26.03
N MET D 42 9.22 1.28 -26.75
CA MET D 42 9.28 2.71 -26.47
C MET D 42 7.91 3.37 -26.62
N VAL D 43 7.19 3.01 -27.68
CA VAL D 43 5.85 3.55 -27.88
C VAL D 43 4.94 3.18 -26.71
N TYR D 44 5.00 1.90 -26.30
CA TYR D 44 4.16 1.45 -25.19
C TYR D 44 4.52 2.18 -23.90
N MET D 45 5.81 2.31 -23.60
CA MET D 45 6.23 2.94 -22.35
C MET D 45 5.90 4.42 -22.32
N PHE D 46 5.99 5.11 -23.46
CA PHE D 46 5.66 6.53 -23.48
C PHE D 46 4.15 6.75 -23.41
N GLN D 47 3.37 5.87 -24.04
CA GLN D 47 1.93 6.09 -24.13
C GLN D 47 1.26 5.98 -22.77
N TYR D 48 1.63 4.98 -21.97
CA TYR D 48 0.96 4.68 -20.71
C TYR D 48 1.85 4.99 -19.53
N ASP D 49 1.26 5.56 -18.49
CA ASP D 49 1.98 5.91 -17.27
C ASP D 49 1.08 5.69 -16.07
N SER D 50 1.55 4.92 -15.09
CA SER D 50 0.75 4.62 -13.91
C SER D 50 0.53 5.86 -13.05
N THR D 51 1.53 6.74 -12.96
CA THR D 51 1.46 7.88 -12.06
C THR D 51 0.81 9.10 -12.69
N HIS D 52 1.15 9.43 -13.93
CA HIS D 52 0.70 10.66 -14.56
C HIS D 52 -0.35 10.44 -15.64
N GLY D 53 -0.84 9.22 -15.83
CA GLY D 53 -1.91 8.97 -16.75
C GLY D 53 -1.47 8.87 -18.20
N LYS D 54 -2.46 8.66 -19.06
CA LYS D 54 -2.19 8.49 -20.49
C LYS D 54 -1.69 9.78 -21.10
N PHE D 55 -0.77 9.65 -22.05
CA PHE D 55 -0.24 10.82 -22.74
C PHE D 55 -1.33 11.50 -23.57
N HIS D 56 -1.41 12.82 -23.46
CA HIS D 56 -2.41 13.60 -24.19
C HIS D 56 -1.83 13.94 -25.56
N GLY D 57 -2.09 13.10 -26.55
CA GLY D 57 -1.54 13.27 -27.87
C GLY D 57 -1.48 11.94 -28.59
N THR D 58 -0.68 11.91 -29.65
CA THR D 58 -0.52 10.72 -30.48
C THR D 58 0.94 10.30 -30.50
N VAL D 59 1.17 9.00 -30.34
CA VAL D 59 2.51 8.42 -30.42
C VAL D 59 2.42 7.12 -31.20
N LYS D 60 3.34 6.92 -32.14
CA LYS D 60 3.34 5.72 -32.95
C LYS D 60 4.71 5.57 -33.61
N ALA D 61 4.94 4.39 -34.17
CA ALA D 61 6.19 4.08 -34.86
C ALA D 61 5.94 4.03 -36.36
N GLU D 62 6.83 4.66 -37.12
CA GLU D 62 6.67 4.73 -38.57
C GLU D 62 8.05 4.84 -39.21
N ASN D 63 8.39 3.88 -40.07
CA ASN D 63 9.69 3.84 -40.75
C ASN D 63 10.84 3.83 -39.75
N GLY D 64 10.67 3.09 -38.66
CA GLY D 64 11.72 3.00 -37.67
C GLY D 64 11.97 4.25 -36.87
N LYS D 65 11.01 5.17 -36.83
CA LYS D 65 11.13 6.41 -36.08
C LYS D 65 9.96 6.54 -35.13
N LEU D 66 10.22 7.14 -33.96
CA LEU D 66 9.16 7.43 -33.00
C LEU D 66 8.52 8.77 -33.37
N VAL D 67 7.24 8.76 -33.66
CA VAL D 67 6.51 9.94 -34.09
C VAL D 67 5.58 10.36 -32.96
N ILE D 68 5.85 11.53 -32.38
CA ILE D 68 5.05 12.08 -31.29
C ILE D 68 4.46 13.39 -31.76
N ASN D 69 3.13 13.45 -31.85
CA ASN D 69 2.42 14.64 -32.31
C ASN D 69 2.83 15.02 -33.73
N GLY D 70 3.19 14.05 -34.55
CA GLY D 70 3.61 14.30 -35.91
C GLY D 70 5.08 14.57 -36.11
N ASN D 71 5.87 14.63 -35.04
CA ASN D 71 7.30 14.92 -35.14
C ASN D 71 8.10 13.62 -35.08
N PRO D 72 8.82 13.25 -36.14
CA PRO D 72 9.62 12.03 -36.09
C PRO D 72 10.88 12.20 -35.24
N ILE D 73 11.28 11.13 -34.57
CA ILE D 73 12.42 11.13 -33.67
C ILE D 73 13.34 9.98 -34.03
N THR D 74 14.63 10.27 -34.22
CA THR D 74 15.60 9.23 -34.50
C THR D 74 15.88 8.41 -33.25
N ILE D 75 16.06 7.10 -33.44
CA ILE D 75 16.27 6.16 -32.34
C ILE D 75 17.63 5.50 -32.51
N PHE D 76 18.42 5.50 -31.44
CA PHE D 76 19.72 4.85 -31.40
C PHE D 76 19.71 3.74 -30.35
N GLN D 77 20.62 2.78 -30.54
CA GLN D 77 20.74 1.65 -29.62
C GLN D 77 22.21 1.39 -29.31
N GLU D 78 22.98 2.46 -29.07
CA GLU D 78 24.40 2.35 -28.82
C GLU D 78 24.67 2.20 -27.33
N ARG D 79 25.67 1.39 -26.98
CA ARG D 79 26.05 1.25 -25.58
C ARG D 79 27.19 2.20 -25.24
N ASP D 80 28.05 2.49 -26.21
CA ASP D 80 29.15 3.41 -25.97
C ASP D 80 28.70 4.82 -26.32
N PRO D 81 28.70 5.76 -25.38
CA PRO D 81 28.22 7.12 -25.69
C PRO D 81 29.03 7.81 -26.77
N SER D 82 30.32 7.49 -26.89
CA SER D 82 31.15 8.14 -27.91
C SER D 82 30.79 7.71 -29.33
N LYS D 83 30.04 6.61 -29.49
CA LYS D 83 29.68 6.12 -30.81
C LYS D 83 28.31 6.61 -31.28
N ILE D 84 27.61 7.38 -30.46
CA ILE D 84 26.30 7.90 -30.85
C ILE D 84 26.50 9.10 -31.78
N LYS D 85 25.83 9.07 -32.93
CA LYS D 85 25.97 10.13 -33.93
C LYS D 85 24.93 11.22 -33.68
N TRP D 86 25.16 11.98 -32.61
CA TRP D 86 24.25 13.07 -32.26
C TRP D 86 24.23 14.14 -33.35
N GLY D 87 25.39 14.47 -33.91
CA GLY D 87 25.45 15.52 -34.91
C GLY D 87 24.69 15.17 -36.18
N ASP D 88 24.73 13.91 -36.58
CA ASP D 88 24.01 13.48 -37.78
C ASP D 88 22.51 13.66 -37.61
N ALA D 89 21.99 13.33 -36.43
CA ALA D 89 20.56 13.51 -36.15
C ALA D 89 20.17 14.96 -35.96
N GLY D 90 21.14 15.86 -35.79
CA GLY D 90 20.85 17.26 -35.60
C GLY D 90 20.69 17.71 -34.16
N ALA D 91 21.08 16.87 -33.19
CA ALA D 91 20.95 17.22 -31.79
C ALA D 91 22.07 18.16 -31.39
N GLU D 92 21.70 19.34 -30.87
CA GLU D 92 22.67 20.32 -30.40
C GLU D 92 22.97 20.17 -28.91
N TYR D 93 21.94 19.96 -28.10
CA TYR D 93 22.09 19.70 -26.68
C TYR D 93 21.72 18.26 -26.38
N VAL D 94 22.41 17.67 -25.41
CA VAL D 94 22.19 16.28 -25.03
C VAL D 94 21.92 16.22 -23.53
N VAL D 95 20.87 15.49 -23.15
CA VAL D 95 20.52 15.28 -21.76
C VAL D 95 20.99 13.88 -21.36
N GLU D 96 21.92 13.82 -20.42
CA GLU D 96 22.48 12.56 -19.93
C GLU D 96 21.69 12.16 -18.69
N SER D 97 20.79 11.18 -18.84
CA SER D 97 19.88 10.80 -17.77
C SER D 97 20.03 9.35 -17.35
N THR D 98 21.04 8.62 -17.86
CA THR D 98 21.20 7.22 -17.48
C THR D 98 21.65 7.06 -16.03
N GLY D 99 22.27 8.08 -15.45
CA GLY D 99 22.71 8.03 -14.07
C GLY D 99 24.06 7.37 -13.86
N VAL D 100 24.72 6.92 -14.91
CA VAL D 100 26.03 6.28 -14.79
C VAL D 100 27.16 7.10 -15.41
N PHE D 101 26.85 8.18 -16.11
CA PHE D 101 27.85 9.08 -16.69
C PHE D 101 27.65 10.45 -16.04
N THR D 102 28.25 10.63 -14.85
CA THR D 102 28.04 11.85 -14.08
C THR D 102 29.29 12.71 -13.94
N THR D 103 30.48 12.14 -14.14
CA THR D 103 31.69 12.93 -14.12
C THR D 103 31.86 13.68 -15.43
N MET D 104 32.71 14.72 -15.40
CA MET D 104 32.96 15.50 -16.61
C MET D 104 33.62 14.64 -17.69
N GLU D 105 34.59 13.80 -17.30
CA GLU D 105 35.28 12.96 -18.27
C GLU D 105 34.31 11.95 -18.89
N LYS D 106 33.47 11.32 -18.09
CA LYS D 106 32.52 10.35 -18.63
C LYS D 106 31.46 11.02 -19.48
N ALA D 107 30.92 12.15 -19.03
CA ALA D 107 29.86 12.83 -19.75
C ALA D 107 30.37 13.53 -21.00
N GLY D 108 31.67 13.78 -21.11
CA GLY D 108 32.21 14.46 -22.28
C GLY D 108 32.30 13.60 -23.52
N ALA D 109 32.04 12.29 -23.39
CA ALA D 109 32.06 11.42 -24.57
C ALA D 109 30.99 11.81 -25.58
N HIS D 110 29.88 12.40 -25.10
CA HIS D 110 28.82 12.82 -26.01
C HIS D 110 29.29 13.91 -26.95
N LEU D 111 30.28 14.72 -26.53
CA LEU D 111 30.80 15.76 -27.40
C LEU D 111 31.52 15.18 -28.61
N GLN D 112 32.10 13.98 -28.47
CA GLN D 112 32.77 13.36 -29.61
C GLN D 112 31.79 13.01 -30.72
N GLY D 113 30.54 12.73 -30.38
CA GLY D 113 29.54 12.39 -31.37
C GLY D 113 28.95 13.57 -32.11
N GLY D 114 29.31 14.80 -31.74
CA GLY D 114 28.81 15.99 -32.41
C GLY D 114 27.93 16.89 -31.56
N ALA D 115 27.61 16.52 -30.32
CA ALA D 115 26.83 17.39 -29.46
C ALA D 115 27.64 18.62 -29.06
N LYS D 116 26.94 19.74 -28.86
CA LYS D 116 27.59 20.98 -28.48
C LYS D 116 27.72 21.13 -26.97
N ARG D 117 26.65 20.83 -26.23
CA ARG D 117 26.65 20.93 -24.78
C ARG D 117 25.95 19.72 -24.20
N VAL D 118 26.32 19.38 -22.97
CA VAL D 118 25.76 18.23 -22.26
C VAL D 118 25.20 18.69 -20.93
N ILE D 119 23.98 18.26 -20.61
CA ILE D 119 23.34 18.55 -19.33
C ILE D 119 23.14 17.24 -18.60
N ILE D 120 23.70 17.15 -17.39
CA ILE D 120 23.58 15.95 -16.57
C ILE D 120 22.41 16.13 -15.63
N SER D 121 21.41 15.26 -15.76
CA SER D 121 20.21 15.33 -14.92
C SER D 121 20.40 14.56 -13.61
N ALA D 122 21.46 14.90 -12.88
CA ALA D 122 21.78 14.26 -11.62
C ALA D 122 22.95 15.01 -10.99
N PRO D 123 23.19 14.81 -9.70
CA PRO D 123 24.35 15.46 -9.06
C PRO D 123 25.65 14.99 -9.70
N SER D 124 26.60 15.91 -9.80
CA SER D 124 27.89 15.65 -10.41
C SER D 124 29.01 15.98 -9.42
N ALA D 125 30.07 15.18 -9.44
CA ALA D 125 31.18 15.40 -8.53
C ALA D 125 32.01 16.61 -8.93
N ASP D 126 32.14 16.89 -10.23
CA ASP D 126 33.00 17.96 -10.69
C ASP D 126 32.34 18.90 -11.70
N ALA D 127 31.15 18.59 -12.17
CA ALA D 127 30.58 19.56 -13.10
C ALA D 127 29.86 20.67 -12.33
N PRO D 128 29.85 21.88 -12.88
CA PRO D 128 29.12 22.98 -12.22
C PRO D 128 27.63 22.67 -12.11
N MET D 129 27.05 23.08 -11.00
CA MET D 129 25.64 22.81 -10.69
C MET D 129 24.83 24.10 -10.77
N PHE D 130 23.66 24.01 -11.37
CA PHE D 130 22.77 25.16 -11.51
C PHE D 130 21.35 24.77 -11.10
N VAL D 131 20.70 25.68 -10.40
CA VAL D 131 19.31 25.52 -9.98
C VAL D 131 18.53 26.72 -10.48
N MET D 132 17.44 26.47 -11.20
CA MET D 132 16.68 27.55 -11.80
C MET D 132 16.05 28.43 -10.73
N GLY D 133 16.21 29.74 -10.89
CA GLY D 133 15.71 30.69 -9.93
C GLY D 133 16.62 30.97 -8.76
N VAL D 134 17.77 30.29 -8.67
CA VAL D 134 18.68 30.48 -7.55
C VAL D 134 20.01 31.03 -8.06
N ASN D 135 20.67 30.28 -8.95
CA ASN D 135 21.96 30.72 -9.48
C ASN D 135 22.08 30.50 -10.99
N HIS D 136 20.96 30.36 -11.70
CA HIS D 136 21.03 30.10 -13.13
C HIS D 136 21.57 31.29 -13.92
N GLU D 137 21.62 32.48 -13.30
CA GLU D 137 22.24 33.63 -13.95
C GLU D 137 23.76 33.52 -14.03
N LYS D 138 24.36 32.58 -13.31
CA LYS D 138 25.80 32.40 -13.32
C LYS D 138 26.30 31.66 -14.56
N TYR D 139 25.41 31.03 -15.31
CA TYR D 139 25.83 30.24 -16.46
C TYR D 139 26.39 31.06 -17.59
N ASP D 140 27.33 30.51 -18.33
CA ASP D 140 27.90 31.20 -19.48
C ASP D 140 28.10 30.22 -20.62
N ASN D 141 28.18 30.72 -21.84
CA ASN D 141 28.32 29.85 -23.00
C ASN D 141 29.65 29.09 -22.96
N SER D 142 30.57 29.52 -22.11
CA SER D 142 31.83 28.82 -21.99
C SER D 142 31.62 27.41 -21.46
N LEU D 143 30.48 27.18 -20.80
CA LEU D 143 30.19 25.86 -20.23
C LEU D 143 29.59 24.86 -21.20
N LYS D 144 30.24 23.71 -21.35
CA LYS D 144 29.72 22.65 -22.20
C LYS D 144 29.12 21.51 -21.38
N ILE D 145 29.67 21.26 -20.20
CA ILE D 145 29.15 20.21 -19.35
C ILE D 145 28.73 20.76 -17.99
N ILE D 146 27.43 20.76 -17.73
CA ILE D 146 26.93 21.27 -16.46
C ILE D 146 26.00 20.26 -15.79
N SER D 147 25.41 20.64 -14.66
CA SER D 147 24.53 19.73 -13.92
C SER D 147 23.30 20.46 -13.39
N ASN D 148 22.18 19.75 -13.31
CA ASN D 148 20.96 20.35 -12.79
C ASN D 148 20.70 19.89 -11.36
N ALA D 149 21.74 19.35 -10.72
CA ALA D 149 21.61 18.89 -9.34
C ALA D 149 20.64 17.75 -9.15
N SER D 150 19.67 17.92 -8.26
CA SER D 150 18.71 16.85 -7.98
C SER D 150 17.36 17.44 -7.57
N CYS D 151 16.34 16.59 -7.51
CA CYS D 151 14.98 17.06 -7.13
C CYS D 151 15.00 17.66 -5.73
N THR D 152 15.49 16.92 -4.73
CA THR D 152 15.49 17.42 -3.36
C THR D 152 16.22 18.76 -3.25
N THR D 153 17.37 18.88 -3.93
CA THR D 153 18.09 20.16 -3.93
C THR D 153 17.26 21.24 -4.58
N ASN D 154 16.57 20.91 -5.68
CA ASN D 154 15.73 21.90 -6.35
C ASN D 154 14.58 22.35 -5.47
N CYS D 155 14.06 21.46 -4.62
CA CYS D 155 13.02 21.87 -3.69
C CYS D 155 13.58 22.74 -2.57
N LEU D 156 14.74 22.37 -2.03
CA LEU D 156 15.26 23.05 -0.84
C LEU D 156 15.89 24.40 -1.18
N ALA D 157 16.50 24.54 -2.35
CA ALA D 157 17.30 25.73 -2.64
C ALA D 157 16.50 27.04 -2.67
N PRO D 158 15.36 27.13 -3.36
CA PRO D 158 14.66 28.44 -3.40
C PRO D 158 14.16 28.90 -2.04
N LEU D 159 13.56 28.00 -1.25
CA LEU D 159 13.09 28.39 0.07
C LEU D 159 14.25 28.81 0.96
N ALA D 160 15.35 28.07 0.91
CA ALA D 160 16.53 28.43 1.69
C ALA D 160 17.09 29.78 1.25
N LYS D 161 17.08 30.05 -0.05
CA LYS D 161 17.57 31.34 -0.55
C LYS D 161 16.71 32.48 -0.02
N VAL D 162 15.39 32.33 -0.07
CA VAL D 162 14.50 33.38 0.43
C VAL D 162 14.72 33.60 1.93
N ILE D 163 14.78 32.51 2.68
CA ILE D 163 14.93 32.61 4.13
C ILE D 163 16.27 33.24 4.50
N HIS D 164 17.33 32.84 3.81
CA HIS D 164 18.66 33.42 4.09
C HIS D 164 18.70 34.89 3.72
N ASP D 165 18.11 35.26 2.58
CA ASP D 165 18.14 36.66 2.16
C ASP D 165 17.34 37.54 3.12
N ASN D 166 16.28 37.02 3.72
CA ASN D 166 15.44 37.86 4.56
C ASN D 166 15.82 37.82 6.04
N PHE D 167 16.32 36.70 6.55
CA PHE D 167 16.55 36.55 7.98
C PHE D 167 17.91 35.99 8.36
N GLY D 168 18.73 35.53 7.42
CA GLY D 168 20.05 35.06 7.77
C GLY D 168 20.12 33.73 8.50
N ILE D 169 19.92 32.63 7.78
CA ILE D 169 20.05 31.30 8.36
C ILE D 169 21.43 31.13 8.98
N VAL D 170 21.46 30.65 10.22
CA VAL D 170 22.71 30.39 10.91
C VAL D 170 23.14 28.93 10.75
N GLU D 171 22.20 28.00 10.86
CA GLU D 171 22.45 26.59 10.64
C GLU D 171 21.11 25.86 10.62
N GLY D 172 21.03 24.81 9.83
CA GLY D 172 19.79 24.08 9.68
C GLY D 172 20.01 22.63 9.36
N LEU D 173 19.05 21.79 9.74
CA LEU D 173 19.06 20.36 9.46
C LEU D 173 17.76 20.01 8.75
N MET D 174 17.85 19.24 7.67
CA MET D 174 16.72 18.94 6.82
C MET D 174 16.37 17.45 6.88
N THR D 175 15.08 17.16 6.87
CA THR D 175 14.57 15.79 6.73
C THR D 175 13.53 15.79 5.62
N THR D 176 13.64 14.83 4.71
CA THR D 176 12.70 14.68 3.61
C THR D 176 12.02 13.32 3.68
N VAL D 177 10.69 13.32 3.61
CA VAL D 177 9.91 12.10 3.50
C VAL D 177 9.69 11.85 2.01
N HIS D 178 10.35 10.83 1.47
CA HIS D 178 10.46 10.63 0.03
C HIS D 178 9.65 9.43 -0.42
N ALA D 179 9.06 9.54 -1.61
CA ALA D 179 8.34 8.43 -2.21
C ALA D 179 9.33 7.38 -2.75
N ILE D 180 8.81 6.20 -3.06
CA ILE D 180 9.66 5.11 -3.53
C ILE D 180 10.16 5.41 -4.93
N THR D 181 11.33 4.86 -5.26
CA THR D 181 11.97 5.09 -6.55
C THR D 181 12.32 3.74 -7.18
N ALA D 182 12.89 3.80 -8.38
CA ALA D 182 13.21 2.59 -9.13
C ALA D 182 14.35 1.79 -8.52
N THR D 183 15.19 2.42 -7.70
CA THR D 183 16.31 1.71 -7.09
C THR D 183 15.89 0.79 -5.96
N GLN D 184 14.66 0.88 -5.48
CA GLN D 184 14.19 0.06 -4.38
C GLN D 184 13.66 -1.27 -4.92
N LYS D 185 13.23 -2.13 -4.00
CA LYS D 185 12.83 -3.49 -4.35
C LYS D 185 11.49 -3.84 -3.71
N THR D 186 10.68 -4.60 -4.45
CA THR D 186 9.32 -4.97 -3.97
C THR D 186 9.43 -5.82 -2.69
N VAL D 187 10.24 -6.88 -2.74
CA VAL D 187 10.38 -7.80 -1.57
C VAL D 187 11.84 -7.79 -1.09
N ASP D 188 12.09 -8.26 0.13
CA ASP D 188 13.48 -8.33 0.66
C ASP D 188 14.39 -8.94 -0.41
N GLY D 189 15.42 -8.20 -0.84
CA GLY D 189 16.32 -8.68 -1.87
C GLY D 189 17.72 -8.12 -1.71
N PRO D 190 18.67 -8.68 -2.45
CA PRO D 190 20.06 -8.25 -2.30
C PRO D 190 20.27 -6.80 -2.73
N SER D 191 21.13 -6.11 -2.00
CA SER D 191 21.49 -4.72 -2.30
C SER D 191 22.93 -4.55 -1.83
N GLY D 192 23.85 -4.40 -2.79
CA GLY D 192 25.28 -4.47 -2.55
C GLY D 192 25.83 -3.64 -1.40
N LYS D 193 25.77 -2.31 -1.53
CA LYS D 193 26.37 -1.44 -0.53
C LYS D 193 25.37 -0.99 0.52
N LEU D 194 24.19 -0.55 0.09
CA LEU D 194 23.17 -0.04 1.01
C LEU D 194 22.26 -1.20 1.40
N TRP D 195 22.55 -1.80 2.56
CA TRP D 195 21.77 -2.95 3.01
C TRP D 195 20.32 -2.58 3.28
N ARG D 196 20.10 -1.40 3.86
CA ARG D 196 18.74 -0.96 4.16
C ARG D 196 17.92 -0.79 2.89
N ASP D 197 18.55 -0.37 1.79
CA ASP D 197 17.83 -0.14 0.54
C ASP D 197 17.33 -1.43 -0.10
N GLY D 198 17.83 -2.59 0.32
CA GLY D 198 17.37 -3.85 -0.23
C GLY D 198 16.14 -4.43 0.42
N ARG D 199 15.65 -3.82 1.49
CA ARG D 199 14.48 -4.35 2.17
C ARG D 199 13.20 -3.94 1.43
N GLY D 200 12.12 -4.66 1.72
CA GLY D 200 10.86 -4.47 1.02
C GLY D 200 10.31 -3.07 1.10
N ALA D 201 10.07 -2.46 -0.07
CA ALA D 201 9.65 -1.06 -0.10
C ALA D 201 8.21 -0.89 0.33
N LEU D 202 7.37 -1.90 0.11
CA LEU D 202 5.95 -1.78 0.44
C LEU D 202 5.66 -1.92 1.93
N GLN D 203 6.60 -2.45 2.72
CA GLN D 203 6.34 -2.76 4.12
C GLN D 203 7.14 -1.91 5.10
N ASN D 204 8.09 -1.10 4.63
CA ASN D 204 8.98 -0.40 5.60
C ASN D 204 9.14 1.09 5.31
N ILE D 205 9.86 1.81 6.17
CA ILE D 205 10.14 3.26 5.97
C ILE D 205 11.59 3.41 5.50
N ILE D 206 12.43 2.39 5.73
CA ILE D 206 13.84 2.38 5.24
C ILE D 206 14.57 3.73 5.25
N PRO D 207 15.00 4.25 6.41
CA PRO D 207 15.80 5.50 6.45
C PRO D 207 16.93 5.50 5.40
N ALA D 208 17.46 6.68 5.07
CA ALA D 208 18.48 6.75 4.04
C ALA D 208 19.26 8.05 4.18
N SER D 209 20.46 8.07 3.62
CA SER D 209 21.31 9.25 3.62
C SER D 209 21.27 9.95 2.26
N THR D 210 21.46 11.26 2.28
CA THR D 210 21.38 12.06 1.06
C THR D 210 22.34 13.23 1.16
N GLY D 211 22.70 13.78 0.00
CA GLY D 211 23.60 14.92 -0.07
C GLY D 211 22.99 16.20 -0.62
N ALA D 212 21.67 16.29 -0.74
CA ALA D 212 21.04 17.48 -1.31
C ALA D 212 21.29 18.71 -0.45
N ALA D 213 21.18 18.57 0.86
CA ALA D 213 21.38 19.70 1.76
C ALA D 213 22.79 20.24 1.65
N LYS D 214 23.79 19.35 1.55
CA LYS D 214 25.16 19.79 1.34
C LYS D 214 25.32 20.46 -0.02
N ALA D 215 24.65 19.93 -1.05
CA ALA D 215 24.75 20.52 -2.38
C ALA D 215 24.15 21.92 -2.44
N VAL D 216 23.21 22.21 -1.54
CA VAL D 216 22.69 23.58 -1.45
C VAL D 216 23.81 24.57 -1.15
N GLY D 217 24.81 24.14 -0.38
CA GLY D 217 25.97 25.00 -0.14
C GLY D 217 26.73 25.30 -1.41
N LYS D 218 26.85 24.31 -2.30
CA LYS D 218 27.47 24.56 -3.60
C LYS D 218 26.63 25.54 -4.42
N VAL D 219 25.31 25.39 -4.39
CA VAL D 219 24.46 26.29 -5.15
C VAL D 219 24.45 27.69 -4.54
N ILE D 220 24.40 27.78 -3.22
CA ILE D 220 24.44 29.05 -2.50
C ILE D 220 25.71 29.08 -1.68
N PRO D 221 26.75 29.79 -2.13
CA PRO D 221 28.05 29.75 -1.46
C PRO D 221 28.03 30.23 -0.01
N GLU D 222 27.17 31.19 0.33
CA GLU D 222 27.14 31.70 1.70
C GLU D 222 26.65 30.67 2.71
N LEU D 223 25.97 29.61 2.25
CA LEU D 223 25.44 28.58 3.13
C LEU D 223 26.34 27.36 3.20
N ASN D 224 27.58 27.46 2.71
CA ASN D 224 28.49 26.33 2.73
C ASN D 224 28.79 25.90 4.16
N GLY D 225 28.63 24.61 4.44
CA GLY D 225 28.91 24.09 5.76
C GLY D 225 27.87 24.38 6.81
N LYS D 226 26.69 24.87 6.43
CA LYS D 226 25.64 25.22 7.38
C LYS D 226 24.39 24.37 7.24
N LEU D 227 24.38 23.40 6.33
CA LEU D 227 23.20 22.57 6.11
C LEU D 227 23.62 21.11 5.95
N THR D 228 22.68 20.22 6.29
CA THR D 228 22.84 18.78 6.10
C THR D 228 21.55 18.13 6.56
N GLY D 229 21.40 16.84 6.26
CA GLY D 229 20.20 16.14 6.64
C GLY D 229 20.19 14.71 6.14
N MET D 230 19.02 14.08 6.27
CA MET D 230 18.81 12.70 5.87
C MET D 230 17.40 12.56 5.31
N ALA D 231 17.01 11.33 4.99
CA ALA D 231 15.74 11.08 4.33
C ALA D 231 15.09 9.81 4.87
N PHE D 232 13.76 9.74 4.71
CA PHE D 232 12.97 8.55 4.98
C PHE D 232 12.21 8.19 3.71
N ARG D 233 12.26 6.93 3.32
CA ARG D 233 11.58 6.46 2.12
C ARG D 233 10.28 5.76 2.50
N VAL D 234 9.14 6.37 2.15
CA VAL D 234 7.83 5.80 2.56
C VAL D 234 7.17 5.13 1.36
N PRO D 235 6.22 4.19 1.55
CA PRO D 235 5.61 3.47 0.43
C PRO D 235 4.55 4.31 -0.30
N THR D 236 4.98 5.44 -0.89
CA THR D 236 4.05 6.29 -1.67
C THR D 236 4.51 6.32 -3.13
N ALA D 237 3.59 6.50 -4.07
CA ALA D 237 3.93 6.49 -5.51
C ALA D 237 4.98 7.54 -5.88
N ASN D 238 4.67 8.84 -5.77
CA ASN D 238 5.64 9.86 -6.24
C ASN D 238 5.75 11.07 -5.30
N VAL D 239 4.67 11.83 -5.09
CA VAL D 239 4.78 13.10 -4.30
C VAL D 239 5.70 12.94 -3.08
N SER D 240 6.59 13.91 -2.85
CA SER D 240 7.50 13.89 -1.67
C SER D 240 7.43 15.23 -0.95
N VAL D 241 8.05 15.34 0.24
CA VAL D 241 7.95 16.61 1.03
C VAL D 241 9.31 16.92 1.69
N VAL D 242 9.55 18.17 2.07
CA VAL D 242 10.83 18.58 2.72
C VAL D 242 10.51 19.22 4.08
N ASP D 243 11.33 18.93 5.10
CA ASP D 243 11.12 19.48 6.43
C ASP D 243 12.44 20.07 6.91
N LEU D 244 12.49 21.40 7.03
CA LEU D 244 13.72 22.13 7.32
C LEU D 244 13.61 22.79 8.69
N THR D 245 14.57 22.49 9.56
CA THR D 245 14.68 23.08 10.88
C THR D 245 15.94 23.94 10.92
N CYS D 246 15.74 25.23 11.19
CA CYS D 246 16.86 26.15 11.18
C CYS D 246 16.79 27.24 12.21
N ARG D 247 17.94 27.80 12.53
CA ARG D 247 18.05 28.89 13.49
C ARG D 247 18.34 30.18 12.72
N LEU D 248 17.58 31.23 13.04
CA LEU D 248 17.64 32.47 12.28
C LEU D 248 18.48 33.52 13.02
N GLU D 249 19.21 34.32 12.24
CA GLU D 249 20.04 35.36 12.82
C GLU D 249 19.18 36.51 13.36
N LYS D 250 18.20 36.95 12.59
CA LYS D 250 17.32 38.04 12.99
C LYS D 250 15.99 37.49 13.47
N PRO D 251 15.31 38.22 14.37
CA PRO D 251 13.99 37.78 14.83
C PRO D 251 13.00 37.72 13.68
N ALA D 252 12.13 36.71 13.71
CA ALA D 252 11.18 36.51 12.64
C ALA D 252 9.98 35.76 13.18
N LYS D 253 8.85 36.45 13.34
CA LYS D 253 7.60 35.77 13.66
C LYS D 253 7.12 34.99 12.43
N TYR D 254 6.25 34.01 12.68
CA TYR D 254 5.79 33.15 11.60
C TYR D 254 5.02 33.94 10.54
N ASP D 255 4.30 34.99 10.96
CA ASP D 255 3.56 35.81 10.01
C ASP D 255 4.51 36.51 9.04
N ASP D 256 5.64 37.01 9.54
CA ASP D 256 6.61 37.67 8.67
C ASP D 256 7.20 36.69 7.66
N ILE D 257 7.50 35.46 8.11
CA ILE D 257 8.01 34.44 7.20
C ILE D 257 6.99 34.14 6.11
N LYS D 258 5.71 34.01 6.50
CA LYS D 258 4.66 33.76 5.53
C LYS D 258 4.57 34.90 4.52
N LYS D 259 4.64 36.15 5.00
CA LYS D 259 4.53 37.29 4.12
C LYS D 259 5.67 37.32 3.10
N VAL D 260 6.92 37.10 3.58
CA VAL D 260 8.05 37.17 2.67
C VAL D 260 8.00 36.03 1.67
N VAL D 261 7.61 34.83 2.11
CA VAL D 261 7.53 33.69 1.19
C VAL D 261 6.47 33.94 0.13
N LYS D 262 5.31 34.46 0.52
CA LYS D 262 4.26 34.75 -0.44
C LYS D 262 4.70 35.82 -1.45
N GLN D 263 5.36 36.87 -0.96
CA GLN D 263 5.86 37.91 -1.86
C GLN D 263 6.87 37.36 -2.83
N ALA D 264 7.78 36.49 -2.36
CA ALA D 264 8.75 35.88 -3.26
C ALA D 264 8.07 35.01 -4.31
N SER D 265 7.08 34.21 -3.88
CA SER D 265 6.39 33.32 -4.82
C SER D 265 5.56 34.10 -5.83
N GLU D 266 5.19 35.34 -5.52
CA GLU D 266 4.40 36.10 -6.49
C GLU D 266 5.27 36.64 -7.63
N GLY D 267 6.20 37.52 -7.32
CA GLY D 267 6.96 38.19 -8.34
C GLY D 267 8.18 37.45 -8.87
N PRO D 268 9.22 37.31 -8.05
CA PRO D 268 10.51 36.84 -8.59
C PRO D 268 10.55 35.36 -8.89
N LEU D 269 10.04 34.52 -8.00
CA LEU D 269 10.11 33.06 -8.16
C LEU D 269 8.81 32.48 -8.68
N LYS D 270 8.08 33.23 -9.50
CA LYS D 270 6.81 32.76 -10.04
C LYS D 270 7.03 31.52 -10.89
N GLY D 271 6.24 30.48 -10.63
CA GLY D 271 6.37 29.22 -11.32
C GLY D 271 7.42 28.29 -10.77
N ILE D 272 8.30 28.77 -9.90
CA ILE D 272 9.33 27.95 -9.28
C ILE D 272 8.99 27.61 -7.84
N LEU D 273 8.63 28.63 -7.05
CA LEU D 273 8.26 28.44 -5.65
C LEU D 273 6.79 28.80 -5.49
N GLY D 274 6.01 27.86 -4.95
CA GLY D 274 4.60 28.08 -4.74
C GLY D 274 4.28 28.46 -3.30
N TYR D 275 3.01 28.76 -3.07
CA TYR D 275 2.54 29.16 -1.75
C TYR D 275 1.08 28.76 -1.61
N THR D 276 0.73 28.15 -0.48
CA THR D 276 -0.64 27.73 -0.24
C THR D 276 -0.96 27.82 1.23
N GLU D 277 -2.22 28.14 1.53
CA GLU D 277 -2.73 28.16 2.90
C GLU D 277 -3.85 27.16 3.12
N HIS D 278 -4.13 26.31 2.13
CA HIS D 278 -5.20 25.34 2.23
C HIS D 278 -4.74 24.08 2.97
N GLN D 279 -5.70 23.23 3.31
CA GLN D 279 -5.41 21.97 4.01
C GLN D 279 -5.10 20.88 2.99
N VAL D 280 -3.92 20.98 2.40
CA VAL D 280 -3.51 20.10 1.32
C VAL D 280 -2.88 18.84 1.88
N VAL D 281 -2.86 17.80 1.05
CA VAL D 281 -2.15 16.55 1.32
C VAL D 281 -1.27 16.24 0.11
N SER D 282 -0.56 15.11 0.18
CA SER D 282 0.47 14.82 -0.81
C SER D 282 -0.12 14.66 -2.21
N SER D 283 -1.28 14.01 -2.33
CA SER D 283 -1.85 13.76 -3.66
C SER D 283 -2.30 15.03 -4.36
N ASP D 284 -2.45 16.14 -3.63
CA ASP D 284 -2.85 17.40 -4.23
C ASP D 284 -1.76 18.00 -5.12
N PHE D 285 -0.53 17.48 -5.05
CA PHE D 285 0.57 18.00 -5.84
C PHE D 285 1.02 17.04 -6.94
N ASN D 286 0.16 16.11 -7.33
CA ASN D 286 0.51 15.20 -8.41
C ASN D 286 0.46 15.93 -9.74
N SER D 287 1.54 15.83 -10.51
CA SER D 287 1.70 16.51 -11.79
C SER D 287 1.85 18.02 -11.63
N ASP D 288 2.24 18.50 -10.46
CA ASP D 288 2.51 19.92 -10.25
C ASP D 288 3.91 20.26 -10.73
N THR D 289 4.04 21.36 -11.46
CA THR D 289 5.30 21.73 -12.10
C THR D 289 6.19 22.62 -11.23
N HIS D 290 5.75 22.98 -10.02
CA HIS D 290 6.56 23.80 -9.14
C HIS D 290 7.75 23.00 -8.59
N SER D 291 8.85 23.70 -8.36
CA SER D 291 9.99 23.07 -7.68
C SER D 291 9.69 22.82 -6.22
N SER D 292 8.99 23.75 -5.56
CA SER D 292 8.62 23.58 -4.16
C SER D 292 7.42 24.46 -3.87
N THR D 293 6.56 23.97 -2.98
CA THR D 293 5.37 24.70 -2.55
C THR D 293 5.40 24.81 -1.03
N PHE D 294 5.38 26.05 -0.54
CA PHE D 294 5.43 26.29 0.90
C PHE D 294 4.08 26.03 1.54
N ASP D 295 4.06 25.19 2.57
CA ASP D 295 2.84 24.84 3.30
C ASP D 295 2.79 25.70 4.56
N ALA D 296 2.00 26.78 4.50
CA ALA D 296 1.96 27.73 5.60
C ALA D 296 1.40 27.10 6.87
N GLY D 297 0.33 26.30 6.75
CA GLY D 297 -0.34 25.77 7.91
C GLY D 297 0.36 24.61 8.59
N ALA D 298 1.29 23.95 7.90
CA ALA D 298 1.94 22.76 8.45
C ALA D 298 3.16 23.08 9.31
N GLY D 299 3.79 24.23 9.12
CA GLY D 299 4.97 24.57 9.89
C GLY D 299 4.67 24.99 11.31
N ILE D 300 5.73 25.10 12.11
CA ILE D 300 5.63 25.46 13.51
C ILE D 300 6.92 26.15 13.93
N ALA D 301 6.80 27.10 14.86
CA ALA D 301 7.94 27.85 15.36
C ALA D 301 7.99 27.77 16.87
N LEU D 302 9.14 27.37 17.42
CA LEU D 302 9.31 27.35 18.87
C LEU D 302 9.40 28.77 19.42
N ASN D 303 10.23 29.61 18.82
CA ASN D 303 10.36 31.01 19.21
C ASN D 303 10.74 31.80 17.97
N ASP D 304 11.22 33.03 18.18
CA ASP D 304 11.54 33.92 17.07
C ASP D 304 12.83 33.56 16.35
N HIS D 305 13.60 32.60 16.87
CA HIS D 305 14.88 32.24 16.26
C HIS D 305 14.98 30.75 15.93
N PHE D 306 13.89 30.00 16.06
CA PHE D 306 13.94 28.55 15.87
C PHE D 306 12.61 28.10 15.26
N VAL D 307 12.63 27.75 13.98
CA VAL D 307 11.40 27.45 13.24
C VAL D 307 11.58 26.18 12.43
N LYS D 308 10.45 25.59 12.04
CA LYS D 308 10.42 24.41 11.18
C LYS D 308 9.48 24.69 10.02
N LEU D 309 9.98 24.55 8.79
CA LEU D 309 9.24 24.89 7.58
C LEU D 309 9.01 23.65 6.72
N ILE D 310 7.87 23.61 6.04
CA ILE D 310 7.44 22.45 5.28
C ILE D 310 7.21 22.88 3.82
N SER D 311 7.70 22.08 2.89
CA SER D 311 7.53 22.35 1.47
C SER D 311 7.31 21.04 0.71
N TRP D 312 6.37 21.06 -0.23
CA TRP D 312 6.02 19.90 -1.03
C TRP D 312 6.69 19.99 -2.40
N TYR D 313 6.94 18.83 -3.00
CA TYR D 313 7.47 18.81 -4.35
C TYR D 313 7.17 17.48 -5.03
N ASP D 314 6.71 17.55 -6.28
CA ASP D 314 6.61 16.39 -7.14
C ASP D 314 8.00 16.10 -7.69
N ASN D 315 8.63 15.03 -7.19
CA ASN D 315 10.01 14.75 -7.57
C ASN D 315 10.16 14.23 -8.99
N GLU D 316 9.06 13.98 -9.70
CA GLU D 316 9.13 13.55 -11.10
C GLU D 316 8.89 14.70 -12.07
N PHE D 317 7.75 15.37 -11.97
CA PHE D 317 7.39 16.39 -12.96
C PHE D 317 8.20 17.67 -12.78
N GLY D 318 8.39 18.10 -11.53
CA GLY D 318 9.05 19.36 -11.28
C GLY D 318 10.49 19.38 -11.77
N TYR D 319 11.23 18.30 -11.51
CA TYR D 319 12.62 18.23 -11.95
C TYR D 319 12.73 18.21 -13.47
N SER D 320 11.85 17.47 -14.14
CA SER D 320 11.87 17.42 -15.60
C SER D 320 11.57 18.79 -16.20
N ASN D 321 10.58 19.49 -15.64
CA ASN D 321 10.28 20.83 -16.13
C ASN D 321 11.44 21.78 -15.87
N ARG D 322 12.12 21.62 -14.74
CA ARG D 322 13.30 22.44 -14.47
C ARG D 322 14.41 22.17 -15.47
N VAL D 323 14.60 20.91 -15.86
CA VAL D 323 15.61 20.56 -16.86
C VAL D 323 15.29 21.25 -18.18
N VAL D 324 14.02 21.20 -18.59
CA VAL D 324 13.62 21.85 -19.83
C VAL D 324 13.83 23.37 -19.74
N ASP D 325 13.48 23.97 -18.60
CA ASP D 325 13.66 25.40 -18.43
C ASP D 325 15.13 25.80 -18.50
N LEU D 326 16.00 24.99 -17.87
CA LEU D 326 17.43 25.27 -17.92
C LEU D 326 17.94 25.21 -19.35
N MET D 327 17.50 24.19 -20.11
CA MET D 327 17.94 24.11 -21.50
C MET D 327 17.45 25.30 -22.32
N ALA D 328 16.23 25.75 -22.07
CA ALA D 328 15.71 26.92 -22.78
C ALA D 328 16.52 28.17 -22.44
N HIS D 329 16.87 28.35 -21.17
CA HIS D 329 17.68 29.50 -20.78
C HIS D 329 19.07 29.44 -21.42
N MET D 330 19.65 28.24 -21.46
CA MET D 330 20.95 28.06 -22.11
C MET D 330 20.88 28.43 -23.58
N ALA D 331 19.81 28.00 -24.26
CA ALA D 331 19.64 28.35 -25.67
C ALA D 331 19.50 29.85 -25.85
N SER D 332 18.74 30.50 -24.98
CA SER D 332 18.60 31.96 -25.06
C SER D 332 19.93 32.66 -24.82
N LYS D 333 20.79 32.09 -23.99
CA LYS D 333 22.08 32.71 -23.69
C LYS D 333 23.07 32.60 -24.86
N GLU D 334 22.76 31.83 -25.89
CA GLU D 334 23.68 31.62 -27.00
C GLU D 334 23.97 32.92 -27.75
#